data_9G8R
#
_entry.id   9G8R
#
_cell.length_a   1.00
_cell.length_b   1.00
_cell.length_c   1.00
_cell.angle_alpha   90.00
_cell.angle_beta   90.00
_cell.angle_gamma   90.00
#
_symmetry.space_group_name_H-M   'P 1'
#
loop_
_entity.id
_entity.type
_entity.pdbx_description
1 polymer 'Superkiller complex protein 3'
2 polymer 'WD repeat-containing protein 61'
3 polymer 'Isoform 2 of HBS1-like protein'
4 polymer 'Superkiller complex protein 2'
#
loop_
_entity_poly.entity_id
_entity_poly.type
_entity_poly.pdbx_seq_one_letter_code
_entity_poly.pdbx_strand_id
1 'polypeptide(L)'
;GPDSMSSKEVKTALKSARDAIRNKEYKEALKHCKTVLKQEKNNYNAWVFIGVAAAELEQPDQAQSAYKKAAELEPDQLLA
WQGLANLYEKYNHINAKDDLPGVYQKLLDLYESVDKQKWCDVCKKLVDLYYQEKKHLEVARTWHKLIKTRQEQGAENEEL
HQLWRKLTQFLAESTEDQNNETQQLLFTAFENALGLSDKIPSEDHQVLYRHFIQSLSKFPHESARLKKACEGMINIYPTV
QYPLEVLCLHLIESGNLTDEGQQYCCRLVEMDSKSGPGLIGLGIKALQDKKYEDAVRNLTEGLKESPVCTSGWYHLAEAQ
VKMHRPKEAVLSCSQALKIVDNLGASGNSLYQRNLCLHLKAEALIKLSDYDSSEEAIRTLDQISDADNIPGLLVLKSLAY
RNKGSFDEAAKIMEDLLSSYPDLAEVHALEALIHFTKKDYLQAEKCFQRALEKDTEVAEYHYQLGLTYWFMGEETRKDKT
KALTHFLKAARLDTYMGKVFCYLGHYYRDVVGDKNRARGCYRKAFELDDTDAESGAAAVDLSVELEDMEMALAILTTVTQ
KASAGTAKWAWLRRGLYYLKAGQHSQAVADLQAALRADPKDFNCWESLGEAYLSRGGYTTALKSFTKASELNPESIYSVF
KVAAIQQILGKYKEAVAQYQMIIKKKEDYVPALKGLGECHLMMAKAALVDYLDGKAVDYIEKALEYFTCALQHRADVSCL
WKLAGDACTCLYAVAPSKVNVHVLGVLLGQKEGKQVLKKNELLHLGGRCYGRALKLMSTSNTWCDLGINYYRQAQHLAET
GSNMNDLKELLEKSLHCLKKAVRLDSNNHLYWNALGVVACYSGIGNYALAQHCFIKSIQSEQINAVAWTNLGVLYLTNEN
IEQAHEAFKMAQSLDPSYLMCWIGQALIAEAVGSYDTMDLFRHTTELNMHTEGALGYAYWVCTTLQDKSNRETELYQYNI
LQMNAIPAAQVILNKYVERIQNYAPAFTMLGYLNEHLQLKKEAANAYQRAILLLQTAEDQDTYNVAIRNYGRLLCSTGEY
DKAIQAFKSTPLEVLEDIIGFALALFMKGLYKESSKAYERALSIVESEQDKAHILTALAITEYKQGKTDVAKTLLFKCSI
LKEPTTESLQALCALGLAMQDATLSKAALNELLKHIKHKDSNYQRCLLTSAIYALQGRSVAVQKQISKAVHSNPGDPALW
SLLSRVVAQYAQRNAKGGVVAGNVAHILDSNHGKKALLYTAVNQLAMGSSSAEDEKNTALKTIQKAALLSPGDPAIWAGL
MAACHADDKLALVNNTQPKRIDLYLALLSAVSASIKDEKFFENYNQSLEKWSLSQAVTGLIDTGRISEAETLCTKNLKSN
PDQPAVILLLRQVQCKPLLESQKPLPDAVLEELQKTVMSNSTSVPAWQWLAHVYQSQGMMRAAEMCYRKSLQLASQRGSW
SGKLSSLLRLALLALKVCMANISNDHWPSLVQEATTEALKLCFCPLAVLLQALLQFKRKMGARETRRLLERVVYQPGYPK
SIASTARWYLLRHLYAKDDYELIDVLVNNAKTHGDTRALELNQRLSSQ
;
B
2 'polypeptide(L)'
;MTNQYGILFKQEQAHDDAIWSVAWGTNKKENSETVVTGSLDDLVKVWKWRDERLDLQWSLEGHQLGVVSVDISHTLPIAA
SSSLDAHIRLWDLENGKQIKSIDAGPVDAWTLAFSPDSQYLATGTHVGKVNIFGVESGKKEYSLDTRGKFILSIAYSPDG
KYLASGAIDGIINIFDIATGKLLHTLEGHAMPIRSLTFSPDSQLLVTASDDGYIKIYDVQHANLAGTLSGHASWVLNVAF
CPDDTHFVSSSSDKSVKVWDVGTRTCVHTFFDHQDQVWGVKYNGNGSKIVSVGDDQEIHIYDCPI
;
C,D
3 'polypeptide(L)'
;GPDSESPSLTELFQEHKENNISQCFTLSDLCNQSSASFTDLSLGSFPLSQLANRCQSSPGISELTGSLSSLAFHKASPTR
DLENLSLSELIAETIDVDNSQIKKESFEVSLSEVRSPGIDSNIDLSVLIKNPDFVPKPVVDPSIAPSSRTKVLSSKLGKN
SNFAKDNKKNNKGSLTRKP
;
E
4 'polypeptide(L)'
;MMETERLVLPPPDPLDLPLRAVELGCTGHWELLNLPGAPESSLPHGLPPCAPDLQQEAEQLFLSSPAWLPLHGVEHSARK
WQRKTDPWSLLAVLGAPVPSDLQAQRHPTTGQILGYKEVLLENTNLSATTSLSLRRPPGPASQSLWGNPTQYPFWPGGMD
EPTITDLNTREEAEEEIDFEKDLLTIPPGFKKGMDFAPKDCPTPAPGLLSLSCMLEPLDLGGGDEDENEAVGQPGGPRGD
TVSASPCSAPLARASSLEDLVLKEASTAVSTPEAPEPPSQEQWAIPVDATSPVGDFYRLIPQPAFQWAFEPDVFQKQAIL
HLERHDSVFVAAHTSAGKTVVAEYAIALAQKHMTRTIYTSPIKALSNQKFRDFRNTFGDVGLLTGDVQLHPEASCLIMTT
EILRSMLYSGSDVIRDLEWVIFDEVHYINDVERGVVWEEVLIMLPDHVSIILLSATVPNALEFADWIGRLKRRQIYVIST
VTRPVPLEHYLFTGNSSKTQGELFLLLDSRGAFHTKGYYAAVEAKKERMSKHAQTFGAKQPTHQGGPAQDRGVYLSLLAS
LRTRAQLPVVVFTFSRGRCDEQASGLTSLDLTTSSEKSEIHLFLQRCLARLRGSDRQLPQVLHMSELLNRGLGVHHSGIL
PILKEIVEMLFSRGLVKVLFATETFAMGVNMPARTVVFDSMRKHDGSTFRDLLPGEYVQMAGRAGRRGLDPTGTVILLCK
GRVPEMADLHRMMMGKPSQLQSQFRLTYTMILNLLRVDALRVEDMMKRSFSEFPGSRGLLLLPEYHQRVEVLRTLGYVDE
AGTVKLAGRVACAMSSHELLLTELMFDNALSTLRPEEIAALLSGLVCQSPGDAGDQLPNTLKQGIERVRAVAKRIGEVQV
ACGLNQTVEEFVGELNFGLVEVVYEWARGMPFSELAGLSGTPEGLVVRCIQRLAEMCRSLRGAARLVGEPVLGAKMETAA
TLLRRDIVFAASLYTQ
;
A
#
# COMPACT_ATOMS: atom_id res chain seq x y z
N GLU A 456 37.21 -61.61 -82.54
CA GLU A 456 37.24 -62.26 -81.23
C GLU A 456 37.87 -61.35 -80.19
N VAL A 457 37.91 -60.05 -80.49
CA VAL A 457 38.39 -59.04 -79.56
C VAL A 457 37.22 -58.63 -78.68
N ALA A 458 37.29 -58.95 -77.39
CA ALA A 458 36.21 -58.61 -76.46
C ALA A 458 35.96 -57.11 -76.40
N GLU A 459 37.02 -56.29 -76.44
CA GLU A 459 36.84 -54.85 -76.33
C GLU A 459 36.07 -54.27 -77.52
N TYR A 460 36.33 -54.77 -78.72
CA TYR A 460 35.61 -54.29 -79.91
C TYR A 460 34.14 -54.68 -79.85
N HIS A 461 33.84 -55.91 -79.41
CA HIS A 461 32.46 -56.34 -79.23
C HIS A 461 31.76 -55.50 -78.17
N TYR A 462 32.48 -55.20 -77.09
CA TYR A 462 31.97 -54.31 -76.05
C TYR A 462 31.62 -52.94 -76.61
N GLN A 463 32.53 -52.35 -77.38
CA GLN A 463 32.30 -51.02 -77.92
C GLN A 463 31.18 -50.98 -78.95
N LEU A 464 31.03 -52.04 -79.76
CA LEU A 464 29.87 -52.12 -80.65
C LEU A 464 28.57 -52.28 -79.87
N GLY A 465 28.58 -53.06 -78.78
CA GLY A 465 27.43 -53.11 -77.91
C GLY A 465 27.07 -51.76 -77.32
N LEU A 466 28.07 -51.00 -76.90
CA LEU A 466 27.83 -49.63 -76.43
C LEU A 466 27.27 -48.75 -77.54
N THR A 467 27.81 -48.87 -78.75
CA THR A 467 27.29 -48.12 -79.89
C THR A 467 25.81 -48.37 -80.09
N TYR A 468 25.41 -49.65 -80.13
CA TYR A 468 23.98 -49.96 -80.25
C TYR A 468 23.18 -49.50 -79.03
N TRP A 469 23.76 -49.52 -77.83
CA TRP A 469 23.06 -49.02 -76.65
C TRP A 469 22.79 -47.52 -76.74
N PHE A 470 23.74 -46.76 -77.27
CA PHE A 470 23.62 -45.31 -77.36
C PHE A 470 22.92 -44.83 -78.62
N MET A 471 22.78 -45.69 -79.64
CA MET A 471 22.04 -45.28 -80.84
C MET A 471 20.60 -44.91 -80.53
N GLY A 472 20.00 -45.50 -79.51
CA GLY A 472 18.66 -45.13 -79.13
C GLY A 472 17.89 -46.28 -78.52
N GLU A 473 16.64 -46.00 -78.17
CA GLU A 473 15.77 -46.97 -77.54
C GLU A 473 15.39 -48.09 -78.50
N GLU A 474 15.22 -47.78 -79.79
CA GLU A 474 14.88 -48.81 -80.77
C GLU A 474 15.98 -49.86 -80.89
N THR A 475 17.24 -49.43 -80.94
CA THR A 475 18.35 -50.38 -81.02
C THR A 475 18.54 -51.13 -79.71
N ARG A 476 18.14 -50.53 -78.59
CA ARG A 476 18.10 -51.27 -77.33
C ARG A 476 17.01 -52.33 -77.35
N LYS A 477 15.85 -52.02 -77.95
CA LYS A 477 14.76 -52.98 -77.98
C LYS A 477 15.03 -54.13 -78.94
N ASP A 478 15.78 -53.91 -80.01
CA ASP A 478 16.11 -55.02 -80.89
C ASP A 478 17.03 -55.97 -80.12
N LYS A 479 16.48 -57.13 -79.75
CA LYS A 479 17.22 -58.14 -79.00
C LYS A 479 18.45 -58.67 -79.76
N THR A 480 18.40 -58.68 -81.09
CA THR A 480 19.51 -59.29 -81.83
C THR A 480 20.80 -58.50 -81.85
N LYS A 481 20.83 -57.20 -81.54
CA LYS A 481 22.12 -56.53 -81.61
C LYS A 481 22.78 -56.36 -80.24
N ALA A 482 22.10 -55.68 -79.31
CA ALA A 482 22.73 -55.34 -78.04
C ALA A 482 23.09 -56.59 -77.25
N LEU A 483 22.11 -57.48 -77.09
CA LEU A 483 22.28 -58.72 -76.34
C LEU A 483 23.31 -59.63 -76.96
N THR A 484 23.22 -59.86 -78.26
CA THR A 484 24.14 -60.79 -78.92
C THR A 484 25.59 -60.35 -78.75
N HIS A 485 25.85 -59.05 -78.90
CA HIS A 485 27.22 -58.55 -78.77
C HIS A 485 27.70 -58.56 -77.33
N PHE A 486 26.84 -58.16 -76.38
CA PHE A 486 27.23 -58.25 -74.98
C PHE A 486 27.47 -59.69 -74.51
N LEU A 487 26.62 -60.64 -74.92
CA LEU A 487 26.84 -62.02 -74.53
C LEU A 487 28.08 -62.63 -75.16
N LYS A 488 28.35 -62.35 -76.44
CA LYS A 488 29.59 -62.88 -77.01
C LYS A 488 30.82 -62.25 -76.38
N ALA A 489 30.81 -60.94 -76.13
CA ALA A 489 31.91 -60.33 -75.40
C ALA A 489 32.10 -60.96 -74.02
N ALA A 490 31.00 -61.13 -73.27
CA ALA A 490 31.09 -61.74 -71.95
C ALA A 490 31.54 -63.19 -72.00
N ARG A 491 31.32 -63.87 -73.12
CA ARG A 491 31.80 -65.24 -73.29
C ARG A 491 33.29 -65.26 -73.64
N LEU A 492 33.74 -64.31 -74.45
CA LEU A 492 35.15 -64.25 -74.83
C LEU A 492 36.02 -63.75 -73.70
N ASP A 493 35.52 -62.83 -72.87
CA ASP A 493 36.29 -62.35 -71.72
C ASP A 493 35.32 -62.22 -70.55
N THR A 494 35.45 -63.15 -69.59
CA THR A 494 34.61 -63.23 -68.39
C THR A 494 35.01 -62.24 -67.30
N TYR A 495 36.15 -61.57 -67.41
CA TYR A 495 36.59 -60.66 -66.37
C TYR A 495 36.20 -59.20 -66.62
N MET A 496 35.66 -58.89 -67.79
CA MET A 496 35.19 -57.54 -68.11
C MET A 496 33.87 -57.28 -67.39
N GLY A 497 33.98 -56.97 -66.09
CA GLY A 497 32.80 -56.76 -65.24
C GLY A 497 31.80 -55.79 -65.84
N LYS A 498 32.31 -54.72 -66.47
CA LYS A 498 31.43 -53.73 -67.08
C LYS A 498 30.48 -54.35 -68.10
N VAL A 499 30.91 -55.39 -68.80
CA VAL A 499 30.02 -56.06 -69.75
C VAL A 499 28.85 -56.69 -69.01
N PHE A 500 29.11 -57.33 -67.86
CA PHE A 500 28.02 -57.91 -67.09
C PHE A 500 27.13 -56.84 -66.48
N CYS A 501 27.72 -55.70 -66.10
CA CYS A 501 26.94 -54.55 -65.66
C CYS A 501 25.97 -54.07 -66.74
N TYR A 502 26.46 -53.93 -67.97
CA TYR A 502 25.63 -53.49 -69.07
C TYR A 502 24.59 -54.53 -69.50
N LEU A 503 24.92 -55.82 -69.40
CA LEU A 503 23.88 -56.85 -69.52
C LEU A 503 22.83 -56.70 -68.43
N GLY A 504 23.26 -56.38 -67.22
CA GLY A 504 22.31 -56.06 -66.16
C GLY A 504 21.38 -54.91 -66.52
N HIS A 505 21.95 -53.81 -67.00
CA HIS A 505 21.13 -52.68 -67.43
C HIS A 505 20.16 -53.04 -68.55
N TYR A 506 20.62 -53.77 -69.57
CA TYR A 506 19.76 -54.18 -70.66
C TYR A 506 18.59 -55.04 -70.19
N TYR A 507 18.88 -56.08 -69.43
CA TYR A 507 17.84 -56.97 -68.90
C TYR A 507 16.96 -56.29 -67.86
N ARG A 508 17.52 -55.37 -67.07
CA ARG A 508 16.76 -54.67 -66.04
C ARG A 508 15.71 -53.77 -66.68
N ASP A 509 16.11 -52.97 -67.66
CA ASP A 509 15.24 -51.90 -68.10
C ASP A 509 14.37 -52.35 -69.26
N VAL A 510 14.83 -53.34 -70.03
CA VAL A 510 14.07 -53.88 -71.14
C VAL A 510 13.38 -55.20 -70.79
N VAL A 511 14.11 -56.15 -70.20
CA VAL A 511 13.51 -57.45 -69.91
C VAL A 511 12.80 -57.49 -68.55
N GLY A 512 13.31 -56.80 -67.52
CA GLY A 512 12.72 -56.93 -66.21
C GLY A 512 13.00 -58.16 -65.36
N ASP A 513 13.99 -59.01 -65.69
CA ASP A 513 14.28 -60.17 -64.84
C ASP A 513 15.20 -59.70 -63.71
N LYS A 514 14.56 -59.27 -62.61
CA LYS A 514 15.26 -58.73 -61.44
C LYS A 514 16.18 -59.73 -60.71
N ASN A 515 15.82 -61.02 -60.65
CA ASN A 515 16.64 -61.97 -59.88
C ASN A 515 17.97 -62.25 -60.59
N ARG A 516 17.91 -62.53 -61.88
CA ARG A 516 19.10 -62.71 -62.67
C ARG A 516 19.89 -61.40 -62.77
N ALA A 517 19.17 -60.28 -62.94
CA ALA A 517 19.83 -58.97 -62.97
C ALA A 517 20.64 -58.74 -61.70
N ARG A 518 20.03 -59.02 -60.54
CA ARG A 518 20.75 -58.92 -59.28
C ARG A 518 22.00 -59.78 -59.31
N GLY A 519 21.88 -61.02 -59.78
CA GLY A 519 23.05 -61.88 -59.86
C GLY A 519 24.14 -61.32 -60.77
N CYS A 520 23.72 -60.72 -61.89
CA CYS A 520 24.67 -60.10 -62.82
C CYS A 520 25.39 -58.91 -62.18
N TYR A 521 24.65 -58.02 -61.54
CA TYR A 521 25.28 -56.90 -60.86
C TYR A 521 26.22 -57.39 -59.76
N ARG A 522 25.82 -58.45 -59.04
CA ARG A 522 26.69 -59.03 -58.02
C ARG A 522 28.00 -59.54 -58.61
N LYS A 523 27.95 -60.28 -59.73
CA LYS A 523 29.20 -60.70 -60.37
C LYS A 523 30.02 -59.51 -60.86
N ALA A 524 29.36 -58.49 -61.41
CA ALA A 524 30.06 -57.28 -61.82
C ALA A 524 30.80 -56.63 -60.66
N PHE A 525 30.15 -56.52 -59.51
CA PHE A 525 30.79 -55.91 -58.35
C PHE A 525 31.88 -56.80 -57.76
N GLU A 526 31.72 -58.12 -57.88
CA GLU A 526 32.78 -59.05 -57.50
C GLU A 526 33.99 -58.92 -58.41
N LEU A 527 33.78 -58.57 -59.68
CA LEU A 527 34.90 -58.39 -60.60
C LEU A 527 35.53 -57.00 -60.46
N ASP A 528 34.72 -55.97 -60.21
CA ASP A 528 35.22 -54.63 -59.97
C ASP A 528 34.51 -54.06 -58.74
N ASP A 529 35.15 -54.17 -57.58
CA ASP A 529 34.60 -53.69 -56.32
C ASP A 529 34.60 -52.17 -56.19
N THR A 530 35.11 -51.46 -57.20
CA THR A 530 35.04 -50.01 -57.26
C THR A 530 33.82 -49.50 -58.02
N ASP A 531 33.10 -50.37 -58.72
CA ASP A 531 31.90 -49.97 -59.43
C ASP A 531 30.74 -49.76 -58.47
N ALA A 532 30.65 -48.56 -57.91
CA ALA A 532 29.57 -48.20 -56.99
C ALA A 532 28.20 -48.32 -57.66
N GLU A 533 28.13 -48.18 -58.98
CA GLU A 533 26.86 -48.28 -59.68
C GLU A 533 26.32 -49.71 -59.68
N SER A 534 27.16 -50.68 -60.06
CA SER A 534 26.74 -52.08 -60.03
C SER A 534 26.39 -52.51 -58.60
N GLY A 535 27.23 -52.14 -57.62
CA GLY A 535 26.95 -52.48 -56.24
C GLY A 535 25.64 -51.90 -55.75
N ALA A 536 25.41 -50.61 -56.04
CA ALA A 536 24.17 -49.95 -55.63
C ALA A 536 22.96 -50.59 -56.29
N ALA A 537 23.04 -50.88 -57.59
CA ALA A 537 21.91 -51.50 -58.28
C ALA A 537 21.63 -52.90 -57.74
N ALA A 538 22.68 -53.66 -57.42
CA ALA A 538 22.52 -54.97 -56.80
C ALA A 538 21.84 -54.86 -55.43
N VAL A 539 22.25 -53.88 -54.63
CA VAL A 539 21.63 -53.68 -53.32
C VAL A 539 20.16 -53.29 -53.48
N ASP A 540 19.89 -52.32 -54.36
CA ASP A 540 18.52 -51.86 -54.56
C ASP A 540 17.60 -52.98 -55.05
N LEU A 541 18.07 -53.78 -56.01
CA LEU A 541 17.28 -54.92 -56.45
C LEU A 541 17.14 -55.98 -55.37
N SER A 542 18.14 -56.16 -54.51
CA SER A 542 18.00 -57.09 -53.40
C SER A 542 16.93 -56.63 -52.42
N VAL A 543 16.90 -55.33 -52.14
CA VAL A 543 15.85 -54.77 -51.28
C VAL A 543 14.48 -54.91 -51.93
N GLU A 544 14.40 -54.66 -53.24
CA GLU A 544 13.15 -54.86 -53.96
C GLU A 544 12.72 -56.32 -53.98
N LEU A 545 13.68 -57.24 -53.96
CA LEU A 545 13.39 -58.67 -53.92
C LEU A 545 13.23 -59.20 -52.49
N GLU A 546 13.21 -58.31 -51.50
CA GLU A 546 13.11 -58.66 -50.07
C GLU A 546 14.26 -59.52 -49.59
N ASP A 547 15.35 -59.61 -50.36
CA ASP A 547 16.54 -60.34 -49.94
C ASP A 547 17.48 -59.43 -49.15
N MET A 548 17.09 -59.16 -47.91
CA MET A 548 17.83 -58.21 -47.07
C MET A 548 19.18 -58.75 -46.59
N GLU A 549 19.32 -60.07 -46.46
CA GLU A 549 20.60 -60.61 -46.01
C GLU A 549 21.74 -60.34 -46.99
N MET A 550 21.52 -60.59 -48.28
CA MET A 550 22.54 -60.27 -49.27
C MET A 550 22.84 -58.78 -49.33
N ALA A 551 21.80 -57.94 -49.31
CA ALA A 551 22.00 -56.50 -49.29
C ALA A 551 22.87 -56.07 -48.11
N LEU A 552 22.56 -56.57 -46.91
CA LEU A 552 23.35 -56.23 -45.73
C LEU A 552 24.78 -56.75 -45.86
N ALA A 553 24.96 -57.97 -46.37
CA ALA A 553 26.30 -58.51 -46.53
C ALA A 553 27.14 -57.63 -47.44
N ILE A 554 26.57 -57.23 -48.58
CA ILE A 554 27.26 -56.33 -49.51
C ILE A 554 27.60 -55.00 -48.82
N LEU A 555 26.60 -54.38 -48.19
CA LEU A 555 26.81 -53.09 -47.55
C LEU A 555 27.88 -53.18 -46.47
N THR A 556 27.90 -54.28 -45.72
CA THR A 556 28.89 -54.47 -44.67
C THR A 556 30.28 -54.65 -45.27
N THR A 557 30.40 -55.42 -46.35
CA THR A 557 31.69 -55.60 -47.02
C THR A 557 32.22 -54.27 -47.51
N VAL A 558 31.35 -53.45 -48.10
CA VAL A 558 31.79 -52.14 -48.60
C VAL A 558 32.23 -51.26 -47.43
N THR A 559 31.43 -51.17 -46.38
CA THR A 559 31.79 -50.24 -45.31
C THR A 559 32.98 -50.76 -44.51
N GLN A 560 33.21 -52.08 -44.51
CA GLN A 560 34.43 -52.63 -43.91
C GLN A 560 35.66 -52.29 -44.74
N LYS A 561 35.51 -52.21 -46.06
CA LYS A 561 36.66 -51.80 -46.87
C LYS A 561 36.83 -50.29 -46.91
N ALA A 562 35.75 -49.54 -46.69
CA ALA A 562 35.81 -48.08 -46.63
C ALA A 562 36.42 -47.62 -45.31
N SER A 563 37.76 -47.56 -45.24
CA SER A 563 38.41 -47.20 -43.98
C SER A 563 38.06 -45.78 -43.54
N ALA A 564 38.02 -44.84 -44.48
CA ALA A 564 37.71 -43.43 -44.15
C ALA A 564 36.77 -42.83 -45.20
N GLY A 565 35.47 -42.93 -44.96
CA GLY A 565 34.53 -42.39 -45.92
C GLY A 565 34.45 -43.18 -47.21
N THR A 566 34.09 -42.48 -48.30
CA THR A 566 33.98 -43.05 -49.64
C THR A 566 33.03 -44.22 -49.72
N ALA A 567 32.09 -44.33 -48.78
CA ALA A 567 31.03 -45.32 -48.79
C ALA A 567 29.66 -44.68 -48.57
N LYS A 568 29.44 -43.50 -49.14
CA LYS A 568 28.26 -42.71 -48.80
C LYS A 568 26.98 -43.48 -49.12
N TRP A 569 26.96 -44.15 -50.27
CA TRP A 569 25.75 -44.87 -50.65
C TRP A 569 25.43 -45.97 -49.65
N ALA A 570 26.42 -46.78 -49.27
CA ALA A 570 26.18 -47.85 -48.32
C ALA A 570 25.77 -47.34 -46.94
N TRP A 571 26.44 -46.29 -46.45
CA TRP A 571 26.03 -45.70 -45.18
C TRP A 571 24.57 -45.26 -45.23
N LEU A 572 24.18 -44.60 -46.32
CA LEU A 572 22.79 -44.14 -46.42
C LEU A 572 21.83 -45.31 -46.47
N ARG A 573 22.18 -46.37 -47.22
CA ARG A 573 21.31 -47.55 -47.27
C ARG A 573 21.09 -48.13 -45.89
N ARG A 574 22.19 -48.39 -45.17
CA ARG A 574 22.06 -49.05 -43.87
C ARG A 574 21.37 -48.14 -42.86
N GLY A 575 21.64 -46.83 -42.91
CA GLY A 575 20.98 -45.93 -41.98
C GLY A 575 19.49 -45.82 -42.23
N LEU A 576 19.07 -45.71 -43.49
CA LEU A 576 17.64 -45.65 -43.80
C LEU A 576 16.95 -46.95 -43.44
N TYR A 577 17.60 -48.10 -43.70
CA TYR A 577 17.00 -49.37 -43.34
C TYR A 577 16.81 -49.48 -41.84
N TYR A 578 17.84 -49.10 -41.06
CA TYR A 578 17.72 -49.21 -39.61
C TYR A 578 16.76 -48.19 -39.03
N LEU A 579 16.61 -47.03 -39.68
CA LEU A 579 15.57 -46.09 -39.25
C LEU A 579 14.18 -46.64 -39.52
N LYS A 580 13.99 -47.32 -40.67
CA LYS A 580 12.72 -47.97 -40.93
C LYS A 580 12.41 -49.05 -39.90
N ALA A 581 13.43 -49.82 -39.50
CA ALA A 581 13.29 -50.79 -38.43
C ALA A 581 13.42 -50.12 -37.07
N GLY A 582 13.25 -50.91 -36.01
CA GLY A 582 13.41 -50.40 -34.66
C GLY A 582 14.82 -50.58 -34.14
N GLN A 583 15.79 -49.93 -34.78
CA GLN A 583 17.22 -50.09 -34.50
C GLN A 583 17.88 -48.72 -34.42
N HIS A 584 17.24 -47.81 -33.67
CA HIS A 584 17.62 -46.41 -33.68
C HIS A 584 19.09 -46.17 -33.35
N SER A 585 19.69 -47.00 -32.49
CA SER A 585 21.10 -46.78 -32.16
C SER A 585 22.00 -47.04 -33.36
N GLN A 586 21.79 -48.18 -34.03
CA GLN A 586 22.57 -48.47 -35.23
C GLN A 586 22.35 -47.43 -36.32
N ALA A 587 21.10 -46.97 -36.47
CA ALA A 587 20.81 -45.90 -37.42
C ALA A 587 21.56 -44.64 -37.07
N VAL A 588 21.64 -44.31 -35.77
CA VAL A 588 22.37 -43.13 -35.32
C VAL A 588 23.83 -43.25 -35.71
N ALA A 589 24.43 -44.42 -35.46
CA ALA A 589 25.84 -44.64 -35.76
C ALA A 589 26.10 -44.46 -37.25
N ASP A 590 25.24 -45.08 -38.07
CA ASP A 590 25.43 -44.99 -39.51
C ASP A 590 25.29 -43.55 -39.95
N LEU A 591 24.36 -42.81 -39.35
CA LEU A 591 24.18 -41.41 -39.71
C LEU A 591 25.40 -40.56 -39.36
N GLN A 592 26.04 -40.77 -38.19
CA GLN A 592 27.26 -40.00 -37.97
C GLN A 592 28.33 -40.36 -38.98
N ALA A 593 28.48 -41.64 -39.31
CA ALA A 593 29.49 -41.99 -40.30
C ALA A 593 29.19 -41.35 -41.66
N ALA A 594 27.92 -41.40 -42.08
CA ALA A 594 27.55 -40.79 -43.35
C ALA A 594 27.78 -39.28 -43.30
N LEU A 595 27.46 -38.65 -42.18
CA LEU A 595 27.70 -37.22 -42.06
C LEU A 595 29.19 -36.90 -42.15
N ARG A 596 30.05 -37.71 -41.53
CA ARG A 596 31.48 -37.41 -41.64
C ARG A 596 32.08 -37.91 -42.94
N ALA A 597 31.23 -38.44 -43.83
CA ALA A 597 31.74 -39.00 -45.09
C ALA A 597 32.44 -37.93 -45.91
N ASP A 598 31.86 -36.71 -45.93
CA ASP A 598 32.21 -35.44 -46.58
C ASP A 598 30.98 -34.67 -47.04
N PRO A 599 29.90 -35.30 -47.52
CA PRO A 599 28.73 -34.52 -47.95
C PRO A 599 28.08 -33.78 -46.78
N LYS A 600 27.69 -32.53 -47.05
CA LYS A 600 27.05 -31.67 -46.07
C LYS A 600 25.57 -31.45 -46.38
N ASP A 601 24.98 -32.27 -47.25
CA ASP A 601 23.57 -32.10 -47.59
C ASP A 601 22.67 -32.27 -46.37
N PHE A 602 21.55 -31.55 -46.41
CA PHE A 602 20.57 -31.58 -45.31
C PHE A 602 20.00 -32.96 -45.08
N ASN A 603 19.70 -33.71 -46.16
CA ASN A 603 19.05 -35.01 -46.05
C ASN A 603 19.73 -35.96 -45.07
N CYS A 604 21.01 -35.73 -44.74
CA CYS A 604 21.67 -36.49 -43.69
C CYS A 604 21.54 -35.84 -42.32
N TRP A 605 21.62 -34.50 -42.27
CA TRP A 605 21.44 -33.76 -41.02
C TRP A 605 20.05 -33.98 -40.42
N GLU A 606 19.03 -33.96 -41.27
CA GLU A 606 17.66 -34.17 -40.81
C GLU A 606 17.45 -35.59 -40.30
N SER A 607 18.04 -36.59 -40.98
CA SER A 607 17.97 -37.96 -40.50
C SER A 607 18.62 -38.08 -39.12
N LEU A 608 19.80 -37.48 -38.95
CA LEU A 608 20.46 -37.52 -37.65
C LEU A 608 19.60 -36.86 -36.58
N GLY A 609 19.01 -35.71 -36.90
CA GLY A 609 18.17 -35.03 -35.92
C GLY A 609 16.94 -35.83 -35.55
N GLU A 610 16.31 -36.46 -36.54
CA GLU A 610 15.13 -37.27 -36.27
C GLU A 610 15.48 -38.47 -35.41
N ALA A 611 16.61 -39.14 -35.70
CA ALA A 611 17.00 -40.26 -34.86
C ALA A 611 17.34 -39.81 -33.43
N TYR A 612 17.99 -38.66 -33.30
CA TYR A 612 18.31 -38.13 -31.98
C TYR A 612 17.04 -37.84 -31.19
N LEU A 613 16.03 -37.26 -31.85
CA LEU A 613 14.74 -37.05 -31.21
C LEU A 613 14.10 -38.38 -30.83
N SER A 614 14.22 -39.39 -31.71
CA SER A 614 13.60 -40.68 -31.43
C SER A 614 14.21 -41.32 -30.19
N ARG A 615 15.53 -41.24 -30.03
CA ARG A 615 16.15 -41.88 -28.88
C ARG A 615 15.89 -41.10 -27.59
N GLY A 616 15.78 -39.78 -27.67
CA GLY A 616 15.45 -38.99 -26.51
C GLY A 616 16.22 -37.68 -26.38
N GLY A 617 17.40 -37.62 -26.97
CA GLY A 617 18.19 -36.39 -26.92
C GLY A 617 17.54 -35.19 -27.55
N TYR A 618 17.58 -34.04 -26.87
CA TYR A 618 16.90 -32.84 -27.33
C TYR A 618 17.84 -31.70 -27.69
N THR A 619 19.15 -31.85 -27.46
CA THR A 619 20.08 -30.76 -27.72
C THR A 619 20.71 -30.87 -29.12
N THR A 620 21.37 -32.00 -29.40
CA THR A 620 21.98 -32.19 -30.71
C THR A 620 20.95 -32.36 -31.82
N ALA A 621 19.74 -32.79 -31.49
CA ALA A 621 18.67 -32.79 -32.48
C ALA A 621 18.34 -31.38 -32.94
N LEU A 622 18.25 -30.44 -31.99
CA LEU A 622 18.05 -29.04 -32.37
C LEU A 622 19.22 -28.52 -33.19
N LYS A 623 20.45 -28.90 -32.84
CA LYS A 623 21.61 -28.49 -33.63
C LYS A 623 21.50 -28.98 -35.06
N SER A 624 21.14 -30.25 -35.24
CA SER A 624 21.05 -30.81 -36.60
C SER A 624 19.92 -30.15 -37.40
N PHE A 625 18.77 -29.92 -36.76
CA PHE A 625 17.67 -29.26 -37.45
C PHE A 625 18.05 -27.83 -37.84
N THR A 626 18.72 -27.12 -36.93
CA THR A 626 19.18 -25.77 -37.23
C THR A 626 20.17 -25.77 -38.39
N LYS A 627 21.11 -26.72 -38.40
CA LYS A 627 22.06 -26.81 -39.50
C LYS A 627 21.37 -27.08 -40.81
N ALA A 628 20.39 -27.99 -40.82
CA ALA A 628 19.68 -28.30 -42.04
C ALA A 628 18.91 -27.08 -42.54
N SER A 629 18.28 -26.33 -41.63
CA SER A 629 17.58 -25.11 -42.04
C SER A 629 18.56 -24.06 -42.56
N GLU A 630 19.73 -23.92 -41.93
CA GLU A 630 20.66 -22.86 -42.32
C GLU A 630 21.29 -23.14 -43.69
N LEU A 631 21.65 -24.41 -43.96
CA LEU A 631 22.34 -24.70 -45.20
C LEU A 631 21.40 -24.72 -46.41
N ASN A 632 20.12 -25.06 -46.20
CA ASN A 632 19.12 -25.02 -47.27
C ASN A 632 17.78 -24.69 -46.64
N PRO A 633 17.40 -23.41 -46.64
CA PRO A 633 16.18 -23.01 -45.90
C PRO A 633 14.90 -23.55 -46.49
N GLU A 634 14.90 -24.01 -47.73
CA GLU A 634 13.65 -24.34 -48.42
C GLU A 634 12.85 -25.43 -47.71
N SER A 635 13.50 -26.24 -46.88
CA SER A 635 12.80 -27.29 -46.15
C SER A 635 12.06 -26.70 -44.95
N ILE A 636 10.84 -27.18 -44.73
CA ILE A 636 10.01 -26.73 -43.61
C ILE A 636 10.00 -27.73 -42.47
N TYR A 637 10.35 -29.00 -42.72
CA TYR A 637 10.24 -30.05 -41.71
C TYR A 637 11.14 -29.79 -40.52
N SER A 638 12.34 -29.23 -40.77
CA SER A 638 13.27 -28.97 -39.68
C SER A 638 12.72 -27.92 -38.72
N VAL A 639 12.15 -26.84 -39.24
CA VAL A 639 11.57 -25.80 -38.39
C VAL A 639 10.38 -26.38 -37.61
N PHE A 640 9.58 -27.23 -38.26
CA PHE A 640 8.46 -27.86 -37.57
C PHE A 640 8.95 -28.73 -36.43
N LYS A 641 10.04 -29.48 -36.65
CA LYS A 641 10.56 -30.32 -35.57
C LYS A 641 11.15 -29.48 -34.45
N VAL A 642 11.75 -28.32 -34.78
CA VAL A 642 12.21 -27.40 -33.75
C VAL A 642 11.04 -26.94 -32.89
N ALA A 643 9.94 -26.57 -33.54
CA ALA A 643 8.75 -26.15 -32.80
C ALA A 643 8.19 -27.31 -31.98
N ALA A 644 8.27 -28.53 -32.50
CA ALA A 644 7.80 -29.69 -31.76
C ALA A 644 8.63 -29.92 -30.50
N ILE A 645 9.96 -29.74 -30.60
CA ILE A 645 10.82 -29.84 -29.42
C ILE A 645 10.45 -28.76 -28.41
N GLN A 646 10.24 -27.53 -28.90
CA GLN A 646 9.87 -26.45 -27.99
C GLN A 646 8.56 -26.77 -27.27
N GLN A 647 7.59 -27.34 -27.99
CA GLN A 647 6.33 -27.78 -27.40
C GLN A 647 6.52 -28.88 -26.36
N ILE A 648 7.40 -29.85 -26.63
CA ILE A 648 7.57 -30.98 -25.72
C ILE A 648 8.01 -30.53 -24.34
N LEU A 649 8.97 -29.61 -24.26
CA LEU A 649 9.46 -29.14 -22.96
C LEU A 649 8.70 -27.89 -22.52
N GLY A 650 7.37 -28.05 -22.40
CA GLY A 650 6.53 -26.99 -21.90
C GLY A 650 6.53 -25.80 -22.86
N LYS A 651 6.50 -24.60 -22.28
CA LYS A 651 6.60 -23.33 -23.00
C LYS A 651 5.75 -23.35 -24.28
N TYR A 652 4.46 -23.55 -24.08
CA TYR A 652 3.52 -23.71 -25.20
C TYR A 652 3.40 -22.44 -26.03
N LYS A 653 3.57 -21.26 -25.42
CA LYS A 653 3.40 -20.01 -26.17
C LYS A 653 4.44 -19.87 -27.27
N GLU A 654 5.70 -20.20 -26.98
CA GLU A 654 6.74 -20.11 -28.00
C GLU A 654 6.46 -21.08 -29.14
N ALA A 655 6.00 -22.29 -28.81
CA ALA A 655 5.65 -23.26 -29.85
C ALA A 655 4.50 -22.75 -30.69
N VAL A 656 3.52 -22.09 -30.06
CA VAL A 656 2.39 -21.53 -30.80
C VAL A 656 2.88 -20.46 -31.77
N ALA A 657 3.79 -19.60 -31.31
CA ALA A 657 4.33 -18.56 -32.20
C ALA A 657 5.08 -19.17 -33.38
N GLN A 658 5.89 -20.21 -33.12
CA GLN A 658 6.61 -20.87 -34.21
C GLN A 658 5.64 -21.51 -35.19
N TYR A 659 4.59 -22.16 -34.68
CA TYR A 659 3.60 -22.79 -35.56
C TYR A 659 2.87 -21.76 -36.41
N GLN A 660 2.52 -20.61 -35.83
CA GLN A 660 1.89 -19.56 -36.61
C GLN A 660 2.83 -19.04 -37.70
N MET A 661 4.10 -18.86 -37.36
CA MET A 661 5.05 -18.41 -38.37
C MET A 661 5.18 -19.43 -39.49
N ILE A 662 5.22 -20.72 -39.16
CA ILE A 662 5.28 -21.75 -40.21
C ILE A 662 4.02 -21.74 -41.05
N ILE A 663 2.84 -21.64 -40.42
CA ILE A 663 1.59 -21.68 -41.17
C ILE A 663 1.47 -20.46 -42.07
N LYS A 664 2.21 -19.39 -41.77
CA LYS A 664 2.17 -18.19 -42.61
C LYS A 664 2.58 -18.52 -44.03
N LYS A 665 3.77 -19.09 -44.22
CA LYS A 665 4.27 -19.38 -45.56
C LYS A 665 3.37 -20.39 -46.28
N LYS A 666 2.97 -21.46 -45.59
CA LYS A 666 2.11 -22.47 -46.19
C LYS A 666 0.92 -22.70 -45.27
N GLU A 667 -0.29 -22.56 -45.81
CA GLU A 667 -1.51 -22.64 -45.04
C GLU A 667 -2.13 -24.03 -44.96
N ASP A 668 -1.58 -25.04 -45.63
CA ASP A 668 -2.23 -26.34 -45.61
C ASP A 668 -1.41 -27.44 -44.93
N TYR A 669 -0.37 -27.10 -44.17
CA TYR A 669 0.41 -28.12 -43.49
C TYR A 669 -0.41 -28.70 -42.35
N VAL A 670 -0.69 -30.00 -42.40
CA VAL A 670 -1.51 -30.66 -41.37
C VAL A 670 -0.77 -30.74 -40.03
N PRO A 671 0.51 -31.14 -39.99
CA PRO A 671 1.22 -31.21 -38.70
C PRO A 671 1.18 -29.92 -37.89
N ALA A 672 1.30 -28.77 -38.55
CA ALA A 672 1.27 -27.50 -37.82
C ALA A 672 -0.10 -27.24 -37.21
N LEU A 673 -1.17 -27.55 -37.94
CA LEU A 673 -2.51 -27.41 -37.38
C LEU A 673 -2.71 -28.35 -36.19
N LYS A 674 -2.24 -29.60 -36.31
CA LYS A 674 -2.34 -30.52 -35.20
C LYS A 674 -1.57 -30.01 -33.98
N GLY A 675 -0.36 -29.48 -34.20
CA GLY A 675 0.41 -28.95 -33.10
C GLY A 675 -0.26 -27.77 -32.43
N LEU A 676 -0.81 -26.85 -33.23
CA LEU A 676 -1.53 -25.71 -32.66
C LEU A 676 -2.73 -26.17 -31.85
N GLY A 677 -3.50 -27.12 -32.38
CA GLY A 677 -4.64 -27.64 -31.63
C GLY A 677 -4.23 -28.27 -30.32
N GLU A 678 -3.18 -29.09 -30.33
CA GLU A 678 -2.72 -29.72 -29.10
C GLU A 678 -2.23 -28.67 -28.10
N CYS A 679 -1.50 -27.66 -28.57
CA CYS A 679 -1.02 -26.62 -27.67
C CYS A 679 -2.17 -25.86 -27.04
N HIS A 680 -3.19 -25.52 -27.83
CA HIS A 680 -4.34 -24.80 -27.29
C HIS A 680 -5.12 -25.67 -26.31
N LEU A 681 -5.23 -26.97 -26.59
CA LEU A 681 -5.89 -27.87 -25.66
C LEU A 681 -5.15 -27.94 -24.34
N MET A 682 -3.81 -28.05 -24.39
CA MET A 682 -3.04 -28.10 -23.16
C MET A 682 -3.15 -26.79 -22.37
N MET A 683 -3.14 -25.65 -23.08
CA MET A 683 -3.31 -24.37 -22.39
C MET A 683 -4.69 -24.27 -21.76
N ALA A 684 -5.72 -24.77 -22.44
CA ALA A 684 -7.06 -24.77 -21.87
C ALA A 684 -7.13 -25.63 -20.61
N LYS A 685 -6.49 -26.81 -20.65
CA LYS A 685 -6.48 -27.66 -19.46
C LYS A 685 -5.71 -27.00 -18.31
N ALA A 686 -4.60 -26.33 -18.63
CA ALA A 686 -3.85 -25.61 -17.61
C ALA A 686 -4.68 -24.49 -17.00
N ALA A 687 -5.45 -23.79 -17.83
CA ALA A 687 -6.34 -22.76 -17.31
C ALA A 687 -7.42 -23.36 -16.43
N LEU A 688 -7.95 -24.52 -16.82
CA LEU A 688 -8.95 -25.21 -16.02
C LEU A 688 -8.39 -25.76 -14.71
N VAL A 689 -7.07 -25.95 -14.62
CA VAL A 689 -6.48 -26.31 -13.33
C VAL A 689 -6.76 -25.21 -12.30
N ASP A 690 -6.56 -23.95 -12.68
CA ASP A 690 -7.11 -22.86 -11.90
C ASP A 690 -8.58 -22.66 -12.27
N TYR A 691 -9.24 -21.70 -11.64
CA TYR A 691 -10.65 -21.44 -11.92
C TYR A 691 -10.75 -20.24 -12.87
N LEU A 692 -10.46 -20.49 -14.15
CA LEU A 692 -10.57 -19.47 -15.20
C LEU A 692 -11.39 -20.05 -16.36
N ASP A 693 -12.72 -19.91 -16.28
CA ASP A 693 -13.59 -20.59 -17.23
C ASP A 693 -13.59 -19.92 -18.60
N GLY A 694 -13.56 -18.58 -18.64
CA GLY A 694 -13.51 -17.88 -19.91
C GLY A 694 -12.26 -18.16 -20.72
N LYS A 695 -11.10 -18.17 -20.06
CA LYS A 695 -9.86 -18.51 -20.75
C LYS A 695 -9.92 -19.92 -21.32
N ALA A 696 -10.41 -20.87 -20.54
CA ALA A 696 -10.54 -22.24 -21.01
C ALA A 696 -11.47 -22.33 -22.20
N VAL A 697 -12.60 -21.63 -22.16
CA VAL A 697 -13.55 -21.68 -23.26
C VAL A 697 -12.95 -21.10 -24.53
N ASP A 698 -12.25 -19.96 -24.41
CA ASP A 698 -11.62 -19.37 -25.58
C ASP A 698 -10.56 -20.29 -26.18
N TYR A 699 -9.72 -20.88 -25.33
CA TYR A 699 -8.70 -21.79 -25.84
C TYR A 699 -9.33 -23.01 -26.50
N ILE A 700 -10.41 -23.53 -25.91
CA ILE A 700 -11.10 -24.68 -26.49
C ILE A 700 -11.67 -24.33 -27.86
N GLU A 701 -12.27 -23.14 -27.99
CA GLU A 701 -12.81 -22.74 -29.28
C GLU A 701 -11.72 -22.62 -30.33
N LYS A 702 -10.59 -22.01 -29.96
CA LYS A 702 -9.49 -21.89 -30.93
C LYS A 702 -8.96 -23.26 -31.33
N ALA A 703 -8.80 -24.16 -30.37
CA ALA A 703 -8.31 -25.51 -30.68
C ALA A 703 -9.28 -26.25 -31.59
N LEU A 704 -10.58 -26.12 -31.32
CA LEU A 704 -11.58 -26.76 -32.18
C LEU A 704 -11.53 -26.21 -33.60
N GLU A 705 -11.37 -24.88 -33.73
CA GLU A 705 -11.23 -24.28 -35.05
C GLU A 705 -10.04 -24.86 -35.80
N TYR A 706 -8.88 -24.95 -35.12
CA TYR A 706 -7.71 -25.50 -35.79
C TYR A 706 -7.91 -26.97 -36.16
N PHE A 707 -8.55 -27.74 -35.27
CA PHE A 707 -8.76 -29.15 -35.54
C PHE A 707 -9.69 -29.36 -36.73
N THR A 708 -10.77 -28.59 -36.83
CA THR A 708 -11.64 -28.75 -38.00
C THR A 708 -10.96 -28.25 -39.26
N CYS A 709 -10.12 -27.22 -39.15
CA CYS A 709 -9.34 -26.77 -40.31
C CYS A 709 -8.42 -27.88 -40.81
N ALA A 710 -7.80 -28.62 -39.89
CA ALA A 710 -6.94 -29.72 -40.30
C ALA A 710 -7.76 -30.88 -40.85
N LEU A 711 -8.93 -31.14 -40.27
CA LEU A 711 -9.81 -32.20 -40.77
C LEU A 711 -10.35 -31.91 -42.16
N GLN A 712 -10.42 -30.63 -42.54
CA GLN A 712 -10.77 -30.27 -43.91
C GLN A 712 -9.84 -30.95 -44.92
N HIS A 713 -8.54 -31.02 -44.62
CA HIS A 713 -7.55 -31.54 -45.56
C HIS A 713 -7.38 -33.04 -45.46
N ARG A 714 -7.27 -33.59 -44.26
CA ARG A 714 -7.07 -35.03 -44.06
C ARG A 714 -8.17 -35.54 -43.13
N ALA A 715 -9.17 -36.21 -43.71
CA ALA A 715 -10.35 -36.64 -42.99
C ALA A 715 -10.29 -38.11 -42.59
N ASP A 716 -9.19 -38.80 -42.89
CA ASP A 716 -9.07 -40.23 -42.63
C ASP A 716 -8.19 -40.55 -41.42
N VAL A 717 -7.82 -39.54 -40.63
CA VAL A 717 -6.83 -39.71 -39.57
C VAL A 717 -7.56 -39.79 -38.23
N SER A 718 -7.43 -40.94 -37.57
CA SER A 718 -8.06 -41.14 -36.27
C SER A 718 -7.51 -40.19 -35.22
N CYS A 719 -6.26 -39.74 -35.37
CA CYS A 719 -5.68 -38.78 -34.44
C CYS A 719 -6.47 -37.49 -34.40
N LEU A 720 -6.79 -36.91 -35.56
CA LEU A 720 -7.54 -35.67 -35.59
C LEU A 720 -8.95 -35.85 -35.02
N TRP A 721 -9.61 -36.94 -35.37
CA TRP A 721 -10.97 -37.17 -34.87
C TRP A 721 -10.97 -37.33 -33.36
N LYS A 722 -10.02 -38.10 -32.82
CA LYS A 722 -9.94 -38.29 -31.37
C LYS A 722 -9.57 -37.00 -30.65
N LEU A 723 -8.69 -36.20 -31.25
CA LEU A 723 -8.33 -34.93 -30.64
C LEU A 723 -9.52 -33.97 -30.63
N ALA A 724 -10.30 -33.95 -31.71
CA ALA A 724 -11.51 -33.14 -31.73
C ALA A 724 -12.51 -33.59 -30.67
N GLY A 725 -12.68 -34.91 -30.52
CA GLY A 725 -13.53 -35.41 -29.46
C GLY A 725 -13.06 -35.01 -28.08
N ASP A 726 -11.74 -35.10 -27.85
CA ASP A 726 -11.18 -34.70 -26.56
C ASP A 726 -11.44 -33.22 -26.29
N ALA A 727 -11.22 -32.37 -27.30
CA ALA A 727 -11.45 -30.95 -27.13
C ALA A 727 -12.91 -30.66 -26.85
N CYS A 728 -13.82 -31.36 -27.53
CA CYS A 728 -15.25 -31.13 -27.31
C CYS A 728 -15.67 -31.57 -25.90
N THR A 729 -15.17 -32.71 -25.43
CA THR A 729 -15.60 -33.22 -24.13
C THR A 729 -14.80 -32.65 -22.96
N CYS A 730 -13.75 -31.86 -23.21
CA CYS A 730 -12.94 -31.34 -22.12
C CYS A 730 -13.72 -30.36 -21.25
N LEU A 731 -14.63 -29.58 -21.85
CA LEU A 731 -15.36 -28.55 -21.13
C LEU A 731 -16.60 -29.15 -20.44
N TYR A 732 -16.33 -30.01 -19.46
CA TYR A 732 -17.41 -30.58 -18.67
C TYR A 732 -17.39 -30.00 -17.26
N ALA A 733 -18.58 -29.90 -16.67
CA ALA A 733 -18.74 -29.38 -15.30
C ALA A 733 -18.11 -28.00 -15.18
N VAL A 734 -18.32 -27.15 -16.17
CA VAL A 734 -17.80 -25.79 -16.18
C VAL A 734 -18.98 -24.85 -16.45
N ALA A 735 -19.59 -24.34 -15.37
CA ALA A 735 -20.47 -23.17 -15.39
C ALA A 735 -21.48 -23.18 -16.53
N PRO A 736 -22.50 -24.05 -16.51
CA PRO A 736 -23.51 -24.01 -17.57
C PRO A 736 -24.15 -22.63 -17.65
N SER A 737 -24.52 -22.24 -18.88
CA SER A 737 -24.99 -20.90 -19.26
C SER A 737 -23.82 -19.94 -19.36
N LYS A 738 -22.58 -20.43 -19.26
CA LYS A 738 -21.39 -19.67 -19.57
C LYS A 738 -20.64 -20.24 -20.76
N VAL A 739 -21.02 -21.42 -21.24
CA VAL A 739 -20.36 -22.08 -22.36
C VAL A 739 -21.22 -21.90 -23.60
N ASN A 740 -20.71 -21.10 -24.54
CA ASN A 740 -21.31 -20.87 -25.85
C ASN A 740 -20.17 -20.87 -26.85
N VAL A 741 -20.11 -21.89 -27.71
CA VAL A 741 -18.93 -22.11 -28.55
C VAL A 741 -19.29 -21.90 -30.01
N HIS A 742 -18.40 -21.25 -30.75
CA HIS A 742 -18.58 -21.03 -32.18
C HIS A 742 -17.89 -22.16 -32.94
N VAL A 743 -18.69 -22.96 -33.64
CA VAL A 743 -18.20 -24.04 -34.50
C VAL A 743 -18.59 -23.75 -35.94
N LEU A 744 -17.63 -23.86 -36.84
CA LEU A 744 -17.80 -23.38 -38.21
C LEU A 744 -17.77 -24.52 -39.20
N GLY A 745 -18.62 -24.43 -40.21
CA GLY A 745 -18.45 -25.19 -41.44
C GLY A 745 -19.07 -26.57 -41.38
N VAL A 746 -18.28 -27.58 -41.78
CA VAL A 746 -18.80 -28.91 -42.09
C VAL A 746 -19.31 -29.67 -40.88
N LEU A 747 -18.88 -29.32 -39.67
CA LEU A 747 -19.14 -30.15 -38.50
C LEU A 747 -20.65 -30.29 -38.24
N LEU A 748 -21.40 -29.20 -38.39
CA LEU A 748 -22.84 -29.23 -38.09
C LEU A 748 -23.63 -29.50 -39.38
N GLY A 749 -23.55 -30.75 -39.81
CA GLY A 749 -24.28 -31.20 -40.99
C GLY A 749 -23.86 -30.43 -42.23
N GLN A 750 -24.84 -29.79 -42.87
CA GLN A 750 -24.56 -28.98 -44.05
C GLN A 750 -23.69 -27.79 -43.68
N LYS A 751 -22.76 -27.46 -44.57
CA LYS A 751 -21.81 -26.37 -44.34
C LYS A 751 -22.56 -25.04 -44.38
N GLU A 752 -22.67 -24.39 -43.22
CA GLU A 752 -23.39 -23.12 -43.10
C GLU A 752 -22.64 -22.23 -42.11
N GLY A 753 -21.84 -21.30 -42.65
CA GLY A 753 -21.19 -20.26 -41.88
C GLY A 753 -20.59 -20.69 -40.56
N LYS A 754 -21.05 -20.07 -39.48
CA LYS A 754 -20.64 -20.41 -38.12
C LYS A 754 -21.87 -20.49 -37.25
N GLN A 755 -21.85 -21.40 -36.28
CA GLN A 755 -22.99 -21.64 -35.41
C GLN A 755 -22.53 -21.60 -33.96
N VAL A 756 -23.49 -21.45 -33.06
CA VAL A 756 -23.21 -21.40 -31.62
C VAL A 756 -23.84 -22.62 -30.96
N LEU A 757 -23.04 -23.36 -30.21
CA LEU A 757 -23.49 -24.57 -29.56
C LEU A 757 -23.39 -24.40 -28.05
N LYS A 758 -24.29 -25.11 -27.35
CA LYS A 758 -24.35 -25.19 -25.90
C LYS A 758 -23.57 -26.39 -25.39
N LYS A 759 -23.64 -26.62 -24.08
CA LYS A 759 -22.87 -27.69 -23.45
C LYS A 759 -23.31 -29.07 -23.94
N ASN A 760 -24.62 -29.32 -23.96
CA ASN A 760 -25.12 -30.62 -24.39
C ASN A 760 -24.82 -30.88 -25.86
N GLU A 761 -24.98 -29.87 -26.70
CA GLU A 761 -24.66 -30.03 -28.12
C GLU A 761 -23.18 -30.28 -28.33
N LEU A 762 -22.33 -29.59 -27.56
CA LEU A 762 -20.89 -29.84 -27.64
C LEU A 762 -20.55 -31.27 -27.23
N LEU A 763 -21.19 -31.77 -26.17
CA LEU A 763 -20.95 -33.14 -25.75
C LEU A 763 -21.41 -34.14 -26.79
N HIS A 764 -22.56 -33.86 -27.44
CA HIS A 764 -23.03 -34.73 -28.51
C HIS A 764 -22.05 -34.74 -29.69
N LEU A 765 -21.51 -33.57 -30.03
CA LEU A 765 -20.52 -33.50 -31.10
C LEU A 765 -19.27 -34.29 -30.72
N GLY A 766 -18.83 -34.19 -29.47
CA GLY A 766 -17.70 -34.99 -29.02
C GLY A 766 -17.97 -36.47 -29.12
N GLY A 767 -19.18 -36.90 -28.75
CA GLY A 767 -19.54 -38.30 -28.92
C GLY A 767 -19.50 -38.75 -30.36
N ARG A 768 -20.00 -37.89 -31.27
CA ARG A 768 -19.95 -38.22 -32.69
C ARG A 768 -18.51 -38.35 -33.19
N CYS A 769 -17.65 -37.42 -32.78
CA CYS A 769 -16.25 -37.48 -33.19
C CYS A 769 -15.57 -38.73 -32.65
N TYR A 770 -15.87 -39.10 -31.41
CA TYR A 770 -15.34 -40.33 -30.84
C TYR A 770 -15.82 -41.55 -31.62
N GLY A 771 -17.09 -41.55 -32.01
CA GLY A 771 -17.62 -42.65 -32.79
C GLY A 771 -16.93 -42.78 -34.14
N ARG A 772 -16.70 -41.64 -34.81
CA ARG A 772 -16.01 -41.68 -36.10
C ARG A 772 -14.57 -42.18 -35.94
N ALA A 773 -13.87 -41.70 -34.90
CA ALA A 773 -12.51 -42.16 -34.67
C ALA A 773 -12.48 -43.65 -34.39
N LEU A 774 -13.45 -44.14 -33.61
CA LEU A 774 -13.55 -45.58 -33.35
C LEU A 774 -13.81 -46.36 -34.64
N LYS A 775 -14.68 -45.84 -35.50
CA LYS A 775 -14.99 -46.52 -36.75
C LYS A 775 -13.75 -46.61 -37.64
N LEU A 776 -12.96 -45.54 -37.73
CA LEU A 776 -11.75 -45.62 -38.54
C LEU A 776 -10.66 -46.46 -37.86
N MET A 777 -10.61 -46.45 -36.54
CA MET A 777 -9.58 -47.20 -35.80
C MET A 777 -10.17 -47.69 -34.50
N SER A 778 -10.18 -49.01 -34.31
CA SER A 778 -10.74 -49.62 -33.11
C SER A 778 -9.62 -49.87 -32.10
N THR A 779 -9.59 -49.05 -31.04
CA THR A 779 -8.59 -49.16 -29.99
C THR A 779 -9.27 -49.01 -28.64
N SER A 780 -8.73 -49.71 -27.64
CA SER A 780 -9.28 -49.66 -26.28
C SER A 780 -9.26 -48.25 -25.71
N ASN A 781 -8.26 -47.44 -26.05
CA ASN A 781 -8.20 -46.08 -25.55
C ASN A 781 -9.41 -45.27 -26.02
N THR A 782 -9.76 -45.38 -27.30
CA THR A 782 -10.92 -44.65 -27.79
C THR A 782 -12.22 -45.22 -27.23
N TRP A 783 -12.28 -46.53 -26.99
CA TRP A 783 -13.45 -47.11 -26.35
C TRP A 783 -13.66 -46.53 -24.96
N CYS A 784 -12.59 -46.46 -24.18
CA CYS A 784 -12.68 -45.88 -22.84
C CYS A 784 -13.05 -44.41 -22.92
N ASP A 785 -12.50 -43.68 -23.88
CA ASP A 785 -12.84 -42.27 -24.04
C ASP A 785 -14.30 -42.09 -24.38
N LEU A 786 -14.85 -42.93 -25.26
CA LEU A 786 -16.27 -42.86 -25.57
C LEU A 786 -17.13 -43.16 -24.35
N GLY A 787 -16.72 -44.16 -23.55
CA GLY A 787 -17.46 -44.44 -22.33
C GLY A 787 -17.44 -43.26 -21.37
N ILE A 788 -16.29 -42.61 -21.21
CA ILE A 788 -16.19 -41.46 -20.33
C ILE A 788 -17.03 -40.30 -20.87
N ASN A 789 -17.07 -40.14 -22.19
CA ASN A 789 -17.90 -39.10 -22.78
C ASN A 789 -19.38 -39.33 -22.49
N TYR A 790 -19.85 -40.57 -22.65
CA TYR A 790 -21.23 -40.88 -22.32
C TYR A 790 -21.51 -40.66 -20.84
N TYR A 791 -20.56 -41.02 -19.98
CA TYR A 791 -20.72 -40.79 -18.55
C TYR A 791 -20.85 -39.31 -18.23
N ARG A 792 -20.03 -38.47 -18.87
CA ARG A 792 -20.11 -37.02 -18.69
C ARG A 792 -21.45 -36.49 -19.18
N GLN A 793 -21.92 -37.00 -20.32
CA GLN A 793 -23.22 -36.59 -20.84
C GLN A 793 -24.33 -36.92 -19.86
N ALA A 794 -24.29 -38.13 -19.29
CA ALA A 794 -25.30 -38.51 -18.30
C ALA A 794 -25.23 -37.62 -17.06
N GLN A 795 -24.00 -37.29 -16.62
CA GLN A 795 -23.88 -36.39 -15.47
C GLN A 795 -24.50 -35.04 -15.76
N HIS A 796 -24.23 -34.48 -16.94
CA HIS A 796 -24.81 -33.18 -17.26
C HIS A 796 -26.32 -33.24 -17.36
N LEU A 797 -26.86 -34.31 -17.96
CA LEU A 797 -28.31 -34.44 -18.04
C LEU A 797 -28.95 -34.55 -16.66
N ALA A 798 -28.30 -35.30 -15.76
CA ALA A 798 -28.87 -35.47 -14.42
C ALA A 798 -28.73 -34.21 -13.58
N GLU A 799 -27.62 -33.49 -13.73
CA GLU A 799 -27.30 -32.38 -12.83
C GLU A 799 -28.36 -31.28 -12.87
N THR A 800 -28.76 -30.88 -14.08
CA THR A 800 -29.67 -29.76 -14.20
C THR A 800 -31.11 -30.11 -13.82
N GLY A 801 -31.39 -31.37 -13.54
CA GLY A 801 -32.75 -31.77 -13.22
C GLY A 801 -33.71 -31.75 -14.37
N SER A 802 -33.20 -31.79 -15.61
CA SER A 802 -34.09 -31.74 -16.77
C SER A 802 -34.94 -33.00 -16.88
N ASN A 803 -34.41 -34.15 -16.46
CA ASN A 803 -35.13 -35.41 -16.59
C ASN A 803 -34.58 -36.39 -15.56
N MET A 804 -35.31 -37.49 -15.38
CA MET A 804 -34.89 -38.58 -14.52
C MET A 804 -35.47 -39.88 -15.04
N ASN A 805 -34.70 -40.96 -14.94
CA ASN A 805 -35.01 -42.31 -15.40
C ASN A 805 -35.05 -42.43 -16.91
N ASP A 806 -34.76 -41.37 -17.66
CA ASP A 806 -34.66 -41.42 -19.11
C ASP A 806 -33.21 -41.34 -19.58
N LEU A 807 -32.28 -41.37 -18.64
CA LEU A 807 -30.84 -41.40 -18.92
C LEU A 807 -30.24 -42.79 -18.78
N LYS A 808 -31.08 -43.82 -18.60
CA LYS A 808 -30.60 -45.19 -18.40
C LYS A 808 -29.88 -45.72 -19.63
N GLU A 809 -30.33 -45.32 -20.82
CA GLU A 809 -29.68 -45.74 -22.06
C GLU A 809 -28.24 -45.24 -22.13
N LEU A 810 -28.00 -43.99 -21.76
CA LEU A 810 -26.63 -43.47 -21.80
C LEU A 810 -25.73 -44.24 -20.85
N LEU A 811 -26.22 -44.53 -19.64
CA LEU A 811 -25.41 -45.30 -18.70
C LEU A 811 -25.13 -46.70 -19.23
N GLU A 812 -26.13 -47.34 -19.84
CA GLU A 812 -25.91 -48.68 -20.40
C GLU A 812 -24.87 -48.63 -21.51
N LYS A 813 -24.93 -47.61 -22.37
CA LYS A 813 -23.95 -47.48 -23.44
C LYS A 813 -22.55 -47.29 -22.86
N SER A 814 -22.42 -46.42 -21.86
CA SER A 814 -21.11 -46.19 -21.25
C SER A 814 -20.58 -47.45 -20.59
N LEU A 815 -21.43 -48.18 -19.88
CA LEU A 815 -20.98 -49.41 -19.24
C LEU A 815 -20.54 -50.44 -20.26
N HIS A 816 -21.29 -50.59 -21.37
CA HIS A 816 -20.90 -51.54 -22.39
C HIS A 816 -19.56 -51.17 -23.02
N CYS A 817 -19.37 -49.89 -23.36
CA CYS A 817 -18.11 -49.47 -23.96
C CYS A 817 -16.94 -49.68 -23.00
N LEU A 818 -17.11 -49.32 -21.72
CA LEU A 818 -16.03 -49.48 -20.77
C LEU A 818 -15.71 -50.94 -20.51
N LYS A 819 -16.73 -51.79 -20.43
CA LYS A 819 -16.50 -53.22 -20.26
C LYS A 819 -15.76 -53.80 -21.46
N LYS A 820 -16.14 -53.40 -22.67
CA LYS A 820 -15.43 -53.86 -23.85
C LYS A 820 -13.97 -53.43 -23.82
N ALA A 821 -13.72 -52.18 -23.44
CA ALA A 821 -12.34 -51.70 -23.37
C ALA A 821 -11.53 -52.48 -22.33
N VAL A 822 -12.11 -52.69 -21.14
CA VAL A 822 -11.36 -53.36 -20.07
C VAL A 822 -11.13 -54.83 -20.41
N ARG A 823 -12.05 -55.46 -21.15
CA ARG A 823 -11.84 -56.83 -21.60
C ARG A 823 -10.88 -56.94 -22.77
N LEU A 824 -10.75 -55.87 -23.58
CA LEU A 824 -9.74 -55.89 -24.64
C LEU A 824 -8.33 -55.98 -24.07
N ASP A 825 -8.06 -55.26 -22.98
CA ASP A 825 -6.76 -55.35 -22.30
C ASP A 825 -7.01 -55.25 -20.80
N SER A 826 -7.00 -56.39 -20.12
CA SER A 826 -7.20 -56.41 -18.66
C SER A 826 -5.87 -56.33 -17.91
N ASN A 827 -5.07 -55.31 -18.24
CA ASN A 827 -3.84 -55.05 -17.51
C ASN A 827 -3.63 -53.57 -17.27
N ASN A 828 -4.65 -52.74 -17.50
CA ASN A 828 -4.52 -51.29 -17.39
C ASN A 828 -5.33 -50.82 -16.18
N HIS A 829 -4.63 -50.24 -15.21
CA HIS A 829 -5.30 -49.65 -14.05
C HIS A 829 -6.28 -48.57 -14.44
N LEU A 830 -6.01 -47.85 -15.54
CA LEU A 830 -6.92 -46.82 -16.02
C LEU A 830 -8.29 -47.37 -16.37
N TYR A 831 -8.33 -48.44 -17.17
CA TYR A 831 -9.62 -49.01 -17.55
C TYR A 831 -10.39 -49.53 -16.34
N TRP A 832 -9.69 -50.23 -15.44
CA TRP A 832 -10.35 -50.77 -14.25
C TRP A 832 -10.91 -49.66 -13.38
N ASN A 833 -10.12 -48.61 -13.16
CA ASN A 833 -10.56 -47.49 -12.34
C ASN A 833 -11.74 -46.76 -12.97
N ALA A 834 -11.70 -46.55 -14.29
CA ALA A 834 -12.82 -45.90 -14.96
C ALA A 834 -14.10 -46.73 -14.84
N LEU A 835 -13.97 -48.06 -15.02
CA LEU A 835 -15.13 -48.93 -14.87
C LEU A 835 -15.68 -48.85 -13.45
N GLY A 836 -14.80 -48.89 -12.46
CA GLY A 836 -15.26 -48.82 -11.08
C GLY A 836 -15.96 -47.50 -10.77
N VAL A 837 -15.39 -46.38 -11.20
CA VAL A 837 -15.98 -45.08 -10.93
C VAL A 837 -17.34 -44.95 -11.59
N VAL A 838 -17.46 -45.38 -12.85
CA VAL A 838 -18.74 -45.28 -13.54
C VAL A 838 -19.76 -46.22 -12.92
N ALA A 839 -19.32 -47.40 -12.45
CA ALA A 839 -20.24 -48.34 -11.84
C ALA A 839 -20.84 -47.80 -10.55
N CYS A 840 -20.06 -47.11 -9.73
CA CYS A 840 -20.53 -46.63 -8.44
C CYS A 840 -21.38 -45.36 -8.54
N TYR A 841 -21.75 -44.95 -9.76
CA TYR A 841 -22.56 -43.76 -9.93
C TYR A 841 -23.92 -43.93 -9.26
N SER A 842 -24.46 -42.81 -8.78
CA SER A 842 -25.73 -42.83 -8.04
C SER A 842 -26.86 -43.44 -8.85
N GLY A 843 -26.84 -43.31 -10.17
CA GLY A 843 -27.86 -43.92 -10.99
C GLY A 843 -27.77 -45.42 -11.12
N ILE A 844 -26.59 -45.99 -10.87
CA ILE A 844 -26.38 -47.43 -10.96
C ILE A 844 -26.20 -48.06 -9.59
N GLY A 845 -25.19 -47.63 -8.85
CA GLY A 845 -24.94 -48.09 -7.50
C GLY A 845 -24.58 -49.56 -7.38
N ASN A 846 -23.63 -50.02 -8.19
CA ASN A 846 -23.15 -51.40 -8.12
C ASN A 846 -21.84 -51.38 -7.34
N TYR A 847 -21.97 -51.37 -6.01
CA TYR A 847 -20.80 -51.19 -5.15
C TYR A 847 -19.88 -52.41 -5.14
N ALA A 848 -20.43 -53.61 -5.32
CA ALA A 848 -19.58 -54.80 -5.39
C ALA A 848 -18.65 -54.75 -6.60
N LEU A 849 -19.20 -54.41 -7.77
CA LEU A 849 -18.37 -54.29 -8.96
C LEU A 849 -17.37 -53.15 -8.82
N ALA A 850 -17.79 -52.04 -8.19
CA ALA A 850 -16.87 -50.93 -7.97
C ALA A 850 -15.69 -51.35 -7.10
N GLN A 851 -15.96 -52.08 -6.02
CA GLN A 851 -14.90 -52.56 -5.15
C GLN A 851 -13.98 -53.52 -5.90
N HIS A 852 -14.56 -54.43 -6.70
CA HIS A 852 -13.74 -55.35 -7.48
C HIS A 852 -12.82 -54.60 -8.44
N CYS A 853 -13.37 -53.61 -9.15
CA CYS A 853 -12.58 -52.85 -10.10
C CYS A 853 -11.47 -52.06 -9.42
N PHE A 854 -11.78 -51.46 -8.26
CA PHE A 854 -10.75 -50.71 -7.55
C PHE A 854 -9.64 -51.64 -7.07
N ILE A 855 -10.00 -52.83 -6.57
CA ILE A 855 -8.99 -53.79 -6.15
C ILE A 855 -8.14 -54.22 -7.34
N LYS A 856 -8.77 -54.45 -8.49
CA LYS A 856 -8.01 -54.85 -9.68
C LYS A 856 -7.07 -53.74 -10.14
N SER A 857 -7.52 -52.49 -10.09
CA SER A 857 -6.66 -51.38 -10.46
C SER A 857 -5.48 -51.26 -9.50
N ILE A 858 -5.71 -51.47 -8.21
CA ILE A 858 -4.62 -51.46 -7.24
C ILE A 858 -3.64 -52.58 -7.54
N GLN A 859 -4.15 -53.77 -7.86
CA GLN A 859 -3.29 -54.91 -8.13
C GLN A 859 -2.48 -54.73 -9.40
N SER A 860 -3.04 -54.06 -10.41
CA SER A 860 -2.34 -53.91 -11.68
C SER A 860 -1.06 -53.11 -11.52
N GLU A 861 -1.09 -52.05 -10.71
CA GLU A 861 0.07 -51.20 -10.48
C GLU A 861 0.05 -50.77 -9.03
N GLN A 862 1.18 -50.97 -8.34
CA GLN A 862 1.18 -50.80 -6.89
C GLN A 862 0.94 -49.35 -6.48
N ILE A 863 1.59 -48.41 -7.16
CA ILE A 863 1.51 -46.99 -6.75
C ILE A 863 0.30 -46.40 -7.48
N ASN A 864 -0.88 -46.58 -6.87
CA ASN A 864 -2.13 -46.10 -7.45
C ASN A 864 -2.86 -45.32 -6.37
N ALA A 865 -2.54 -44.03 -6.26
CA ALA A 865 -3.19 -43.17 -5.27
C ALA A 865 -4.65 -42.90 -5.61
N VAL A 866 -4.97 -42.79 -6.91
CA VAL A 866 -6.34 -42.50 -7.31
C VAL A 866 -7.29 -43.63 -6.93
N ALA A 867 -6.90 -44.88 -7.22
CA ALA A 867 -7.75 -46.02 -6.85
C ALA A 867 -7.88 -46.14 -5.34
N TRP A 868 -6.77 -45.93 -4.61
CA TRP A 868 -6.83 -46.01 -3.15
C TRP A 868 -7.78 -44.98 -2.59
N THR A 869 -7.75 -43.75 -3.10
CA THR A 869 -8.61 -42.71 -2.56
C THR A 869 -10.06 -42.90 -3.01
N ASN A 870 -10.27 -43.49 -4.19
CA ASN A 870 -11.63 -43.84 -4.59
C ASN A 870 -12.22 -44.91 -3.67
N LEU A 871 -11.44 -45.95 -3.37
CA LEU A 871 -11.90 -46.96 -2.42
C LEU A 871 -12.15 -46.36 -1.05
N GLY A 872 -11.28 -45.45 -0.61
CA GLY A 872 -11.50 -44.79 0.67
C GLY A 872 -12.77 -43.96 0.69
N VAL A 873 -13.06 -43.28 -0.42
CA VAL A 873 -14.29 -42.49 -0.50
C VAL A 873 -15.51 -43.39 -0.46
N LEU A 874 -15.46 -44.52 -1.18
CA LEU A 874 -16.57 -45.47 -1.16
C LEU A 874 -16.80 -46.00 0.26
N TYR A 875 -15.73 -46.41 0.94
CA TYR A 875 -15.87 -46.88 2.31
C TYR A 875 -16.38 -45.79 3.24
N LEU A 876 -15.89 -44.56 3.07
CA LEU A 876 -16.28 -43.46 3.95
C LEU A 876 -17.75 -43.12 3.81
N THR A 877 -18.28 -43.08 2.59
CA THR A 877 -19.70 -42.75 2.48
C THR A 877 -20.58 -43.88 2.99
N ASN A 878 -20.12 -45.12 2.99
CA ASN A 878 -20.84 -46.21 3.66
C ASN A 878 -20.33 -46.44 5.09
N GLU A 879 -20.39 -45.39 5.91
CA GLU A 879 -20.20 -45.44 7.36
C GLU A 879 -19.09 -46.43 7.79
N ASN A 880 -17.89 -46.20 7.26
CA ASN A 880 -16.76 -47.11 7.47
C ASN A 880 -15.51 -46.32 7.87
N ILE A 881 -15.66 -45.40 8.81
CA ILE A 881 -14.65 -44.41 9.18
C ILE A 881 -13.27 -45.02 9.31
N GLU A 882 -13.14 -46.15 9.99
CA GLU A 882 -11.83 -46.73 10.27
C GLU A 882 -11.13 -47.18 8.99
N GLN A 883 -11.81 -47.98 8.16
CA GLN A 883 -11.18 -48.48 6.94
C GLN A 883 -11.00 -47.36 5.91
N ALA A 884 -11.90 -46.38 5.90
CA ALA A 884 -11.69 -45.21 5.05
C ALA A 884 -10.45 -44.45 5.47
N HIS A 885 -10.23 -44.30 6.78
CA HIS A 885 -9.01 -43.66 7.27
C HIS A 885 -7.78 -44.46 6.86
N GLU A 886 -7.86 -45.79 6.95
CA GLU A 886 -6.72 -46.63 6.56
C GLU A 886 -6.41 -46.47 5.08
N ALA A 887 -7.44 -46.47 4.23
CA ALA A 887 -7.23 -46.33 2.80
C ALA A 887 -6.68 -44.95 2.45
N PHE A 888 -7.21 -43.91 3.08
CA PHE A 888 -6.69 -42.57 2.83
C PHE A 888 -5.23 -42.44 3.28
N LYS A 889 -4.88 -43.08 4.41
CA LYS A 889 -3.49 -43.07 4.84
C LYS A 889 -2.59 -43.80 3.85
N MET A 890 -3.08 -44.92 3.31
CA MET A 890 -2.32 -45.63 2.29
C MET A 890 -2.09 -44.77 1.07
N ALA A 891 -3.14 -44.08 0.60
CA ALA A 891 -3.02 -43.20 -0.54
C ALA A 891 -2.06 -42.05 -0.26
N GLN A 892 -2.12 -41.49 0.95
CA GLN A 892 -1.23 -40.40 1.32
C GLN A 892 0.23 -40.86 1.33
N SER A 893 0.49 -42.05 1.86
CA SER A 893 1.84 -42.58 1.86
C SER A 893 2.34 -42.85 0.45
N LEU A 894 1.47 -43.39 -0.41
CA LEU A 894 1.88 -43.66 -1.79
C LEU A 894 2.05 -42.39 -2.61
N ASP A 895 1.37 -41.30 -2.24
CA ASP A 895 1.51 -40.02 -2.94
C ASP A 895 1.30 -38.88 -1.96
N PRO A 896 2.38 -38.21 -1.53
CA PRO A 896 2.24 -37.14 -0.54
C PRO A 896 1.55 -35.89 -1.07
N SER A 897 1.43 -35.72 -2.39
CA SER A 897 0.91 -34.49 -2.97
C SER A 897 -0.38 -34.72 -3.73
N TYR A 898 -1.27 -35.55 -3.18
CA TYR A 898 -2.59 -35.77 -3.75
C TYR A 898 -3.62 -35.08 -2.87
N LEU A 899 -4.58 -34.40 -3.50
CA LEU A 899 -5.49 -33.52 -2.75
C LEU A 899 -6.70 -34.25 -2.20
N MET A 900 -7.21 -35.25 -2.93
CA MET A 900 -8.43 -35.92 -2.54
C MET A 900 -8.25 -36.68 -1.23
N CYS A 901 -7.08 -37.30 -1.03
CA CYS A 901 -6.84 -38.01 0.22
C CYS A 901 -6.80 -37.02 1.40
N TRP A 902 -6.20 -35.86 1.21
CA TRP A 902 -6.20 -34.84 2.26
C TRP A 902 -7.62 -34.38 2.57
N ILE A 903 -8.44 -34.20 1.53
CA ILE A 903 -9.83 -33.80 1.76
C ILE A 903 -10.57 -34.88 2.53
N GLY A 904 -10.31 -36.15 2.21
CA GLY A 904 -10.92 -37.23 2.95
C GLY A 904 -10.50 -37.27 4.41
N GLN A 905 -9.21 -37.01 4.68
CA GLN A 905 -8.75 -36.94 6.06
C GLN A 905 -9.46 -35.80 6.81
N ALA A 906 -9.59 -34.64 6.17
CA ALA A 906 -10.29 -33.53 6.81
C ALA A 906 -11.74 -33.86 7.08
N LEU A 907 -12.40 -34.53 6.12
CA LEU A 907 -13.80 -34.93 6.32
C LEU A 907 -13.94 -35.91 7.47
N ILE A 908 -13.01 -36.86 7.58
CA ILE A 908 -13.05 -37.82 8.68
C ILE A 908 -12.83 -37.11 10.01
N ALA A 909 -11.87 -36.19 10.05
CA ALA A 909 -11.63 -35.45 11.29
C ALA A 909 -12.86 -34.65 11.71
N GLU A 910 -13.54 -34.02 10.74
CA GLU A 910 -14.79 -33.33 11.06
C GLU A 910 -15.85 -34.30 11.56
N ALA A 911 -15.96 -35.48 10.93
CA ALA A 911 -16.94 -36.47 11.35
C ALA A 911 -16.65 -37.01 12.74
N VAL A 912 -15.39 -36.96 13.18
CA VAL A 912 -15.03 -37.42 14.52
C VAL A 912 -14.99 -36.27 15.53
N GLY A 913 -15.05 -35.03 15.07
CA GLY A 913 -15.05 -33.90 15.98
C GLY A 913 -13.70 -33.69 16.63
N SER A 914 -12.68 -33.40 15.83
CA SER A 914 -11.34 -33.17 16.34
C SER A 914 -11.13 -31.67 16.53
N TYR A 915 -9.90 -31.29 16.90
CA TYR A 915 -9.57 -29.87 17.11
C TYR A 915 -8.81 -29.26 15.94
N ASP A 916 -8.27 -30.07 15.03
CA ASP A 916 -7.44 -29.60 13.93
C ASP A 916 -8.16 -29.66 12.59
N THR A 917 -9.49 -29.75 12.59
CA THR A 917 -10.24 -29.79 11.34
C THR A 917 -10.07 -28.50 10.54
N MET A 918 -10.09 -27.36 11.23
CA MET A 918 -9.90 -26.08 10.54
C MET A 918 -8.51 -25.99 9.91
N ASP A 919 -7.48 -26.46 10.62
CA ASP A 919 -6.13 -26.42 10.06
C ASP A 919 -6.00 -27.34 8.86
N LEU A 920 -6.61 -28.52 8.93
CA LEU A 920 -6.59 -29.43 7.79
C LEU A 920 -7.29 -28.83 6.58
N PHE A 921 -8.44 -28.20 6.80
CA PHE A 921 -9.14 -27.56 5.70
C PHE A 921 -8.33 -26.39 5.12
N ARG A 922 -7.67 -25.61 5.96
CA ARG A 922 -6.84 -24.52 5.44
C ARG A 922 -5.70 -25.04 4.59
N HIS A 923 -5.04 -26.11 5.05
CA HIS A 923 -3.95 -26.68 4.27
C HIS A 923 -4.46 -27.24 2.95
N THR A 924 -5.63 -27.89 2.97
CA THR A 924 -6.22 -28.39 1.74
C THR A 924 -6.53 -27.27 0.75
N THR A 925 -7.11 -26.16 1.24
CA THR A 925 -7.39 -25.05 0.35
C THR A 925 -6.11 -24.46 -0.22
N GLU A 926 -5.07 -24.34 0.60
CA GLU A 926 -3.81 -23.82 0.09
C GLU A 926 -3.21 -24.73 -0.97
N LEU A 927 -3.37 -26.04 -0.83
CA LEU A 927 -2.71 -26.93 -1.77
C LEU A 927 -3.14 -26.79 -3.24
N ASN A 928 -4.42 -27.10 -3.55
CA ASN A 928 -4.81 -27.11 -4.95
C ASN A 928 -6.20 -26.53 -5.27
N MET A 929 -6.84 -25.83 -4.34
CA MET A 929 -8.09 -25.10 -4.64
C MET A 929 -9.17 -26.05 -5.18
N HIS A 930 -9.59 -26.98 -4.33
CA HIS A 930 -10.75 -27.80 -4.65
C HIS A 930 -11.99 -27.28 -3.96
N THR A 931 -13.15 -27.59 -4.55
CA THR A 931 -14.42 -27.03 -4.12
C THR A 931 -14.82 -27.46 -2.71
N GLU A 932 -14.63 -28.73 -2.38
CA GLU A 932 -15.07 -29.23 -1.07
C GLU A 932 -14.29 -28.58 0.06
N GLY A 933 -12.96 -28.55 -0.06
CA GLY A 933 -12.15 -27.87 0.94
C GLY A 933 -12.45 -26.39 1.01
N ALA A 934 -12.76 -25.79 -0.15
CA ALA A 934 -13.14 -24.38 -0.18
C ALA A 934 -14.37 -24.13 0.67
N LEU A 935 -15.44 -24.90 0.43
CA LEU A 935 -16.68 -24.71 1.19
C LEU A 935 -16.46 -24.99 2.67
N GLY A 936 -15.69 -26.04 2.99
CA GLY A 936 -15.46 -26.36 4.39
C GLY A 936 -14.71 -25.26 5.12
N TYR A 937 -13.63 -24.75 4.50
CA TYR A 937 -12.87 -23.68 5.12
C TYR A 937 -13.70 -22.42 5.29
N ALA A 938 -14.49 -22.07 4.27
CA ALA A 938 -15.33 -20.88 4.38
C ALA A 938 -16.35 -21.03 5.50
N TYR A 939 -17.00 -22.19 5.58
CA TYR A 939 -17.99 -22.40 6.63
C TYR A 939 -17.35 -22.33 8.01
N TRP A 940 -16.20 -22.97 8.18
CA TRP A 940 -15.54 -22.96 9.50
C TRP A 940 -15.10 -21.57 9.89
N VAL A 941 -14.53 -20.80 8.95
CA VAL A 941 -14.12 -19.44 9.27
C VAL A 941 -15.33 -18.58 9.65
N CYS A 942 -16.42 -18.71 8.90
CA CYS A 942 -17.62 -17.92 9.21
C CYS A 942 -18.17 -18.28 10.58
N THR A 943 -18.22 -19.59 10.91
CA THR A 943 -18.73 -20.00 12.20
C THR A 943 -17.83 -19.50 13.34
N THR A 944 -16.52 -19.61 13.17
CA THR A 944 -15.60 -19.14 14.20
C THR A 944 -15.72 -17.64 14.42
N LEU A 945 -15.87 -16.88 13.34
CA LEU A 945 -16.10 -15.44 13.46
C LEU A 945 -17.42 -15.13 14.15
N GLN A 946 -18.46 -15.90 13.85
CA GLN A 946 -19.78 -15.62 14.41
C GLN A 946 -19.80 -15.73 15.94
N ASP A 947 -19.17 -16.75 16.50
CA ASP A 947 -19.15 -16.86 17.96
C ASP A 947 -18.33 -15.72 18.55
N LYS A 948 -18.89 -15.05 19.55
CA LYS A 948 -18.29 -13.84 20.10
C LYS A 948 -17.64 -14.04 21.46
N SER A 949 -17.65 -15.25 22.01
CA SER A 949 -17.05 -15.48 23.31
C SER A 949 -15.66 -16.09 23.21
N ASN A 950 -15.10 -16.17 22.00
CA ASN A 950 -13.81 -16.80 21.76
C ASN A 950 -12.67 -15.78 21.66
N ARG A 951 -12.94 -14.51 21.96
CA ARG A 951 -12.03 -13.43 21.57
C ARG A 951 -10.64 -13.56 22.18
N GLU A 952 -10.51 -14.28 23.30
CA GLU A 952 -9.22 -14.40 23.98
C GLU A 952 -8.89 -15.84 24.32
N THR A 953 -9.47 -16.81 23.62
CA THR A 953 -9.29 -18.22 23.96
C THR A 953 -8.02 -18.80 23.35
N GLU A 954 -7.25 -17.98 22.62
CA GLU A 954 -6.01 -18.32 21.91
C GLU A 954 -6.29 -19.23 20.71
N LEU A 955 -7.53 -19.63 20.49
CA LEU A 955 -7.91 -20.31 19.26
C LEU A 955 -8.37 -19.31 18.20
N TYR A 956 -9.27 -18.39 18.56
CA TYR A 956 -9.66 -17.32 17.67
C TYR A 956 -8.46 -16.45 17.29
N GLN A 957 -7.64 -16.09 18.29
CA GLN A 957 -6.49 -15.23 18.03
C GLN A 957 -5.59 -15.83 16.96
N TYR A 958 -5.05 -17.03 17.23
CA TYR A 958 -4.15 -17.67 16.28
C TYR A 958 -4.84 -17.93 14.95
N ASN A 959 -6.01 -18.58 14.99
CA ASN A 959 -6.68 -18.98 13.76
C ASN A 959 -6.98 -17.81 12.84
N ILE A 960 -7.49 -16.70 13.39
CA ILE A 960 -8.03 -15.62 12.57
C ILE A 960 -7.13 -14.39 12.50
N LEU A 961 -5.97 -14.40 13.18
CA LEU A 961 -5.14 -13.21 13.04
C LEU A 961 -3.75 -13.46 12.50
N GLN A 962 -3.08 -14.53 12.91
CA GLN A 962 -1.73 -14.76 12.42
C GLN A 962 -1.72 -15.32 11.00
N MET A 963 -2.72 -16.12 10.66
CA MET A 963 -2.83 -16.71 9.33
C MET A 963 -3.61 -15.85 8.34
N ASN A 964 -4.25 -14.76 8.79
CA ASN A 964 -5.04 -13.89 7.93
C ASN A 964 -6.12 -14.68 7.18
N ALA A 965 -7.01 -15.28 7.97
CA ALA A 965 -8.00 -16.21 7.42
C ALA A 965 -9.02 -15.50 6.54
N ILE A 966 -9.42 -14.28 6.91
CA ILE A 966 -10.53 -13.62 6.23
C ILE A 966 -10.24 -13.33 4.75
N PRO A 967 -9.10 -12.72 4.39
CA PRO A 967 -8.86 -12.48 2.95
C PRO A 967 -8.76 -13.75 2.12
N ALA A 968 -8.08 -14.77 2.66
CA ALA A 968 -7.99 -16.04 1.95
C ALA A 968 -9.36 -16.67 1.77
N ALA A 969 -10.19 -16.61 2.80
CA ALA A 969 -11.55 -17.12 2.70
C ALA A 969 -12.35 -16.34 1.65
N GLN A 970 -12.15 -15.03 1.58
CA GLN A 970 -12.85 -14.21 0.59
C GLN A 970 -12.46 -14.63 -0.83
N VAL A 971 -11.16 -14.79 -1.08
CA VAL A 971 -10.70 -15.22 -2.40
C VAL A 971 -11.24 -16.60 -2.73
N ILE A 972 -11.19 -17.50 -1.74
CA ILE A 972 -11.68 -18.87 -1.91
C ILE A 972 -13.16 -18.85 -2.31
N LEU A 973 -13.96 -18.05 -1.60
CA LEU A 973 -15.38 -17.97 -1.90
C LEU A 973 -15.64 -17.34 -3.25
N ASN A 974 -14.83 -16.36 -3.67
CA ASN A 974 -14.99 -15.82 -5.01
C ASN A 974 -14.79 -16.89 -6.07
N LYS A 975 -13.73 -17.68 -5.93
CA LYS A 975 -13.50 -18.75 -6.90
C LYS A 975 -14.63 -19.77 -6.87
N TYR A 976 -15.08 -20.15 -5.67
CA TYR A 976 -16.16 -21.13 -5.55
C TYR A 976 -17.45 -20.62 -6.20
N VAL A 977 -17.79 -19.36 -5.96
CA VAL A 977 -19.03 -18.83 -6.50
C VAL A 977 -18.92 -18.67 -8.01
N GLU A 978 -17.70 -18.42 -8.52
CA GLU A 978 -17.53 -18.44 -9.97
C GLU A 978 -17.79 -19.82 -10.55
N ARG A 979 -17.28 -20.87 -9.90
CA ARG A 979 -17.43 -22.21 -10.47
C ARG A 979 -18.88 -22.71 -10.37
N ILE A 980 -19.52 -22.54 -9.22
CA ILE A 980 -20.81 -23.18 -8.97
C ILE A 980 -21.97 -22.24 -9.25
N GLN A 981 -22.00 -21.10 -8.55
CA GLN A 981 -22.95 -20.01 -8.77
C GLN A 981 -24.41 -20.47 -8.72
N ASN A 982 -24.69 -21.50 -7.91
CA ASN A 982 -26.07 -21.84 -7.60
C ASN A 982 -26.24 -22.18 -6.12
N TYR A 983 -25.43 -21.58 -5.25
CA TYR A 983 -25.49 -21.86 -3.81
C TYR A 983 -25.74 -20.56 -3.06
N ALA A 984 -27.00 -20.35 -2.64
CA ALA A 984 -27.33 -19.15 -1.86
C ALA A 984 -26.54 -19.01 -0.56
N PRO A 985 -26.34 -20.07 0.23
CA PRO A 985 -25.48 -19.92 1.42
C PRO A 985 -24.08 -19.42 1.10
N ALA A 986 -23.50 -19.86 -0.01
CA ALA A 986 -22.19 -19.35 -0.41
C ALA A 986 -22.25 -17.87 -0.69
N PHE A 987 -23.32 -17.41 -1.35
CA PHE A 987 -23.47 -15.98 -1.62
C PHE A 987 -23.58 -15.18 -0.32
N THR A 988 -24.35 -15.70 0.65
CA THR A 988 -24.49 -14.98 1.91
C THR A 988 -23.18 -14.97 2.70
N MET A 989 -22.43 -16.06 2.68
CA MET A 989 -21.13 -16.09 3.33
C MET A 989 -20.16 -15.10 2.68
N LEU A 990 -20.15 -15.04 1.35
CA LEU A 990 -19.31 -14.08 0.66
C LEU A 990 -19.69 -12.66 1.01
N GLY A 991 -20.99 -12.37 1.09
CA GLY A 991 -21.43 -11.04 1.48
C GLY A 991 -21.00 -10.68 2.90
N TYR A 992 -21.11 -11.63 3.82
CA TYR A 992 -20.70 -11.40 5.20
C TYR A 992 -19.19 -11.11 5.29
N LEU A 993 -18.39 -11.88 4.55
CA LEU A 993 -16.95 -11.67 4.53
C LEU A 993 -16.59 -10.32 3.92
N ASN A 994 -17.30 -9.95 2.85
CA ASN A 994 -17.08 -8.64 2.23
C ASN A 994 -17.46 -7.52 3.19
N GLU A 995 -18.51 -7.73 3.98
CA GLU A 995 -18.85 -6.76 5.01
C GLU A 995 -17.72 -6.58 6.01
N HIS A 996 -17.09 -7.69 6.43
CA HIS A 996 -15.95 -7.53 7.35
C HIS A 996 -14.77 -6.80 6.72
N LEU A 997 -14.61 -6.90 5.40
CA LEU A 997 -13.49 -6.25 4.72
C LEU A 997 -13.80 -4.84 4.24
N GLN A 998 -14.97 -4.29 4.56
CA GLN A 998 -15.38 -2.96 4.10
C GLN A 998 -15.35 -2.90 2.57
N LEU A 999 -16.09 -3.82 1.97
CA LEU A 999 -16.23 -4.01 0.53
C LEU A 999 -17.70 -3.99 0.17
N LYS A 1000 -18.40 -2.98 0.69
CA LYS A 1000 -19.86 -2.95 0.74
C LYS A 1000 -20.52 -3.15 -0.61
N LYS A 1001 -19.92 -2.65 -1.69
CA LYS A 1001 -20.52 -2.84 -3.01
C LYS A 1001 -20.55 -4.32 -3.40
N GLU A 1002 -19.44 -5.03 -3.18
CA GLU A 1002 -19.41 -6.46 -3.46
C GLU A 1002 -20.40 -7.21 -2.57
N ALA A 1003 -20.50 -6.81 -1.30
CA ALA A 1003 -21.46 -7.44 -0.40
C ALA A 1003 -22.89 -7.25 -0.90
N ALA A 1004 -23.21 -6.03 -1.36
CA ALA A 1004 -24.54 -5.76 -1.88
C ALA A 1004 -24.82 -6.59 -3.13
N ASN A 1005 -23.83 -6.72 -4.02
CA ASN A 1005 -24.02 -7.54 -5.21
C ASN A 1005 -24.26 -9.00 -4.84
N ALA A 1006 -23.49 -9.52 -3.89
CA ALA A 1006 -23.67 -10.91 -3.46
C ALA A 1006 -25.05 -11.11 -2.84
N TYR A 1007 -25.50 -10.15 -2.02
CA TYR A 1007 -26.83 -10.27 -1.42
C TYR A 1007 -27.92 -10.21 -2.48
N GLN A 1008 -27.73 -9.38 -3.51
CA GLN A 1008 -28.69 -9.30 -4.59
C GLN A 1008 -28.79 -10.62 -5.35
N ARG A 1009 -27.64 -11.24 -5.66
CA ARG A 1009 -27.68 -12.53 -6.33
C ARG A 1009 -28.30 -13.61 -5.45
N ALA A 1010 -28.00 -13.59 -4.15
CA ALA A 1010 -28.64 -14.54 -3.24
C ALA A 1010 -30.15 -14.34 -3.21
N ILE A 1011 -30.61 -13.09 -3.28
CA ILE A 1011 -32.04 -12.81 -3.31
C ILE A 1011 -32.66 -13.39 -4.57
N LEU A 1012 -32.02 -13.17 -5.72
CA LEU A 1012 -32.54 -13.69 -6.97
C LEU A 1012 -32.61 -15.21 -6.94
N LEU A 1013 -31.60 -15.85 -6.35
CA LEU A 1013 -31.61 -17.31 -6.24
C LEU A 1013 -32.69 -17.80 -5.28
N LEU A 1014 -32.93 -17.08 -4.19
CA LEU A 1014 -33.80 -17.53 -3.10
C LEU A 1014 -35.27 -17.19 -3.28
N GLN A 1015 -35.64 -16.45 -4.32
CA GLN A 1015 -37.05 -16.04 -4.47
C GLN A 1015 -37.96 -17.26 -4.59
N THR A 1016 -37.50 -18.32 -5.27
CA THR A 1016 -38.27 -19.55 -5.43
C THR A 1016 -37.88 -20.57 -4.35
N ALA A 1017 -38.08 -20.15 -3.09
CA ALA A 1017 -37.72 -20.97 -1.95
C ALA A 1017 -38.81 -20.99 -0.90
N GLU A 1018 -38.51 -21.59 0.26
CA GLU A 1018 -39.50 -21.71 1.33
C GLU A 1018 -39.84 -20.36 1.95
N ASP A 1019 -38.89 -19.43 1.93
CA ASP A 1019 -38.92 -17.96 2.16
C ASP A 1019 -39.17 -17.55 3.60
N GLN A 1020 -39.11 -18.46 4.56
CA GLN A 1020 -39.38 -18.06 5.95
C GLN A 1020 -38.19 -17.31 6.55
N ASP A 1021 -37.02 -17.94 6.62
CA ASP A 1021 -35.84 -17.33 7.21
C ASP A 1021 -34.79 -16.90 6.20
N THR A 1022 -34.56 -17.69 5.15
CA THR A 1022 -33.48 -17.42 4.22
C THR A 1022 -33.75 -16.16 3.40
N TYR A 1023 -34.95 -16.05 2.82
CA TYR A 1023 -35.23 -14.99 1.87
C TYR A 1023 -35.46 -13.65 2.58
N ASN A 1024 -36.14 -13.66 3.73
CA ASN A 1024 -36.37 -12.42 4.44
C ASN A 1024 -35.06 -11.84 4.96
N VAL A 1025 -34.19 -12.71 5.49
CA VAL A 1025 -32.88 -12.27 5.97
C VAL A 1025 -32.04 -11.75 4.80
N ALA A 1026 -32.13 -12.41 3.64
CA ALA A 1026 -31.41 -11.90 2.46
C ALA A 1026 -31.90 -10.51 2.07
N ILE A 1027 -33.23 -10.30 2.09
CA ILE A 1027 -33.79 -8.99 1.78
C ILE A 1027 -33.27 -7.96 2.78
N ARG A 1028 -33.30 -8.29 4.07
CA ARG A 1028 -32.89 -7.35 5.09
C ARG A 1028 -31.41 -6.99 4.96
N ASN A 1029 -30.55 -7.97 4.69
CA ASN A 1029 -29.13 -7.68 4.55
C ASN A 1029 -28.86 -6.83 3.31
N TYR A 1030 -29.54 -7.15 2.21
CA TYR A 1030 -29.39 -6.35 0.99
C TYR A 1030 -29.83 -4.92 1.24
N GLY A 1031 -30.95 -4.74 1.94
CA GLY A 1031 -31.41 -3.39 2.26
C GLY A 1031 -30.42 -2.62 3.11
N ARG A 1032 -29.86 -3.28 4.14
CA ARG A 1032 -28.89 -2.60 5.00
C ARG A 1032 -27.66 -2.17 4.21
N LEU A 1033 -27.11 -3.08 3.40
CA LEU A 1033 -25.92 -2.73 2.62
C LEU A 1033 -26.24 -1.64 1.60
N LEU A 1034 -27.39 -1.72 0.94
CA LEU A 1034 -27.78 -0.72 -0.03
C LEU A 1034 -27.93 0.65 0.62
N CYS A 1035 -28.55 0.70 1.79
CA CYS A 1035 -28.69 1.96 2.52
C CYS A 1035 -27.33 2.51 2.92
N SER A 1036 -26.40 1.64 3.33
CA SER A 1036 -25.07 2.12 3.71
C SER A 1036 -24.37 2.81 2.55
N THR A 1037 -24.51 2.28 1.33
CA THR A 1037 -23.93 2.91 0.14
C THR A 1037 -24.97 3.78 -0.57
N GLY A 1038 -25.41 4.84 0.11
CA GLY A 1038 -26.38 5.74 -0.49
C GLY A 1038 -27.69 5.06 -0.80
N GLU A 1039 -28.21 5.33 -2.01
CA GLU A 1039 -29.37 4.63 -2.58
C GLU A 1039 -30.52 4.48 -1.60
N TYR A 1040 -30.95 5.61 -1.03
CA TYR A 1040 -31.93 5.56 0.04
C TYR A 1040 -33.29 5.10 -0.46
N ASP A 1041 -33.67 5.50 -1.69
CA ASP A 1041 -34.93 5.06 -2.26
C ASP A 1041 -34.95 3.54 -2.46
N LYS A 1042 -33.86 2.97 -2.96
CA LYS A 1042 -33.79 1.53 -3.14
C LYS A 1042 -33.84 0.81 -1.80
N ALA A 1043 -33.18 1.36 -0.78
CA ALA A 1043 -33.25 0.76 0.55
C ALA A 1043 -34.68 0.80 1.10
N ILE A 1044 -35.39 1.91 0.89
CA ILE A 1044 -36.78 2.00 1.34
C ILE A 1044 -37.64 0.97 0.63
N GLN A 1045 -37.44 0.81 -0.69
CA GLN A 1045 -38.20 -0.20 -1.42
C GLN A 1045 -37.89 -1.60 -0.91
N ALA A 1046 -36.61 -1.90 -0.68
CA ALA A 1046 -36.22 -3.22 -0.21
C ALA A 1046 -36.82 -3.52 1.16
N PHE A 1047 -36.82 -2.54 2.06
CA PHE A 1047 -37.43 -2.73 3.38
C PHE A 1047 -38.94 -2.71 3.33
N LYS A 1048 -39.54 -2.20 2.25
CA LYS A 1048 -40.99 -2.31 2.10
C LYS A 1048 -41.40 -3.73 1.75
N SER A 1049 -40.61 -4.42 0.94
CA SER A 1049 -40.96 -5.77 0.51
C SER A 1049 -40.56 -6.84 1.54
N THR A 1050 -41.03 -6.68 2.77
CA THR A 1050 -40.78 -7.67 3.82
C THR A 1050 -41.77 -7.43 4.95
N PRO A 1051 -42.17 -8.47 5.67
CA PRO A 1051 -43.06 -8.25 6.83
C PRO A 1051 -42.35 -7.55 7.97
N LEU A 1052 -42.79 -6.33 8.29
CA LEU A 1052 -42.17 -5.52 9.34
C LEU A 1052 -42.73 -5.94 10.70
N GLU A 1053 -42.32 -7.13 11.13
CA GLU A 1053 -42.72 -7.67 12.41
C GLU A 1053 -41.55 -8.03 13.31
N VAL A 1054 -40.32 -7.83 12.86
CA VAL A 1054 -39.13 -8.17 13.64
C VAL A 1054 -38.37 -6.88 13.97
N LEU A 1055 -37.63 -6.92 15.08
CA LEU A 1055 -36.91 -5.74 15.54
C LEU A 1055 -35.88 -5.29 14.52
N GLU A 1056 -35.16 -6.22 13.92
CA GLU A 1056 -34.11 -5.89 12.94
C GLU A 1056 -34.70 -5.16 11.73
N ASP A 1057 -35.78 -5.68 11.16
CA ASP A 1057 -36.37 -5.04 10.00
C ASP A 1057 -36.89 -3.66 10.35
N ILE A 1058 -37.56 -3.51 11.49
CA ILE A 1058 -38.10 -2.22 11.88
C ILE A 1058 -36.98 -1.20 12.09
N ILE A 1059 -35.89 -1.60 12.75
CA ILE A 1059 -34.82 -0.65 13.01
C ILE A 1059 -34.11 -0.26 11.71
N GLY A 1060 -33.87 -1.23 10.82
CA GLY A 1060 -33.29 -0.88 9.53
C GLY A 1060 -34.18 0.04 8.71
N PHE A 1061 -35.49 -0.22 8.72
CA PHE A 1061 -36.41 0.66 8.03
C PHE A 1061 -36.38 2.07 8.61
N ALA A 1062 -36.33 2.17 9.94
CA ALA A 1062 -36.25 3.48 10.58
C ALA A 1062 -34.98 4.21 10.21
N LEU A 1063 -33.84 3.51 10.20
CA LEU A 1063 -32.59 4.16 9.84
C LEU A 1063 -32.60 4.63 8.39
N ALA A 1064 -33.10 3.80 7.48
CA ALA A 1064 -33.17 4.23 6.08
C ALA A 1064 -34.10 5.43 5.92
N LEU A 1065 -35.23 5.42 6.62
CA LEU A 1065 -36.16 6.54 6.55
C LEU A 1065 -35.51 7.82 7.06
N PHE A 1066 -34.79 7.72 8.19
CA PHE A 1066 -34.11 8.90 8.73
C PHE A 1066 -33.04 9.40 7.77
N MET A 1067 -32.29 8.48 7.16
CA MET A 1067 -31.25 8.90 6.24
C MET A 1067 -31.84 9.63 5.05
N LYS A 1068 -32.97 9.15 4.52
CA LYS A 1068 -33.62 9.84 3.42
C LYS A 1068 -34.28 11.14 3.87
N GLY A 1069 -34.78 11.18 5.10
CA GLY A 1069 -35.53 12.32 5.60
C GLY A 1069 -36.63 11.84 6.53
N LEU A 1070 -37.87 12.26 6.26
CA LEU A 1070 -39.08 11.65 6.83
C LEU A 1070 -38.91 11.30 8.31
N TYR A 1071 -38.59 12.32 9.09
CA TYR A 1071 -38.30 12.12 10.52
C TYR A 1071 -39.54 11.63 11.28
N LYS A 1072 -40.74 12.03 10.84
CA LYS A 1072 -41.95 11.56 11.51
C LYS A 1072 -42.12 10.05 11.35
N GLU A 1073 -41.94 9.53 10.13
CA GLU A 1073 -42.03 8.09 9.93
C GLU A 1073 -40.92 7.36 10.66
N SER A 1074 -39.72 7.94 10.71
CA SER A 1074 -38.63 7.35 11.46
C SER A 1074 -38.98 7.24 12.94
N SER A 1075 -39.57 8.30 13.50
CA SER A 1075 -39.97 8.27 14.90
C SER A 1075 -41.07 7.23 15.13
N LYS A 1076 -42.01 7.10 14.20
CA LYS A 1076 -43.04 6.09 14.32
C LYS A 1076 -42.44 4.68 14.34
N ALA A 1077 -41.52 4.41 13.43
CA ALA A 1077 -40.88 3.09 13.41
C ALA A 1077 -40.07 2.83 14.66
N TYR A 1078 -39.36 3.86 15.15
CA TYR A 1078 -38.60 3.68 16.39
C TYR A 1078 -39.52 3.42 17.58
N GLU A 1079 -40.68 4.08 17.62
CA GLU A 1079 -41.65 3.80 18.68
C GLU A 1079 -42.18 2.37 18.58
N ARG A 1080 -42.43 1.89 17.36
CA ARG A 1080 -42.83 0.50 17.20
C ARG A 1080 -41.77 -0.46 17.72
N ALA A 1081 -40.50 -0.19 17.39
CA ALA A 1081 -39.42 -1.03 17.89
C ALA A 1081 -39.33 -0.97 19.41
N LEU A 1082 -39.54 0.22 19.98
CA LEU A 1082 -39.55 0.38 21.43
C LEU A 1082 -40.67 -0.45 22.05
N SER A 1083 -41.85 -0.46 21.42
CA SER A 1083 -42.92 -1.30 21.93
C SER A 1083 -42.51 -2.77 21.90
N ILE A 1084 -41.84 -3.19 20.83
CA ILE A 1084 -41.41 -4.58 20.70
C ILE A 1084 -40.19 -4.91 21.57
N VAL A 1085 -39.37 -3.91 21.90
CA VAL A 1085 -37.99 -4.15 22.36
C VAL A 1085 -37.93 -5.09 23.57
N GLU A 1086 -36.82 -5.82 23.66
CA GLU A 1086 -36.33 -6.48 24.86
C GLU A 1086 -34.82 -6.21 24.89
N SER A 1087 -34.07 -6.89 25.76
CA SER A 1087 -32.62 -6.74 25.74
C SER A 1087 -32.22 -5.27 25.94
N GLU A 1088 -32.53 -4.80 27.15
CA GLU A 1088 -32.60 -3.39 27.56
C GLU A 1088 -31.52 -2.50 26.98
N GLN A 1089 -30.27 -2.96 26.87
CA GLN A 1089 -29.27 -2.16 26.16
C GLN A 1089 -29.80 -1.69 24.81
N ASP A 1090 -30.48 -2.57 24.08
CA ASP A 1090 -31.09 -2.19 22.81
C ASP A 1090 -32.15 -1.12 23.02
N LYS A 1091 -32.93 -1.23 24.10
CA LYS A 1091 -33.94 -0.24 24.41
C LYS A 1091 -33.31 1.14 24.64
N ALA A 1092 -32.19 1.17 25.38
CA ALA A 1092 -31.50 2.42 25.62
C ALA A 1092 -30.97 3.02 24.32
N HIS A 1093 -30.45 2.17 23.44
CA HIS A 1093 -29.96 2.66 22.15
C HIS A 1093 -31.11 3.20 21.30
N ILE A 1094 -32.28 2.54 21.36
CA ILE A 1094 -33.45 3.02 20.64
C ILE A 1094 -33.90 4.37 21.20
N LEU A 1095 -33.87 4.52 22.52
CA LEU A 1095 -34.20 5.80 23.14
C LEU A 1095 -33.24 6.89 22.66
N THR A 1096 -31.95 6.59 22.60
CA THR A 1096 -30.97 7.56 22.12
C THR A 1096 -31.26 7.95 20.67
N ALA A 1097 -31.56 6.97 19.83
CA ALA A 1097 -31.89 7.27 18.44
C ALA A 1097 -33.14 8.14 18.34
N LEU A 1098 -34.15 7.83 19.15
CA LEU A 1098 -35.36 8.65 19.18
C LEU A 1098 -35.05 10.08 19.58
N ALA A 1099 -34.19 10.25 20.60
CA ALA A 1099 -33.80 11.61 21.00
C ALA A 1099 -33.08 12.32 19.85
N ILE A 1100 -32.22 11.59 19.13
CA ILE A 1100 -31.48 12.20 18.03
C ILE A 1100 -32.43 12.67 16.94
N THR A 1101 -33.39 11.82 16.55
CA THR A 1101 -34.30 12.21 15.48
C THR A 1101 -35.23 13.33 15.94
N GLU A 1102 -35.66 13.32 17.20
CA GLU A 1102 -36.47 14.43 17.72
C GLU A 1102 -35.70 15.74 17.66
N TYR A 1103 -34.42 15.71 18.04
CA TYR A 1103 -33.58 16.90 17.94
C TYR A 1103 -33.43 17.36 16.50
N LYS A 1104 -33.28 16.43 15.56
CA LYS A 1104 -33.19 16.81 14.16
C LYS A 1104 -34.45 17.54 13.69
N GLN A 1105 -35.59 17.26 14.32
CA GLN A 1105 -36.83 18.00 14.08
C GLN A 1105 -36.94 19.28 14.90
N GLY A 1106 -35.83 19.79 15.44
CA GLY A 1106 -35.91 20.86 16.42
C GLY A 1106 -36.37 20.30 17.75
N LYS A 1107 -37.28 20.99 18.43
CA LYS A 1107 -37.99 20.45 19.59
C LYS A 1107 -37.02 19.78 20.58
N THR A 1108 -36.09 20.59 21.10
CA THR A 1108 -35.01 20.04 21.91
C THR A 1108 -35.51 19.55 23.27
N ASP A 1109 -36.65 20.05 23.75
CA ASP A 1109 -37.11 19.69 25.09
C ASP A 1109 -37.50 18.22 25.16
N VAL A 1110 -38.17 17.70 24.13
CA VAL A 1110 -38.58 16.30 24.16
C VAL A 1110 -37.36 15.39 24.06
N ALA A 1111 -36.36 15.77 23.26
CA ALA A 1111 -35.12 14.99 23.21
C ALA A 1111 -34.40 15.02 24.55
N LYS A 1112 -34.42 16.17 25.23
CA LYS A 1112 -33.83 16.25 26.56
C LYS A 1112 -34.56 15.32 27.54
N THR A 1113 -35.89 15.28 27.48
CA THR A 1113 -36.64 14.40 28.36
C THR A 1113 -36.39 12.94 28.05
N LEU A 1114 -36.21 12.61 26.75
CA LEU A 1114 -35.89 11.24 26.38
C LEU A 1114 -34.52 10.82 26.90
N LEU A 1115 -33.54 11.72 26.80
CA LEU A 1115 -32.21 11.41 27.32
C LEU A 1115 -32.23 11.30 28.84
N PHE A 1116 -33.02 12.14 29.51
CA PHE A 1116 -33.16 12.02 30.95
C PHE A 1116 -33.80 10.69 31.33
N LYS A 1117 -34.81 10.26 30.57
CA LYS A 1117 -35.42 8.96 30.78
C LYS A 1117 -34.41 7.83 30.61
N CYS A 1118 -33.56 7.94 29.59
CA CYS A 1118 -32.52 6.93 29.42
C CYS A 1118 -31.55 6.93 30.61
N SER A 1119 -31.22 8.12 31.13
CA SER A 1119 -30.34 8.20 32.29
C SER A 1119 -30.96 7.61 33.56
N ILE A 1120 -32.27 7.78 33.75
CA ILE A 1120 -32.91 7.26 34.96
C ILE A 1120 -32.86 5.74 35.02
N LEU A 1121 -32.76 5.08 33.86
CA LEU A 1121 -32.78 3.63 33.75
C LEU A 1121 -31.70 2.99 34.63
N LYS A 1122 -31.89 1.71 34.97
CA LYS A 1122 -31.09 1.05 36.00
C LYS A 1122 -29.60 1.19 35.73
N GLU A 1123 -29.19 1.11 34.48
CA GLU A 1123 -27.77 1.27 34.18
C GLU A 1123 -27.61 2.08 32.90
N PRO A 1124 -27.10 3.31 32.99
CA PRO A 1124 -26.89 4.12 31.78
C PRO A 1124 -25.87 3.48 30.86
N THR A 1125 -25.92 3.88 29.60
CA THR A 1125 -24.96 3.46 28.60
C THR A 1125 -24.10 4.66 28.19
N THR A 1126 -22.88 4.37 27.76
CA THR A 1126 -21.93 5.43 27.45
C THR A 1126 -22.42 6.30 26.30
N GLU A 1127 -23.08 5.68 25.31
CA GLU A 1127 -23.56 6.44 24.16
C GLU A 1127 -24.62 7.45 24.57
N SER A 1128 -25.52 7.07 25.49
CA SER A 1128 -26.57 7.99 25.89
C SER A 1128 -25.98 9.20 26.61
N LEU A 1129 -25.01 8.98 27.51
CA LEU A 1129 -24.38 10.09 28.22
C LEU A 1129 -23.61 10.99 27.26
N GLN A 1130 -22.89 10.40 26.29
CA GLN A 1130 -22.18 11.20 25.31
C GLN A 1130 -23.13 12.03 24.47
N ALA A 1131 -24.27 11.42 24.07
CA ALA A 1131 -25.27 12.15 23.31
C ALA A 1131 -25.85 13.30 24.13
N LEU A 1132 -26.10 13.07 25.42
CA LEU A 1132 -26.62 14.13 26.28
C LEU A 1132 -25.63 15.27 26.42
N CYS A 1133 -24.35 14.94 26.62
CA CYS A 1133 -23.33 15.99 26.73
C CYS A 1133 -23.23 16.79 25.43
N ALA A 1134 -23.24 16.11 24.29
CA ALA A 1134 -23.16 16.81 23.01
C ALA A 1134 -24.40 17.67 22.75
N LEU A 1135 -25.58 17.17 23.15
CA LEU A 1135 -26.80 17.97 23.01
C LEU A 1135 -26.74 19.21 23.88
N GLY A 1136 -26.26 19.07 25.11
CA GLY A 1136 -26.08 20.24 25.95
C GLY A 1136 -25.08 21.22 25.35
N LEU A 1137 -24.06 20.69 24.68
CA LEU A 1137 -23.09 21.55 24.00
C LEU A 1137 -23.73 22.28 22.83
N ALA A 1138 -24.66 21.64 22.13
CA ALA A 1138 -25.33 22.27 20.99
C ALA A 1138 -26.06 23.53 21.43
N MET A 1139 -26.77 23.46 22.55
CA MET A 1139 -27.34 24.64 23.17
C MET A 1139 -26.29 25.36 24.00
N GLN A 1140 -26.63 26.56 24.46
CA GLN A 1140 -25.73 27.38 25.27
C GLN A 1140 -25.95 27.21 26.76
N ASP A 1141 -26.56 26.09 27.19
CA ASP A 1141 -26.84 25.91 28.61
C ASP A 1141 -25.56 25.70 29.41
N ALA A 1142 -24.73 24.75 29.00
CA ALA A 1142 -23.39 24.48 29.51
C ALA A 1142 -23.39 23.94 30.93
N THR A 1143 -24.54 23.75 31.56
CA THR A 1143 -24.62 23.15 32.88
C THR A 1143 -25.04 21.69 32.84
N LEU A 1144 -26.06 21.37 32.04
CA LEU A 1144 -26.41 19.96 31.81
C LEU A 1144 -25.23 19.18 31.25
N SER A 1145 -24.45 19.83 30.39
CA SER A 1145 -23.25 19.19 29.84
C SER A 1145 -22.25 18.86 30.92
N LYS A 1146 -22.05 19.77 31.88
CA LYS A 1146 -21.14 19.52 32.99
C LYS A 1146 -21.61 18.33 33.82
N ALA A 1147 -22.91 18.26 34.10
CA ALA A 1147 -23.45 17.13 34.86
C ALA A 1147 -23.26 15.82 34.11
N ALA A 1148 -23.51 15.82 32.80
CA ALA A 1148 -23.34 14.60 32.02
C ALA A 1148 -21.87 14.17 31.98
N LEU A 1149 -20.96 15.14 31.85
CA LEU A 1149 -19.53 14.81 31.87
C LEU A 1149 -19.11 14.25 33.22
N ASN A 1150 -19.65 14.82 34.31
CA ASN A 1150 -19.38 14.27 35.64
C ASN A 1150 -19.88 12.84 35.75
N GLU A 1151 -21.09 12.58 35.23
CA GLU A 1151 -21.61 11.22 35.23
C GLU A 1151 -20.70 10.27 34.46
N LEU A 1152 -20.23 10.70 33.29
CA LEU A 1152 -19.35 9.84 32.49
C LEU A 1152 -18.05 9.57 33.24
N LEU A 1153 -17.48 10.58 33.89
CA LEU A 1153 -16.21 10.37 34.57
C LEU A 1153 -16.39 9.52 35.83
N LYS A 1154 -17.56 9.59 36.47
CA LYS A 1154 -17.72 8.98 37.79
C LYS A 1154 -17.58 7.46 37.73
N HIS A 1155 -18.33 6.79 36.83
CA HIS A 1155 -18.48 5.35 36.91
C HIS A 1155 -18.30 4.66 35.58
N ILE A 1156 -17.70 5.32 34.59
CA ILE A 1156 -17.47 4.73 33.27
C ILE A 1156 -15.98 4.71 33.03
N LYS A 1157 -15.41 3.50 32.94
CA LYS A 1157 -13.99 3.33 32.65
C LYS A 1157 -13.72 2.32 31.54
N HIS A 1158 -14.66 1.46 31.19
CA HIS A 1158 -14.42 0.46 30.16
C HIS A 1158 -14.26 1.06 28.77
N LYS A 1159 -14.66 2.32 28.57
CA LYS A 1159 -14.45 2.97 27.29
C LYS A 1159 -12.96 3.13 27.02
N ASP A 1160 -12.57 2.84 25.79
CA ASP A 1160 -11.16 2.84 25.39
C ASP A 1160 -10.87 3.90 24.34
N SER A 1161 -11.45 5.09 24.50
CA SER A 1161 -11.25 6.20 23.58
C SER A 1161 -10.97 7.45 24.40
N ASN A 1162 -9.70 7.72 24.67
CA ASN A 1162 -9.33 8.92 25.41
C ASN A 1162 -9.57 10.18 24.59
N TYR A 1163 -9.53 10.06 23.26
CA TYR A 1163 -9.67 11.22 22.40
C TYR A 1163 -11.05 11.82 22.54
N GLN A 1164 -12.09 10.99 22.59
CA GLN A 1164 -13.46 11.50 22.62
C GLN A 1164 -13.72 12.23 23.94
N ARG A 1165 -13.31 11.63 25.06
CA ARG A 1165 -13.52 12.25 26.36
C ARG A 1165 -12.73 13.56 26.47
N CYS A 1166 -11.47 13.55 26.01
CA CYS A 1166 -10.68 14.77 26.04
C CYS A 1166 -11.29 15.86 25.17
N LEU A 1167 -11.81 15.48 23.99
CA LEU A 1167 -12.47 16.44 23.12
C LEU A 1167 -13.71 17.02 23.78
N LEU A 1168 -14.50 16.18 24.44
CA LEU A 1168 -15.70 16.67 25.12
C LEU A 1168 -15.34 17.65 26.23
N THR A 1169 -14.34 17.31 27.04
CA THR A 1169 -13.93 18.21 28.11
C THR A 1169 -13.39 19.53 27.56
N SER A 1170 -12.61 19.46 26.48
CA SER A 1170 -12.06 20.67 25.87
C SER A 1170 -13.17 21.55 25.32
N ALA A 1171 -14.18 20.95 24.70
CA ALA A 1171 -15.33 21.73 24.22
C ALA A 1171 -16.10 22.35 25.38
N ILE A 1172 -16.24 21.61 26.47
CA ILE A 1172 -16.88 22.16 27.67
C ILE A 1172 -16.15 23.42 28.13
N TYR A 1173 -14.83 23.34 28.22
CA TYR A 1173 -14.05 24.48 28.69
C TYR A 1173 -14.11 25.63 27.68
N ALA A 1174 -14.10 25.32 26.39
CA ALA A 1174 -14.08 26.36 25.37
C ALA A 1174 -15.42 27.08 25.25
N LEU A 1175 -16.52 26.39 25.60
CA LEU A 1175 -17.84 27.01 25.50
C LEU A 1175 -17.95 28.22 26.43
N GLN A 1176 -17.42 28.11 27.64
CA GLN A 1176 -17.51 29.23 28.58
C GLN A 1176 -16.61 30.40 28.20
N GLY A 1177 -15.88 30.32 27.10
CA GLY A 1177 -15.07 31.42 26.62
C GLY A 1177 -13.75 31.62 27.33
N ARG A 1178 -13.29 30.65 28.13
CA ARG A 1178 -12.02 30.79 28.82
C ARG A 1178 -10.86 30.85 27.82
N SER A 1179 -10.82 29.89 26.91
CA SER A 1179 -9.90 29.83 25.76
C SER A 1179 -8.46 29.55 26.17
N VAL A 1180 -8.16 29.45 27.46
CA VAL A 1180 -6.83 29.11 27.92
C VAL A 1180 -6.79 27.73 28.59
N ALA A 1181 -7.85 27.36 29.31
CA ALA A 1181 -7.87 26.06 29.99
C ALA A 1181 -7.96 24.88 29.03
N VAL A 1182 -8.28 25.12 27.74
CA VAL A 1182 -8.32 24.02 26.79
C VAL A 1182 -6.93 23.41 26.63
N GLN A 1183 -5.93 24.26 26.46
CA GLN A 1183 -4.55 23.78 26.35
C GLN A 1183 -4.11 23.09 27.62
N LYS A 1184 -4.49 23.61 28.78
CA LYS A 1184 -4.13 22.96 30.05
C LYS A 1184 -4.74 21.57 30.14
N GLN A 1185 -6.02 21.44 29.80
CA GLN A 1185 -6.69 20.14 29.87
C GLN A 1185 -6.04 19.14 28.92
N ILE A 1186 -5.73 19.57 27.70
CA ILE A 1186 -5.13 18.65 26.74
C ILE A 1186 -3.70 18.29 27.13
N SER A 1187 -2.96 19.24 27.70
CA SER A 1187 -1.63 18.93 28.23
C SER A 1187 -1.72 17.91 29.35
N LYS A 1188 -2.71 18.05 30.23
CA LYS A 1188 -2.92 17.07 31.29
C LYS A 1188 -3.22 15.70 30.71
N ALA A 1189 -4.07 15.65 29.69
CA ALA A 1189 -4.40 14.37 29.05
C ALA A 1189 -3.17 13.73 28.43
N VAL A 1190 -2.34 14.54 27.74
CA VAL A 1190 -1.13 14.02 27.12
C VAL A 1190 -0.17 13.50 28.18
N HIS A 1191 -0.04 14.21 29.29
CA HIS A 1191 0.82 13.75 30.39
C HIS A 1191 0.32 12.44 30.97
N SER A 1192 -0.99 12.29 31.12
CA SER A 1192 -1.53 11.05 31.65
C SER A 1192 -1.25 9.88 30.72
N ASN A 1193 -1.37 10.08 29.41
CA ASN A 1193 -1.15 9.04 28.41
C ASN A 1193 -0.11 9.51 27.40
N PRO A 1194 1.18 9.25 27.65
CA PRO A 1194 2.22 9.74 26.73
C PRO A 1194 2.15 9.15 25.34
N GLY A 1195 1.50 8.00 25.19
CA GLY A 1195 1.29 7.40 23.88
C GLY A 1195 0.12 8.06 23.18
N ASP A 1196 -0.69 7.29 22.45
CA ASP A 1196 -1.89 7.82 21.82
C ASP A 1196 -1.60 9.07 20.99
N PRO A 1197 -0.94 8.91 19.82
CA PRO A 1197 -0.57 10.07 18.99
C PRO A 1197 -1.73 11.02 18.69
N ALA A 1198 -2.97 10.52 18.81
CA ALA A 1198 -4.13 11.36 18.61
C ALA A 1198 -4.14 12.52 19.60
N LEU A 1199 -3.73 12.26 20.85
CA LEU A 1199 -3.69 13.32 21.85
C LEU A 1199 -2.66 14.39 21.47
N TRP A 1200 -1.48 13.96 20.99
CA TRP A 1200 -0.46 14.92 20.56
C TRP A 1200 -0.97 15.76 19.39
N SER A 1201 -1.63 15.12 18.42
CA SER A 1201 -2.17 15.86 17.28
C SER A 1201 -3.22 16.85 17.73
N LEU A 1202 -4.09 16.45 18.67
CA LEU A 1202 -5.09 17.36 19.21
C LEU A 1202 -4.44 18.54 19.91
N LEU A 1203 -3.37 18.28 20.68
CA LEU A 1203 -2.66 19.36 21.33
C LEU A 1203 -2.08 20.34 20.32
N SER A 1204 -1.48 19.82 19.25
CA SER A 1204 -0.94 20.68 18.21
C SER A 1204 -2.03 21.54 17.58
N ARG A 1205 -3.16 20.91 17.23
CA ARG A 1205 -4.26 21.64 16.62
C ARG A 1205 -4.81 22.73 17.55
N VAL A 1206 -4.95 22.40 18.84
CA VAL A 1206 -5.56 23.34 19.78
C VAL A 1206 -4.61 24.52 20.04
N VAL A 1207 -3.31 24.25 20.15
CA VAL A 1207 -2.38 25.36 20.29
C VAL A 1207 -2.27 26.15 19.01
N ALA A 1208 -2.58 25.54 17.86
CA ALA A 1208 -2.64 26.30 16.63
C ALA A 1208 -3.84 27.24 16.62
N GLN A 1209 -4.99 26.79 17.14
CA GLN A 1209 -6.20 27.60 17.09
C GLN A 1209 -6.32 28.56 18.28
N TYR A 1210 -6.33 28.02 19.49
CA TYR A 1210 -6.44 28.82 20.71
C TYR A 1210 -5.07 29.09 21.28
N ALA A 1211 -4.83 30.35 21.69
CA ALA A 1211 -3.59 30.74 22.36
C ALA A 1211 -2.37 30.39 21.50
N GLN A 1212 -2.31 31.01 20.31
CA GLN A 1212 -1.21 30.70 19.41
C GLN A 1212 0.04 31.48 19.77
N ARG A 1213 0.48 31.39 21.03
CA ARG A 1213 1.76 31.96 21.44
C ARG A 1213 2.78 30.90 21.79
N ASN A 1214 2.34 29.67 22.08
CA ASN A 1214 3.23 28.53 22.24
C ASN A 1214 3.42 27.81 20.91
N ALA A 1215 3.83 28.57 19.91
CA ALA A 1215 3.99 28.04 18.56
C ALA A 1215 5.08 26.98 18.51
N LYS A 1216 6.18 27.19 19.24
CA LYS A 1216 7.25 26.19 19.29
C LYS A 1216 6.73 24.88 19.87
N GLY A 1217 5.96 24.97 20.97
CA GLY A 1217 5.38 23.76 21.54
C GLY A 1217 4.45 23.05 20.57
N GLY A 1218 3.67 23.82 19.80
CA GLY A 1218 2.81 23.20 18.80
C GLY A 1218 3.59 22.49 17.71
N VAL A 1219 4.66 23.13 17.21
CA VAL A 1219 5.51 22.48 16.21
C VAL A 1219 6.09 21.19 16.77
N VAL A 1220 6.56 21.23 18.02
CA VAL A 1220 7.14 20.05 18.64
C VAL A 1220 6.11 18.94 18.78
N ALA A 1221 4.90 19.29 19.22
CA ALA A 1221 3.84 18.29 19.37
C ALA A 1221 3.46 17.67 18.04
N GLY A 1222 3.38 18.48 16.99
CA GLY A 1222 3.10 17.94 15.67
C GLY A 1222 4.18 17.00 15.18
N ASN A 1223 5.45 17.37 15.38
CA ASN A 1223 6.54 16.50 14.98
C ASN A 1223 6.51 15.17 15.74
N VAL A 1224 6.24 15.24 17.05
CA VAL A 1224 6.18 14.02 17.85
C VAL A 1224 5.01 13.15 17.41
N ALA A 1225 3.86 13.76 17.14
CA ALA A 1225 2.70 13.00 16.68
C ALA A 1225 2.99 12.32 15.34
N HIS A 1226 3.70 13.01 14.44
CA HIS A 1226 4.07 12.39 13.17
C HIS A 1226 5.06 11.25 13.39
N ILE A 1227 5.98 11.40 14.34
CA ILE A 1227 6.96 10.36 14.60
C ILE A 1227 6.29 9.12 15.18
N LEU A 1228 5.32 9.32 16.09
CA LEU A 1228 4.77 8.23 16.88
C LEU A 1228 4.02 7.19 16.05
N ASP A 1229 3.60 7.52 14.84
CA ASP A 1229 2.82 6.61 14.02
C ASP A 1229 2.95 7.03 12.56
N SER A 1230 2.11 6.47 11.70
CA SER A 1230 2.18 6.76 10.28
C SER A 1230 0.88 7.33 9.74
N ASN A 1231 -0.27 6.82 10.19
CA ASN A 1231 -1.55 7.25 9.64
C ASN A 1231 -2.06 8.56 10.24
N HIS A 1232 -1.40 9.11 11.26
CA HIS A 1232 -1.68 10.45 11.74
C HIS A 1232 -0.78 11.51 11.11
N GLY A 1233 0.11 11.12 10.20
CA GLY A 1233 1.06 12.06 9.65
C GLY A 1233 0.41 13.22 8.91
N LYS A 1234 -0.71 12.95 8.24
CA LYS A 1234 -1.40 13.96 7.45
C LYS A 1234 -1.79 15.18 8.30
N LYS A 1235 -2.63 14.94 9.30
CA LYS A 1235 -3.10 16.03 10.15
C LYS A 1235 -1.96 16.64 10.96
N ALA A 1236 -1.05 15.80 11.46
CA ALA A 1236 0.07 16.30 12.25
C ALA A 1236 0.93 17.26 11.43
N LEU A 1237 1.23 16.89 10.19
CA LEU A 1237 2.04 17.75 9.33
C LEU A 1237 1.29 19.03 8.98
N LEU A 1238 -0.01 18.93 8.71
CA LEU A 1238 -0.79 20.14 8.47
C LEU A 1238 -0.69 21.10 9.66
N TYR A 1239 -0.90 20.59 10.87
CA TYR A 1239 -0.89 21.44 12.05
C TYR A 1239 0.48 22.03 12.32
N THR A 1240 1.55 21.23 12.16
CA THR A 1240 2.87 21.78 12.42
C THR A 1240 3.28 22.78 11.34
N ALA A 1241 2.80 22.59 10.11
CA ALA A 1241 3.03 23.58 9.06
C ALA A 1241 2.38 24.91 9.42
N VAL A 1242 1.14 24.85 9.91
CA VAL A 1242 0.45 26.09 10.27
C VAL A 1242 1.15 26.74 11.47
N ASN A 1243 1.63 25.93 12.41
CA ASN A 1243 2.35 26.49 13.56
C ASN A 1243 3.67 27.15 13.13
N GLN A 1244 4.38 26.55 12.18
CA GLN A 1244 5.59 27.20 11.64
C GLN A 1244 5.24 28.50 10.94
N LEU A 1245 4.13 28.53 10.22
CA LEU A 1245 3.69 29.76 9.58
C LEU A 1245 3.43 30.83 10.64
N ALA A 1246 2.81 30.44 11.75
CA ALA A 1246 2.58 31.36 12.85
C ALA A 1246 3.89 31.87 13.44
N MET A 1247 4.89 30.98 13.57
CA MET A 1247 6.17 31.40 14.13
C MET A 1247 6.86 32.46 13.28
N GLY A 1248 6.84 32.29 11.96
CA GLY A 1248 7.51 33.23 11.10
C GLY A 1248 8.84 32.68 10.65
N SER A 1249 9.93 33.24 11.16
CA SER A 1249 11.27 32.78 10.84
C SER A 1249 12.12 32.68 12.11
N SER A 1250 11.51 32.25 13.20
CA SER A 1250 12.19 32.13 14.48
C SER A 1250 12.91 30.77 14.59
N SER A 1251 13.89 30.58 13.72
CA SER A 1251 14.68 29.35 13.71
C SER A 1251 16.14 29.71 13.48
N ALA A 1252 16.97 28.70 13.25
CA ALA A 1252 18.38 28.88 12.98
C ALA A 1252 18.67 29.02 11.49
N GLU A 1253 17.67 29.42 10.71
CA GLU A 1253 17.78 29.57 9.26
C GLU A 1253 18.27 28.28 8.60
N ASP A 1254 17.76 27.15 9.08
CA ASP A 1254 18.14 25.84 8.56
C ASP A 1254 17.17 25.44 7.46
N GLU A 1255 17.70 24.89 6.36
CA GLU A 1255 16.83 24.40 5.31
C GLU A 1255 16.21 23.08 5.71
N LYS A 1256 15.39 22.53 4.81
CA LYS A 1256 14.77 21.20 4.90
C LYS A 1256 13.83 21.08 6.09
N ASN A 1257 13.62 22.18 6.82
CA ASN A 1257 12.76 22.18 7.99
C ASN A 1257 11.80 23.37 8.01
N THR A 1258 11.54 23.99 6.86
CA THR A 1258 10.67 25.15 6.84
C THR A 1258 9.23 24.74 6.55
N ALA A 1259 8.31 25.69 6.77
CA ALA A 1259 6.89 25.42 6.61
C ALA A 1259 6.56 24.95 5.19
N LEU A 1260 7.28 25.48 4.19
CA LEU A 1260 7.06 25.04 2.81
C LEU A 1260 7.35 23.55 2.63
N LYS A 1261 8.46 23.08 3.19
CA LYS A 1261 8.81 21.66 3.04
C LYS A 1261 7.76 20.77 3.70
N THR A 1262 7.34 21.12 4.92
CA THR A 1262 6.37 20.29 5.62
C THR A 1262 5.01 20.32 4.93
N ILE A 1263 4.61 21.48 4.39
CA ILE A 1263 3.33 21.53 3.70
C ILE A 1263 3.39 20.76 2.39
N GLN A 1264 4.54 20.74 1.72
CA GLN A 1264 4.68 19.90 0.53
C GLN A 1264 4.59 18.42 0.90
N LYS A 1265 5.22 18.03 2.01
CA LYS A 1265 5.11 16.64 2.47
C LYS A 1265 3.67 16.27 2.77
N ALA A 1266 2.94 17.16 3.44
CA ALA A 1266 1.53 16.91 3.74
C ALA A 1266 0.71 16.79 2.47
N ALA A 1267 0.98 17.65 1.48
CA ALA A 1267 0.27 17.59 0.21
C ALA A 1267 0.52 16.27 -0.50
N LEU A 1268 1.78 15.80 -0.47
CA LEU A 1268 2.07 14.49 -1.05
C LEU A 1268 1.33 13.37 -0.33
N LEU A 1269 1.27 13.42 1.00
CA LEU A 1269 0.63 12.34 1.73
C LEU A 1269 -0.85 12.20 1.39
N SER A 1270 -1.58 13.31 1.29
CA SER A 1270 -3.02 13.28 1.01
C SER A 1270 -3.45 14.53 0.27
N PRO A 1271 -3.47 14.49 -1.05
CA PRO A 1271 -3.86 15.67 -1.85
C PRO A 1271 -5.37 15.76 -2.04
N GLY A 1272 -6.12 15.67 -0.95
CA GLY A 1272 -7.56 15.70 -1.03
C GLY A 1272 -8.21 16.84 -0.28
N ASP A 1273 -7.53 17.34 0.77
CA ASP A 1273 -8.21 18.35 1.55
C ASP A 1273 -7.83 19.76 1.08
N PRO A 1274 -8.71 20.73 1.27
CA PRO A 1274 -8.43 22.09 0.80
C PRO A 1274 -7.48 22.87 1.71
N ALA A 1275 -7.46 22.52 2.99
CA ALA A 1275 -6.63 23.26 3.94
C ALA A 1275 -5.16 23.15 3.59
N ILE A 1276 -4.74 22.01 3.05
CA ILE A 1276 -3.34 21.85 2.67
C ILE A 1276 -2.97 22.80 1.54
N TRP A 1277 -3.85 22.93 0.54
CA TRP A 1277 -3.59 23.85 -0.56
C TRP A 1277 -3.60 25.31 -0.09
N ALA A 1278 -4.52 25.64 0.83
CA ALA A 1278 -4.53 27.00 1.37
C ALA A 1278 -3.24 27.29 2.14
N GLY A 1279 -2.79 26.32 2.94
CA GLY A 1279 -1.52 26.49 3.61
C GLY A 1279 -0.34 26.58 2.65
N LEU A 1280 -0.41 25.88 1.52
CA LEU A 1280 0.62 26.02 0.49
C LEU A 1280 0.66 27.43 -0.07
N MET A 1281 -0.52 28.01 -0.34
CA MET A 1281 -0.58 29.39 -0.78
C MET A 1281 0.03 30.34 0.25
N ALA A 1282 -0.34 30.15 1.53
CA ALA A 1282 0.18 31.00 2.58
C ALA A 1282 1.69 30.86 2.72
N ALA A 1283 2.20 29.63 2.61
CA ALA A 1283 3.63 29.39 2.70
C ALA A 1283 4.38 30.03 1.54
N CYS A 1284 3.80 29.97 0.34
CA CYS A 1284 4.44 30.65 -0.79
C CYS A 1284 4.51 32.15 -0.58
N HIS A 1285 3.43 32.75 -0.07
CA HIS A 1285 3.46 34.19 0.21
C HIS A 1285 4.49 34.53 1.28
N ALA A 1286 4.54 33.72 2.34
CA ALA A 1286 5.50 33.96 3.41
C ALA A 1286 6.93 33.81 2.92
N ASP A 1287 7.18 32.82 2.05
CA ASP A 1287 8.51 32.66 1.47
C ASP A 1287 8.87 33.85 0.59
N ASP A 1288 7.90 34.39 -0.15
CA ASP A 1288 8.17 35.59 -0.92
C ASP A 1288 8.57 36.75 -0.01
N LYS A 1289 7.87 36.92 1.10
CA LYS A 1289 8.21 37.99 2.03
C LYS A 1289 9.59 37.77 2.65
N LEU A 1290 9.91 36.52 3.02
CA LEU A 1290 11.21 36.21 3.58
C LEU A 1290 12.33 36.48 2.59
N ALA A 1291 12.12 36.13 1.32
CA ALA A 1291 13.12 36.39 0.30
C ALA A 1291 13.27 37.88 0.06
N LEU A 1292 12.17 38.64 0.16
CA LEU A 1292 12.28 40.09 0.07
C LEU A 1292 13.10 40.64 1.22
N VAL A 1293 12.87 40.12 2.44
CA VAL A 1293 13.63 40.59 3.59
C VAL A 1293 15.12 40.28 3.41
N ASN A 1294 15.44 39.07 2.97
CA ASN A 1294 16.84 38.74 2.75
C ASN A 1294 17.37 39.38 1.47
N ASN A 1295 16.48 39.81 0.57
CA ASN A 1295 16.85 40.50 -0.66
C ASN A 1295 17.81 39.66 -1.52
N THR A 1296 17.39 38.44 -1.86
CA THR A 1296 18.20 37.65 -2.79
C THR A 1296 17.51 37.40 -4.13
N GLN A 1297 16.30 36.83 -4.15
CA GLN A 1297 15.51 36.56 -5.35
C GLN A 1297 14.07 36.19 -5.01
N PRO A 1298 13.07 36.77 -5.68
CA PRO A 1298 11.71 36.23 -5.58
C PRO A 1298 11.60 34.90 -6.30
N LYS A 1299 10.83 33.98 -5.73
CA LYS A 1299 10.66 32.65 -6.31
C LYS A 1299 9.22 32.18 -6.06
N ARG A 1300 8.79 31.20 -6.83
CA ARG A 1300 7.41 30.67 -6.74
C ARG A 1300 6.39 31.79 -6.94
N ILE A 1301 6.43 32.35 -8.15
CA ILE A 1301 5.73 33.61 -8.41
C ILE A 1301 4.25 33.37 -8.71
N ASP A 1302 3.94 32.59 -9.75
CA ASP A 1302 2.58 32.52 -10.28
C ASP A 1302 2.04 31.10 -10.22
N LEU A 1303 1.40 30.76 -9.09
CA LEU A 1303 0.59 29.55 -9.01
C LEU A 1303 -0.71 29.78 -8.24
N TYR A 1304 -1.08 31.04 -7.97
CA TYR A 1304 -2.25 31.32 -7.15
C TYR A 1304 -3.56 30.84 -7.78
N LEU A 1305 -3.70 31.01 -9.10
CA LEU A 1305 -4.93 30.57 -9.77
C LEU A 1305 -5.12 29.07 -9.67
N ALA A 1306 -4.05 28.31 -9.90
CA ALA A 1306 -4.15 26.84 -9.80
C ALA A 1306 -4.49 26.41 -8.39
N LEU A 1307 -3.86 27.03 -7.39
CA LEU A 1307 -4.13 26.66 -6.01
C LEU A 1307 -5.56 27.02 -5.60
N LEU A 1308 -6.06 28.16 -6.09
CA LEU A 1308 -7.46 28.52 -5.80
C LEU A 1308 -8.42 27.53 -6.44
N SER A 1309 -8.16 27.13 -7.68
CA SER A 1309 -9.02 26.14 -8.34
C SER A 1309 -8.98 24.81 -7.59
N ALA A 1310 -7.79 24.39 -7.15
CA ALA A 1310 -7.68 23.17 -6.36
C ALA A 1310 -8.45 23.27 -5.05
N VAL A 1311 -8.37 24.42 -4.39
CA VAL A 1311 -9.09 24.62 -3.13
C VAL A 1311 -10.59 24.49 -3.36
N SER A 1312 -11.10 25.13 -4.41
CA SER A 1312 -12.53 25.05 -4.69
C SER A 1312 -12.95 23.62 -5.02
N ALA A 1313 -12.16 22.93 -5.85
CA ALA A 1313 -12.51 21.57 -6.25
C ALA A 1313 -12.52 20.63 -5.03
N SER A 1314 -11.55 20.79 -4.13
CA SER A 1314 -11.50 19.93 -2.96
C SER A 1314 -12.57 20.30 -1.94
N ILE A 1315 -12.99 21.57 -1.91
CA ILE A 1315 -14.08 21.97 -1.02
C ILE A 1315 -15.39 21.35 -1.48
N LYS A 1316 -15.59 21.27 -2.80
CA LYS A 1316 -16.89 20.89 -3.33
C LYS A 1316 -17.30 19.47 -2.94
N ASP A 1317 -16.37 18.63 -2.49
CA ASP A 1317 -16.63 17.21 -2.30
C ASP A 1317 -16.75 16.81 -0.82
N GLU A 1318 -17.10 17.73 0.08
CA GLU A 1318 -17.29 17.39 1.48
C GLU A 1318 -18.77 17.39 1.82
N LYS A 1319 -19.15 16.53 2.78
CA LYS A 1319 -20.57 16.34 3.06
C LYS A 1319 -21.22 17.62 3.56
N PHE A 1320 -20.79 18.12 4.73
CA PHE A 1320 -21.27 19.41 5.23
C PHE A 1320 -20.29 19.91 6.29
N PHE A 1321 -19.62 21.03 6.01
CA PHE A 1321 -18.96 21.84 7.02
C PHE A 1321 -19.24 23.32 6.76
N GLU A 1322 -20.52 23.66 6.51
CA GLU A 1322 -20.88 24.92 5.86
C GLU A 1322 -20.09 26.15 6.31
N ASN A 1323 -20.11 26.47 7.61
CA ASN A 1323 -19.43 27.68 8.05
C ASN A 1323 -17.93 27.59 7.81
N TYR A 1324 -17.33 26.45 8.12
CA TYR A 1324 -15.90 26.26 7.90
C TYR A 1324 -15.56 26.34 6.42
N ASN A 1325 -16.39 25.73 5.56
CA ASN A 1325 -16.14 25.79 4.13
C ASN A 1325 -16.22 27.23 3.61
N GLN A 1326 -17.23 27.98 4.06
CA GLN A 1326 -17.36 29.37 3.63
C GLN A 1326 -16.13 30.18 4.04
N SER A 1327 -15.69 30.02 5.29
CA SER A 1327 -14.50 30.74 5.74
C SER A 1327 -13.28 30.36 4.93
N LEU A 1328 -13.13 29.06 4.64
CA LEU A 1328 -11.99 28.60 3.84
C LEU A 1328 -12.00 29.23 2.46
N GLU A 1329 -13.16 29.23 1.79
CA GLU A 1329 -13.23 29.79 0.45
C GLU A 1329 -12.98 31.30 0.46
N LYS A 1330 -13.53 32.00 1.45
CA LYS A 1330 -13.30 33.45 1.55
C LYS A 1330 -11.83 33.75 1.75
N TRP A 1331 -11.17 33.03 2.66
CA TRP A 1331 -9.74 33.26 2.90
C TRP A 1331 -8.92 32.96 1.66
N SER A 1332 -9.23 31.86 0.97
CA SER A 1332 -8.47 31.50 -0.23
C SER A 1332 -8.60 32.57 -1.30
N LEU A 1333 -9.83 33.03 -1.55
CA LEU A 1333 -10.03 34.04 -2.58
C LEU A 1333 -9.33 35.35 -2.21
N SER A 1334 -9.46 35.79 -0.96
CA SER A 1334 -8.83 37.03 -0.55
C SER A 1334 -7.32 36.94 -0.67
N GLN A 1335 -6.74 35.83 -0.23
CA GLN A 1335 -5.29 35.66 -0.30
C GLN A 1335 -4.81 35.63 -1.75
N ALA A 1336 -5.57 34.97 -2.64
CA ALA A 1336 -5.18 34.93 -4.05
C ALA A 1336 -5.21 36.33 -4.65
N VAL A 1337 -6.24 37.11 -4.33
CA VAL A 1337 -6.33 38.48 -4.87
C VAL A 1337 -5.17 39.32 -4.35
N THR A 1338 -4.88 39.22 -3.05
CA THR A 1338 -3.79 40.00 -2.47
C THR A 1338 -2.44 39.63 -3.09
N GLY A 1339 -2.20 38.33 -3.27
CA GLY A 1339 -0.95 37.90 -3.88
C GLY A 1339 -0.80 38.36 -5.31
N LEU A 1340 -1.90 38.28 -6.09
CA LEU A 1340 -1.85 38.78 -7.46
C LEU A 1340 -1.58 40.27 -7.50
N ILE A 1341 -2.20 41.02 -6.60
CA ILE A 1341 -1.95 42.46 -6.52
C ILE A 1341 -0.48 42.72 -6.21
N ASP A 1342 0.06 41.99 -5.23
CA ASP A 1342 1.45 42.19 -4.82
C ASP A 1342 2.42 41.88 -5.95
N THR A 1343 2.18 40.81 -6.71
CA THR A 1343 3.11 40.44 -7.75
C THR A 1343 3.03 41.36 -8.97
N GLY A 1344 1.88 41.96 -9.21
CA GLY A 1344 1.70 42.92 -10.26
C GLY A 1344 0.78 42.52 -11.38
N ARG A 1345 -0.03 41.47 -11.20
CA ARG A 1345 -0.99 41.04 -12.21
C ARG A 1345 -2.36 41.65 -11.90
N ILE A 1346 -2.42 42.97 -12.09
CA ILE A 1346 -3.60 43.74 -11.75
C ILE A 1346 -4.79 43.34 -12.61
N SER A 1347 -4.56 43.09 -13.90
CA SER A 1347 -5.64 42.72 -14.79
C SER A 1347 -6.30 41.40 -14.38
N GLU A 1348 -5.49 40.39 -14.04
CA GLU A 1348 -6.07 39.11 -13.60
C GLU A 1348 -6.87 39.28 -12.31
N ALA A 1349 -6.35 40.07 -11.37
CA ALA A 1349 -7.07 40.31 -10.13
C ALA A 1349 -8.40 40.99 -10.40
N GLU A 1350 -8.40 41.98 -11.29
CA GLU A 1350 -9.64 42.70 -11.62
C GLU A 1350 -10.64 41.77 -12.29
N THR A 1351 -10.18 40.91 -13.20
CA THR A 1351 -11.08 39.96 -13.82
C THR A 1351 -11.69 39.00 -12.80
N LEU A 1352 -10.86 38.53 -11.85
CA LEU A 1352 -11.37 37.65 -10.80
C LEU A 1352 -12.43 38.36 -9.97
N CYS A 1353 -12.16 39.60 -9.56
CA CYS A 1353 -13.12 40.35 -8.76
C CYS A 1353 -14.41 40.60 -9.52
N THR A 1354 -14.31 40.96 -10.81
CA THR A 1354 -15.50 41.21 -11.59
C THR A 1354 -16.32 39.94 -11.78
N LYS A 1355 -15.66 38.81 -12.00
CA LYS A 1355 -16.40 37.55 -12.12
C LYS A 1355 -17.11 37.21 -10.81
N ASN A 1356 -16.42 37.41 -9.68
CA ASN A 1356 -17.04 37.13 -8.40
C ASN A 1356 -18.24 38.02 -8.14
N LEU A 1357 -18.13 39.30 -8.50
CA LEU A 1357 -19.24 40.22 -8.28
C LEU A 1357 -20.37 40.00 -9.27
N LYS A 1358 -20.09 39.45 -10.45
CA LYS A 1358 -21.17 39.12 -11.38
C LYS A 1358 -21.89 37.86 -10.94
N SER A 1359 -21.17 36.92 -10.32
CA SER A 1359 -21.75 35.64 -9.92
C SER A 1359 -22.89 35.83 -8.92
N ASN A 1360 -22.71 36.70 -7.95
CA ASN A 1360 -23.66 36.90 -6.87
C ASN A 1360 -23.75 38.40 -6.63
N PRO A 1361 -24.85 38.89 -6.05
CA PRO A 1361 -24.89 40.31 -5.67
C PRO A 1361 -23.80 40.68 -4.68
N ASP A 1362 -23.54 41.98 -4.60
CA ASP A 1362 -22.34 42.48 -3.93
C ASP A 1362 -22.33 42.13 -2.44
N GLN A 1363 -21.13 41.81 -1.95
CA GLN A 1363 -20.81 41.66 -0.54
C GLN A 1363 -19.61 42.54 -0.22
N PRO A 1364 -19.59 43.17 0.95
CA PRO A 1364 -18.60 44.23 1.20
C PRO A 1364 -17.15 43.81 1.04
N ALA A 1365 -16.81 42.56 1.38
CA ALA A 1365 -15.40 42.14 1.30
C ALA A 1365 -14.90 42.20 -0.15
N VAL A 1366 -15.71 41.73 -1.10
CA VAL A 1366 -15.30 41.73 -2.49
C VAL A 1366 -15.21 43.14 -3.02
N ILE A 1367 -16.11 44.03 -2.56
CA ILE A 1367 -16.03 45.42 -2.99
C ILE A 1367 -14.77 46.08 -2.44
N LEU A 1368 -14.36 45.72 -1.23
CA LEU A 1368 -13.09 46.22 -0.71
C LEU A 1368 -11.92 45.69 -1.54
N LEU A 1369 -11.97 44.42 -1.91
CA LEU A 1369 -10.92 43.86 -2.76
C LEU A 1369 -10.85 44.58 -4.10
N LEU A 1370 -12.02 44.89 -4.69
CA LEU A 1370 -12.05 45.63 -5.94
C LEU A 1370 -11.52 47.04 -5.77
N ARG A 1371 -11.82 47.68 -4.65
CA ARG A 1371 -11.27 49.01 -4.38
C ARG A 1371 -9.75 48.95 -4.32
N GLN A 1372 -9.20 47.96 -3.63
CA GLN A 1372 -7.74 47.82 -3.56
C GLN A 1372 -7.15 47.54 -4.95
N VAL A 1373 -7.84 46.73 -5.75
CA VAL A 1373 -7.34 46.44 -7.09
C VAL A 1373 -7.30 47.71 -7.91
N GLN A 1374 -8.37 48.52 -7.84
CA GLN A 1374 -8.40 49.73 -8.63
C GLN A 1374 -7.36 50.72 -8.12
N CYS A 1375 -7.17 50.78 -6.81
CA CYS A 1375 -6.29 51.78 -6.22
C CYS A 1375 -4.84 51.31 -6.15
N LYS A 1376 -4.50 50.20 -6.80
CA LYS A 1376 -3.08 49.85 -6.78
C LYS A 1376 -2.33 50.70 -7.82
N PRO A 1377 -2.81 50.82 -9.06
CA PRO A 1377 -2.07 51.65 -10.04
C PRO A 1377 -1.98 53.10 -9.62
N LEU A 1378 -3.13 53.70 -9.31
CA LEU A 1378 -3.19 55.05 -8.78
C LEU A 1378 -2.71 55.07 -7.34
N LEU A 1379 -1.91 56.09 -7.02
CA LEU A 1379 -1.19 56.43 -5.78
C LEU A 1379 0.12 55.65 -5.67
N GLU A 1380 0.41 54.74 -6.60
CA GLU A 1380 1.74 54.12 -6.61
C GLU A 1380 2.79 55.19 -6.87
N SER A 1381 2.54 56.03 -7.86
CA SER A 1381 3.32 57.22 -8.18
C SER A 1381 2.61 58.40 -7.57
N GLN A 1382 3.38 59.41 -7.14
CA GLN A 1382 2.76 60.54 -6.45
C GLN A 1382 1.76 61.24 -7.35
N LYS A 1383 0.56 61.47 -6.81
CA LYS A 1383 -0.58 62.01 -7.53
C LYS A 1383 -1.63 62.44 -6.50
N PRO A 1384 -2.24 63.62 -6.64
CA PRO A 1384 -3.36 63.96 -5.76
C PRO A 1384 -4.65 63.33 -6.24
N LEU A 1385 -5.54 63.06 -5.29
CA LEU A 1385 -6.79 62.38 -5.63
C LEU A 1385 -7.99 63.18 -5.16
N PRO A 1386 -9.12 63.05 -5.86
CA PRO A 1386 -10.31 63.82 -5.47
C PRO A 1386 -10.85 63.38 -4.13
N ASP A 1387 -11.46 64.33 -3.42
CA ASP A 1387 -12.14 64.02 -2.17
C ASP A 1387 -13.31 63.08 -2.35
N ALA A 1388 -13.89 63.02 -3.56
CA ALA A 1388 -14.93 62.04 -3.85
C ALA A 1388 -14.41 60.61 -3.73
N VAL A 1389 -13.22 60.35 -4.27
CA VAL A 1389 -12.64 59.02 -4.15
C VAL A 1389 -12.33 58.70 -2.69
N LEU A 1390 -11.84 59.69 -1.94
CA LEU A 1390 -11.58 59.48 -0.52
C LEU A 1390 -12.86 59.12 0.23
N GLU A 1391 -13.97 59.81 -0.07
CA GLU A 1391 -15.23 59.47 0.58
C GLU A 1391 -15.70 58.08 0.17
N GLU A 1392 -15.52 57.70 -1.09
CA GLU A 1392 -15.89 56.35 -1.52
C GLU A 1392 -15.09 55.30 -0.75
N LEU A 1393 -13.78 55.51 -0.60
CA LEU A 1393 -12.95 54.57 0.14
C LEU A 1393 -13.38 54.49 1.59
N GLN A 1394 -13.62 55.64 2.23
CA GLN A 1394 -14.04 55.65 3.63
C GLN A 1394 -15.38 54.95 3.80
N LYS A 1395 -16.31 55.17 2.88
CA LYS A 1395 -17.62 54.53 2.93
C LYS A 1395 -17.48 53.02 2.78
N THR A 1396 -16.60 52.59 1.87
CA THR A 1396 -16.42 51.15 1.66
C THR A 1396 -15.77 50.51 2.88
N VAL A 1397 -14.84 51.21 3.53
CA VAL A 1397 -14.23 50.67 4.74
C VAL A 1397 -15.29 50.57 5.84
N MET A 1398 -16.18 51.57 5.93
CA MET A 1398 -17.28 51.51 6.89
C MET A 1398 -18.24 50.38 6.57
N SER A 1399 -18.35 50.00 5.30
CA SER A 1399 -19.33 49.00 4.87
C SER A 1399 -19.12 47.68 5.60
N ASN A 1400 -17.87 47.24 5.71
CA ASN A 1400 -17.52 46.03 6.46
C ASN A 1400 -16.54 46.41 7.58
N SER A 1401 -17.12 46.67 8.74
CA SER A 1401 -16.38 47.08 9.92
C SER A 1401 -15.97 45.87 10.75
N THR A 1402 -15.34 46.15 11.89
CA THR A 1402 -14.86 45.16 12.84
C THR A 1402 -13.79 44.26 12.21
N SER A 1403 -13.00 44.81 11.29
CA SER A 1403 -11.86 44.12 10.71
C SER A 1403 -10.66 45.06 10.76
N VAL A 1404 -9.63 44.66 11.51
CA VAL A 1404 -8.46 45.53 11.67
C VAL A 1404 -7.71 45.75 10.35
N PRO A 1405 -7.48 44.73 9.50
CA PRO A 1405 -6.75 44.99 8.24
C PRO A 1405 -7.28 46.15 7.42
N ALA A 1406 -8.59 46.20 7.19
CA ALA A 1406 -9.17 47.28 6.39
C ALA A 1406 -8.89 48.65 7.01
N TRP A 1407 -9.04 48.78 8.33
CA TRP A 1407 -8.74 50.04 8.98
C TRP A 1407 -7.27 50.42 8.82
N GLN A 1408 -6.37 49.45 8.95
CA GLN A 1408 -4.95 49.74 8.78
C GLN A 1408 -4.65 50.17 7.34
N TRP A 1409 -5.29 49.52 6.38
CA TRP A 1409 -5.10 49.87 4.97
C TRP A 1409 -5.59 51.28 4.69
N LEU A 1410 -6.76 51.65 5.24
CA LEU A 1410 -7.27 52.99 5.02
C LEU A 1410 -6.40 54.03 5.69
N ALA A 1411 -5.83 53.70 6.86
CA ALA A 1411 -4.88 54.60 7.49
C ALA A 1411 -3.64 54.78 6.62
N HIS A 1412 -3.16 53.70 6.02
CA HIS A 1412 -2.02 53.78 5.12
C HIS A 1412 -2.33 54.64 3.91
N VAL A 1413 -3.53 54.50 3.35
CA VAL A 1413 -3.93 55.32 2.20
C VAL A 1413 -3.97 56.79 2.58
N TYR A 1414 -4.56 57.10 3.73
CA TYR A 1414 -4.59 58.49 4.21
C TYR A 1414 -3.19 59.05 4.38
N GLN A 1415 -2.29 58.26 4.99
CA GLN A 1415 -0.93 58.73 5.18
C GLN A 1415 -0.22 58.93 3.83
N SER A 1416 -0.42 58.00 2.89
CA SER A 1416 0.26 58.12 1.60
C SER A 1416 -0.19 59.37 0.85
N GLN A 1417 -1.49 59.66 0.83
CA GLN A 1417 -1.89 60.94 0.27
C GLN A 1417 -1.46 62.08 1.18
N GLY A 1418 -1.41 61.80 2.47
CA GLY A 1418 -1.03 62.68 3.56
C GLY A 1418 -2.23 63.21 4.31
N MET A 1419 -2.54 62.58 5.44
CA MET A 1419 -3.51 63.09 6.43
C MET A 1419 -3.03 62.53 7.75
N MET A 1420 -2.27 63.32 8.51
CA MET A 1420 -1.67 62.75 9.72
C MET A 1420 -2.73 62.51 10.78
N ARG A 1421 -3.66 63.45 10.94
CA ARG A 1421 -4.74 63.31 11.91
C ARG A 1421 -5.65 62.13 11.56
N ALA A 1422 -6.02 61.99 10.29
CA ALA A 1422 -6.89 60.90 9.88
C ALA A 1422 -6.22 59.56 10.07
N ALA A 1423 -4.95 59.44 9.71
CA ALA A 1423 -4.23 58.19 9.90
C ALA A 1423 -4.12 57.85 11.38
N GLU A 1424 -3.84 58.85 12.22
CA GLU A 1424 -3.77 58.62 13.66
C GLU A 1424 -5.12 58.17 14.21
N MET A 1425 -6.21 58.78 13.75
CA MET A 1425 -7.54 58.39 14.19
C MET A 1425 -7.84 56.95 13.78
N CYS A 1426 -7.49 56.59 12.56
CA CYS A 1426 -7.75 55.23 12.08
C CYS A 1426 -6.93 54.21 12.87
N TYR A 1427 -5.67 54.54 13.17
CA TYR A 1427 -4.86 53.63 13.98
C TYR A 1427 -5.44 53.46 15.37
N ARG A 1428 -5.92 54.55 15.98
CA ARG A 1428 -6.57 54.44 17.29
C ARG A 1428 -7.82 53.58 17.22
N LYS A 1429 -8.62 53.75 16.15
CA LYS A 1429 -9.82 52.94 16.00
C LYS A 1429 -9.47 51.46 15.86
N SER A 1430 -8.46 51.15 15.04
CA SER A 1430 -8.03 49.76 14.90
C SER A 1430 -7.52 49.20 16.21
N LEU A 1431 -6.76 50.00 16.97
CA LEU A 1431 -6.27 49.55 18.27
C LEU A 1431 -7.42 49.24 19.22
N GLN A 1432 -8.41 50.14 19.29
CA GLN A 1432 -9.56 49.92 20.17
C GLN A 1432 -10.33 48.68 19.75
N LEU A 1433 -10.53 48.51 18.44
CA LEU A 1433 -11.25 47.36 17.93
C LEU A 1433 -10.52 46.06 18.26
N ALA A 1434 -9.21 46.03 18.05
CA ALA A 1434 -8.44 44.82 18.34
C ALA A 1434 -8.45 44.50 19.83
N SER A 1435 -8.31 45.52 20.68
CA SER A 1435 -8.33 45.29 22.12
C SER A 1435 -9.70 44.79 22.58
N GLN A 1436 -10.78 45.35 22.05
CA GLN A 1436 -12.11 44.90 22.43
C GLN A 1436 -12.36 43.46 21.99
N ARG A 1437 -11.93 43.11 20.77
CA ARG A 1437 -12.20 41.79 20.20
C ARG A 1437 -11.32 40.69 20.78
N GLY A 1438 -10.40 41.02 21.70
CA GLY A 1438 -9.58 40.03 22.35
C GLY A 1438 -8.33 39.63 21.60
N SER A 1439 -8.07 40.21 20.43
CA SER A 1439 -6.86 39.91 19.69
C SER A 1439 -5.65 40.58 20.34
N TRP A 1440 -4.48 40.02 20.07
CA TRP A 1440 -3.23 40.48 20.67
C TRP A 1440 -2.21 40.95 19.64
N SER A 1441 -2.06 40.22 18.53
CA SER A 1441 -1.12 40.64 17.48
C SER A 1441 -1.55 41.98 16.87
N GLY A 1442 -2.86 42.16 16.68
CA GLY A 1442 -3.35 43.43 16.14
C GLY A 1442 -3.07 44.62 17.04
N LYS A 1443 -3.20 44.44 18.36
CA LYS A 1443 -2.89 45.54 19.27
C LYS A 1443 -1.43 45.96 19.15
N LEU A 1444 -0.51 45.00 19.15
CA LEU A 1444 0.90 45.32 19.01
C LEU A 1444 1.19 45.97 17.67
N SER A 1445 0.60 45.45 16.60
CA SER A 1445 0.82 46.02 15.28
C SER A 1445 0.31 47.45 15.19
N SER A 1446 -0.86 47.72 15.77
CA SER A 1446 -1.40 49.08 15.78
C SER A 1446 -0.49 50.02 16.55
N LEU A 1447 0.00 49.57 17.72
CA LEU A 1447 0.92 50.40 18.51
C LEU A 1447 2.16 50.73 17.71
N LEU A 1448 2.77 49.72 17.09
CA LEU A 1448 4.02 49.96 16.37
C LEU A 1448 3.80 50.83 15.15
N ARG A 1449 2.69 50.64 14.42
CA ARG A 1449 2.42 51.47 13.26
C ARG A 1449 2.20 52.92 13.65
N LEU A 1450 1.44 53.17 14.72
CA LEU A 1450 1.24 54.53 15.19
C LEU A 1450 2.56 55.15 15.61
N ALA A 1451 3.40 54.40 16.32
CA ALA A 1451 4.71 54.90 16.73
C ALA A 1451 5.56 55.27 15.52
N LEU A 1452 5.56 54.41 14.49
CA LEU A 1452 6.35 54.68 13.30
C LEU A 1452 5.85 55.93 12.57
N LEU A 1453 4.53 56.06 12.41
CA LEU A 1453 3.99 57.24 11.74
C LEU A 1453 4.35 58.52 12.49
N ALA A 1454 4.16 58.51 13.81
CA ALA A 1454 4.46 59.71 14.60
C ALA A 1454 5.95 60.03 14.57
N LEU A 1455 6.81 59.01 14.64
CA LEU A 1455 8.25 59.25 14.57
C LEU A 1455 8.65 59.80 13.20
N LYS A 1456 7.97 59.36 12.14
CA LYS A 1456 8.24 59.88 10.81
C LYS A 1456 7.86 61.36 10.76
N VAL A 1457 6.69 61.69 11.26
CA VAL A 1457 6.23 63.08 11.21
C VAL A 1457 7.14 63.98 12.04
N CYS A 1458 7.63 63.44 13.16
CA CYS A 1458 8.60 64.18 13.97
C CYS A 1458 9.93 64.36 13.24
N MET A 1459 10.34 63.35 12.45
CA MET A 1459 11.58 63.47 11.68
C MET A 1459 11.50 64.57 10.63
N ALA A 1460 10.30 64.91 10.17
CA ALA A 1460 10.13 66.03 9.25
C ALA A 1460 10.38 67.39 9.90
N ASN A 1461 10.75 67.44 11.18
CA ASN A 1461 11.05 68.68 11.89
C ASN A 1461 9.87 69.65 11.84
N ILE A 1462 8.68 69.12 12.11
CA ILE A 1462 7.47 69.92 12.14
C ILE A 1462 7.29 70.51 13.53
N SER A 1463 6.56 71.64 13.59
CA SER A 1463 6.22 72.30 14.85
C SER A 1463 5.04 71.55 15.46
N ASN A 1464 4.43 72.12 16.50
CA ASN A 1464 3.31 71.48 17.20
C ASN A 1464 3.75 70.11 17.74
N ASP A 1465 4.71 70.17 18.67
CA ASP A 1465 5.42 69.00 19.16
C ASP A 1465 4.54 68.17 20.09
N HIS A 1466 3.51 67.58 19.49
CA HIS A 1466 2.64 66.58 20.10
C HIS A 1466 2.93 65.19 19.57
N TRP A 1467 3.46 65.08 18.36
CA TRP A 1467 3.89 63.80 17.82
C TRP A 1467 4.94 63.11 18.68
N PRO A 1468 5.96 63.79 19.22
CA PRO A 1468 6.87 63.09 20.15
C PRO A 1468 6.17 62.50 21.36
N SER A 1469 5.15 63.20 21.89
CA SER A 1469 4.39 62.66 23.00
C SER A 1469 3.67 61.37 22.58
N LEU A 1470 3.08 61.37 21.38
CA LEU A 1470 2.44 60.17 20.86
C LEU A 1470 3.44 59.04 20.72
N VAL A 1471 4.64 59.34 20.22
CA VAL A 1471 5.67 58.32 20.09
C VAL A 1471 5.98 57.72 21.46
N GLN A 1472 6.21 58.58 22.45
CA GLN A 1472 6.59 58.09 23.77
C GLN A 1472 5.49 57.23 24.38
N GLU A 1473 4.22 57.68 24.31
CA GLU A 1473 3.15 56.89 24.89
C GLU A 1473 3.01 55.55 24.19
N ALA A 1474 3.06 55.54 22.85
CA ALA A 1474 2.91 54.30 22.11
C ALA A 1474 4.04 53.32 22.43
N THR A 1475 5.28 53.81 22.47
CA THR A 1475 6.41 52.91 22.76
C THR A 1475 6.35 52.40 24.18
N THR A 1476 5.96 53.25 25.14
CA THR A 1476 5.82 52.78 26.52
C THR A 1476 4.74 51.71 26.63
N GLU A 1477 3.61 51.91 25.96
CA GLU A 1477 2.55 50.91 26.02
C GLU A 1477 3.01 49.60 25.38
N ALA A 1478 3.71 49.69 24.25
CA ALA A 1478 4.21 48.47 23.60
C ALA A 1478 5.20 47.75 24.49
N LEU A 1479 6.09 48.48 25.16
CA LEU A 1479 7.05 47.87 26.06
C LEU A 1479 6.36 47.23 27.26
N LYS A 1480 5.30 47.86 27.77
CA LYS A 1480 4.53 47.25 28.83
C LYS A 1480 3.87 45.96 28.36
N LEU A 1481 3.42 45.92 27.09
CA LEU A 1481 2.81 44.71 26.56
C LEU A 1481 3.81 43.56 26.52
N CYS A 1482 4.93 43.75 25.81
CA CYS A 1482 5.95 42.72 25.68
C CYS A 1482 7.30 43.39 25.43
N PHE A 1483 8.31 42.56 25.19
CA PHE A 1483 9.68 43.03 24.95
C PHE A 1483 9.86 43.23 23.44
N CYS A 1484 9.65 44.46 23.00
CA CYS A 1484 9.71 44.79 21.58
C CYS A 1484 11.00 45.50 21.26
N PRO A 1485 11.97 44.86 20.59
CA PRO A 1485 13.18 45.58 20.18
C PRO A 1485 12.88 46.76 19.27
N LEU A 1486 11.86 46.65 18.41
CA LEU A 1486 11.50 47.77 17.56
C LEU A 1486 11.04 48.96 18.39
N ALA A 1487 10.26 48.73 19.44
CA ALA A 1487 9.81 49.84 20.28
C ALA A 1487 10.98 50.54 20.99
N VAL A 1488 11.92 49.76 21.54
CA VAL A 1488 13.06 50.39 22.19
C VAL A 1488 13.89 51.15 21.18
N LEU A 1489 13.99 50.63 19.95
CA LEU A 1489 14.73 51.33 18.91
C LEU A 1489 14.02 52.62 18.53
N LEU A 1490 12.69 52.62 18.49
CA LEU A 1490 11.95 53.84 18.20
C LEU A 1490 12.16 54.88 19.30
N GLN A 1491 12.18 54.42 20.55
CA GLN A 1491 12.49 55.30 21.67
C GLN A 1491 13.86 55.92 21.49
N ALA A 1492 14.85 55.09 21.12
CA ALA A 1492 16.20 55.60 20.91
C ALA A 1492 16.24 56.61 19.77
N LEU A 1493 15.52 56.36 18.68
CA LEU A 1493 15.53 57.32 17.57
C LEU A 1493 14.91 58.65 17.97
N LEU A 1494 13.79 58.62 18.69
CA LEU A 1494 13.20 59.88 19.14
C LEU A 1494 14.10 60.63 20.10
N GLN A 1495 14.66 59.91 21.08
CA GLN A 1495 15.56 60.57 22.04
C GLN A 1495 16.79 61.15 21.34
N PHE A 1496 17.35 60.43 20.36
CA PHE A 1496 18.47 60.99 19.63
C PHE A 1496 18.08 62.20 18.83
N LYS A 1497 16.87 62.21 18.26
CA LYS A 1497 16.50 63.40 17.51
C LYS A 1497 16.34 64.60 18.44
N ARG A 1498 15.78 64.41 19.65
CA ARG A 1498 15.64 65.58 20.50
C ARG A 1498 16.94 66.22 20.99
N LYS A 1499 17.63 65.51 21.90
CA LYS A 1499 18.86 66.01 22.49
C LYS A 1499 20.04 66.00 21.52
N MET A 1500 20.22 64.89 20.82
CA MET A 1500 21.33 64.63 19.90
C MET A 1500 22.65 64.56 20.66
N GLY A 1501 23.04 65.69 21.26
CA GLY A 1501 24.27 65.78 22.03
C GLY A 1501 24.33 64.96 23.31
N ALA A 1502 23.24 64.93 24.08
CA ALA A 1502 23.17 64.24 25.37
C ALA A 1502 23.76 62.83 25.40
N ARG A 1503 24.71 62.64 26.32
CA ARG A 1503 25.45 61.40 26.50
C ARG A 1503 24.50 60.21 26.65
N GLU A 1504 23.38 60.43 27.36
CA GLU A 1504 22.42 59.37 27.60
C GLU A 1504 22.10 58.65 26.30
N THR A 1505 21.88 59.42 25.23
CA THR A 1505 21.56 58.83 23.94
C THR A 1505 22.60 57.81 23.48
N ARG A 1506 23.90 58.13 23.60
CA ARG A 1506 24.91 57.14 23.24
C ARG A 1506 24.77 55.92 24.13
N ARG A 1507 24.48 56.12 25.42
CA ARG A 1507 24.33 54.97 26.30
C ARG A 1507 23.19 54.07 25.84
N LEU A 1508 22.06 54.66 25.48
CA LEU A 1508 20.91 53.89 25.00
C LEU A 1508 21.25 53.16 23.71
N LEU A 1509 21.91 53.85 22.78
CA LEU A 1509 22.25 53.25 21.50
C LEU A 1509 23.24 52.10 21.70
N GLU A 1510 24.20 52.27 22.61
CA GLU A 1510 25.16 51.20 22.87
C GLU A 1510 24.47 50.01 23.51
N ARG A 1511 23.49 50.26 24.38
CA ARG A 1511 22.71 49.17 24.94
C ARG A 1511 21.99 48.40 23.83
N VAL A 1512 21.34 49.12 22.92
CA VAL A 1512 20.59 48.46 21.85
C VAL A 1512 21.52 47.67 20.94
N VAL A 1513 22.67 48.25 20.59
CA VAL A 1513 23.57 47.61 19.63
C VAL A 1513 24.44 46.51 20.25
N TYR A 1514 24.61 46.50 21.57
CA TYR A 1514 25.52 45.58 22.22
C TYR A 1514 24.83 44.45 22.98
N GLN A 1515 23.61 44.66 23.44
CA GLN A 1515 22.91 43.59 24.13
C GLN A 1515 22.48 42.53 23.12
N PRO A 1516 22.71 41.25 23.40
CA PRO A 1516 22.39 40.20 22.41
C PRO A 1516 20.90 39.94 22.28
N GLY A 1517 20.55 38.95 21.46
CA GLY A 1517 19.16 38.64 21.19
C GLY A 1517 18.41 39.71 20.43
N TYR A 1518 19.01 40.25 19.38
CA TYR A 1518 18.40 41.33 18.62
C TYR A 1518 18.46 41.00 17.13
N PRO A 1519 17.47 41.46 16.35
CA PRO A 1519 17.53 41.28 14.91
C PRO A 1519 18.65 42.08 14.27
N LYS A 1520 19.07 41.63 13.09
CA LYS A 1520 20.21 42.23 12.41
C LYS A 1520 19.94 43.67 12.00
N SER A 1521 18.75 43.95 11.48
CA SER A 1521 18.47 45.27 10.92
C SER A 1521 18.41 46.34 12.00
N ILE A 1522 17.75 46.04 13.12
CA ILE A 1522 17.66 46.97 14.23
C ILE A 1522 19.05 47.28 14.78
N ALA A 1523 19.87 46.23 14.93
CA ALA A 1523 21.23 46.43 15.40
C ALA A 1523 22.03 47.28 14.43
N SER A 1524 21.82 47.07 13.12
CA SER A 1524 22.52 47.88 12.13
C SER A 1524 22.13 49.35 12.24
N THR A 1525 20.83 49.63 12.38
CA THR A 1525 20.39 51.02 12.51
C THR A 1525 20.94 51.65 13.79
N ALA A 1526 20.93 50.91 14.89
CA ALA A 1526 21.48 51.43 16.14
C ALA A 1526 22.98 51.70 16.00
N ARG A 1527 23.68 50.79 15.31
CA ARG A 1527 25.10 51.00 15.06
C ARG A 1527 25.33 52.26 14.24
N TRP A 1528 24.49 52.48 13.23
CA TRP A 1528 24.64 53.65 12.38
C TRP A 1528 24.50 54.92 13.21
N TYR A 1529 23.43 55.03 14.02
CA TYR A 1529 23.25 56.24 14.82
C TYR A 1529 24.29 56.38 15.92
N LEU A 1530 24.76 55.27 16.49
CA LEU A 1530 25.81 55.37 17.49
C LEU A 1530 27.10 55.91 16.86
N LEU A 1531 27.43 55.44 15.67
CA LEU A 1531 28.61 55.95 14.96
C LEU A 1531 28.43 57.43 14.67
N ARG A 1532 27.21 57.81 14.28
CA ARG A 1532 26.88 59.22 14.04
C ARG A 1532 27.12 60.05 15.30
N HIS A 1533 26.56 59.60 16.43
CA HIS A 1533 26.65 60.36 17.67
C HIS A 1533 28.11 60.50 18.10
N LEU A 1534 28.91 59.44 17.92
CA LEU A 1534 30.29 59.52 18.37
C LEU A 1534 31.15 60.35 17.42
N TYR A 1535 30.86 60.32 16.12
CA TYR A 1535 31.55 61.23 15.22
C TYR A 1535 31.22 62.68 15.56
N ALA A 1536 29.98 62.95 15.96
CA ALA A 1536 29.67 64.27 16.51
C ALA A 1536 30.45 64.52 17.80
N LYS A 1537 30.62 63.48 18.62
CA LYS A 1537 31.35 63.55 19.87
C LYS A 1537 32.86 63.35 19.72
N ASP A 1538 33.33 62.96 18.54
CA ASP A 1538 34.76 62.94 18.22
C ASP A 1538 35.55 62.06 19.20
N ASP A 1539 35.22 60.76 19.18
CA ASP A 1539 35.96 59.75 19.95
C ASP A 1539 36.43 58.65 18.99
N TYR A 1540 37.71 58.72 18.61
CA TYR A 1540 38.26 57.78 17.63
C TYR A 1540 38.42 56.37 18.17
N GLU A 1541 38.71 56.21 19.47
CA GLU A 1541 38.81 54.87 20.04
C GLU A 1541 37.48 54.13 19.97
N LEU A 1542 36.39 54.81 20.31
CA LEU A 1542 35.08 54.20 20.21
C LEU A 1542 34.70 53.95 18.75
N ILE A 1543 35.15 54.80 17.83
CA ILE A 1543 34.88 54.56 16.41
C ILE A 1543 35.59 53.31 15.92
N ASP A 1544 36.85 53.11 16.35
CA ASP A 1544 37.56 51.88 16.00
C ASP A 1544 36.86 50.67 16.63
N VAL A 1545 36.37 50.81 17.86
CA VAL A 1545 35.62 49.72 18.49
C VAL A 1545 34.40 49.38 17.64
N LEU A 1546 33.68 50.39 17.18
CA LEU A 1546 32.52 50.17 16.32
C LEU A 1546 32.91 49.49 15.02
N VAL A 1547 34.04 49.91 14.44
CA VAL A 1547 34.48 49.34 13.16
C VAL A 1547 34.77 47.85 13.32
N ASN A 1548 35.56 47.49 14.33
CA ASN A 1548 35.88 46.08 14.51
C ASN A 1548 34.64 45.28 14.92
N ASN A 1549 33.73 45.89 15.68
CA ASN A 1549 32.48 45.21 16.03
C ASN A 1549 31.64 44.93 14.79
N ALA A 1550 31.59 45.88 13.87
CA ALA A 1550 30.93 45.66 12.60
C ALA A 1550 31.65 44.59 11.78
N LYS A 1551 32.97 44.49 11.94
CA LYS A 1551 33.70 43.52 11.13
C LYS A 1551 33.51 42.10 11.63
N THR A 1552 33.36 41.92 12.95
CA THR A 1552 33.10 40.57 13.47
C THR A 1552 31.78 40.03 12.95
N HIS A 1553 30.75 40.87 12.86
CA HIS A 1553 29.51 40.48 12.23
C HIS A 1553 29.59 40.76 10.74
N GLY A 1554 28.48 40.63 10.02
CA GLY A 1554 28.48 40.92 8.61
C GLY A 1554 27.79 42.23 8.31
N ASP A 1555 28.52 43.22 7.81
CA ASP A 1555 27.92 44.51 7.50
C ASP A 1555 28.75 45.22 6.44
N THR A 1556 28.08 46.07 5.68
CA THR A 1556 28.77 46.88 4.67
C THR A 1556 28.47 48.37 4.82
N ARG A 1557 27.24 48.73 5.19
CA ARG A 1557 26.84 50.14 5.23
C ARG A 1557 27.59 50.92 6.31
N ALA A 1558 27.76 50.33 7.49
CA ALA A 1558 28.47 51.02 8.56
C ALA A 1558 29.92 51.28 8.17
N LEU A 1559 30.57 50.29 7.57
CA LEU A 1559 31.95 50.47 7.13
C LEU A 1559 32.02 51.48 5.99
N GLU A 1560 31.03 51.46 5.10
CA GLU A 1560 30.98 52.42 4.00
C GLU A 1560 30.91 53.84 4.53
N LEU A 1561 30.00 54.11 5.46
CA LEU A 1561 29.92 55.46 6.01
C LEU A 1561 31.16 55.80 6.83
N ASN A 1562 31.76 54.82 7.51
CA ASN A 1562 33.01 55.06 8.22
C ASN A 1562 34.08 55.57 7.27
N GLN A 1563 34.29 54.88 6.16
CA GLN A 1563 35.26 55.33 5.17
C GLN A 1563 34.86 56.69 4.58
N ARG A 1564 33.57 56.88 4.30
CA ARG A 1564 33.11 58.12 3.67
C ARG A 1564 33.40 59.33 4.56
N LEU A 1565 33.14 59.22 5.86
CA LEU A 1565 33.42 60.33 6.76
C LEU A 1565 34.89 60.37 7.20
N SER A 1566 35.64 59.28 7.01
CA SER A 1566 37.07 59.34 7.24
C SER A 1566 37.77 60.24 6.23
N SER A 1567 37.35 60.16 4.96
CA SER A 1567 37.82 61.08 3.92
C SER A 1567 36.79 62.19 3.74
N GLN A 1568 36.82 63.14 4.69
CA GLN A 1568 35.89 64.26 4.67
C GLN A 1568 36.02 65.09 3.40
N MET B 1 17.99 -22.91 -1.27
CA MET B 1 17.16 -22.77 -2.46
C MET B 1 17.03 -21.29 -2.86
N THR B 2 16.98 -20.42 -1.85
CA THR B 2 16.86 -18.99 -2.12
C THR B 2 18.18 -18.45 -2.66
N ASN B 3 18.10 -17.72 -3.77
CA ASN B 3 19.29 -17.32 -4.49
C ASN B 3 20.08 -16.30 -3.69
N GLN B 4 21.33 -16.07 -4.12
CA GLN B 4 22.21 -15.14 -3.44
C GLN B 4 21.87 -13.71 -3.87
N TYR B 5 21.68 -12.82 -2.89
CA TYR B 5 21.32 -11.44 -3.13
C TYR B 5 22.33 -10.52 -2.44
N GLY B 6 22.74 -9.49 -3.15
CA GLY B 6 23.76 -8.58 -2.64
C GLY B 6 23.52 -7.18 -3.15
N ILE B 7 23.94 -6.20 -2.35
CA ILE B 7 23.70 -4.81 -2.75
C ILE B 7 24.66 -4.41 -3.86
N LEU B 8 25.96 -4.44 -3.58
CA LEU B 8 27.08 -4.12 -4.46
C LEU B 8 27.25 -2.62 -4.71
N PHE B 9 26.35 -1.77 -4.20
CA PHE B 9 26.48 -0.33 -4.39
C PHE B 9 25.58 0.46 -3.44
N LYS B 10 26.15 1.40 -2.69
CA LYS B 10 25.36 2.30 -1.86
C LYS B 10 25.86 3.73 -2.02
N GLN B 11 24.95 4.63 -2.35
CA GLN B 11 25.26 6.04 -2.54
C GLN B 11 24.97 6.79 -1.24
N GLU B 12 25.87 7.69 -0.85
CA GLU B 12 25.77 8.32 0.46
C GLU B 12 24.67 9.37 0.48
N GLN B 13 24.74 10.36 -0.40
CA GLN B 13 23.76 11.45 -0.44
C GLN B 13 23.58 11.88 -1.89
N ALA B 14 22.55 11.36 -2.54
CA ALA B 14 22.28 11.74 -3.93
C ALA B 14 21.68 13.13 -4.02
N HIS B 15 20.74 13.46 -3.14
CA HIS B 15 20.08 14.76 -3.15
C HIS B 15 20.14 15.37 -1.75
N ASP B 16 19.49 16.52 -1.59
CA ASP B 16 19.47 17.23 -0.32
C ASP B 16 18.19 17.01 0.49
N ASP B 17 17.18 16.37 -0.09
CA ASP B 17 15.91 16.13 0.59
C ASP B 17 15.39 14.76 0.19
N ALA B 18 14.14 14.48 0.57
CA ALA B 18 13.55 13.17 0.34
C ALA B 18 13.41 12.92 -1.16
N ILE B 19 13.71 11.69 -1.58
CA ILE B 19 13.58 11.31 -2.98
C ILE B 19 12.23 10.67 -3.22
N TRP B 20 11.50 11.19 -4.21
CA TRP B 20 10.12 10.82 -4.43
C TRP B 20 9.88 9.93 -5.64
N SER B 21 10.79 9.93 -6.62
CA SER B 21 10.55 9.09 -7.79
C SER B 21 11.86 8.69 -8.45
N VAL B 22 11.84 7.56 -9.15
CA VAL B 22 12.99 7.03 -9.86
C VAL B 22 12.51 6.28 -11.10
N ALA B 23 13.31 6.36 -12.17
CA ALA B 23 13.04 5.69 -13.43
C ALA B 23 14.34 5.13 -13.99
N TRP B 24 14.32 3.85 -14.40
CA TRP B 24 15.46 3.20 -15.00
C TRP B 24 15.15 2.91 -16.45
N GLY B 25 15.96 3.45 -17.36
CA GLY B 25 15.73 3.30 -18.78
C GLY B 25 16.93 2.82 -19.56
N THR B 26 16.78 1.66 -20.19
CA THR B 26 17.75 1.13 -21.14
C THR B 26 17.34 1.53 -22.56
N ASN B 27 17.25 2.85 -22.76
CA ASN B 27 16.61 3.37 -23.97
C ASN B 27 17.38 2.98 -25.23
N LYS B 28 18.68 3.26 -25.27
CA LYS B 28 19.44 3.01 -26.47
C LYS B 28 19.83 1.54 -26.55
N LYS B 29 20.14 1.09 -27.77
CA LYS B 29 20.43 -0.32 -28.00
C LYS B 29 21.66 -0.77 -27.24
N GLU B 30 22.69 0.07 -27.16
CA GLU B 30 23.90 -0.27 -26.43
C GLU B 30 23.66 -0.08 -24.93
N ASN B 31 24.72 -0.20 -24.14
CA ASN B 31 24.60 -0.13 -22.68
C ASN B 31 24.54 1.33 -22.26
N SER B 32 23.31 1.82 -22.10
CA SER B 32 23.06 3.18 -21.62
C SER B 32 22.87 3.20 -20.10
N GLU B 33 21.89 2.44 -19.60
CA GLU B 33 21.63 2.33 -18.16
C GLU B 33 21.41 3.71 -17.55
N THR B 34 20.43 4.42 -18.07
CA THR B 34 20.13 5.77 -17.60
C THR B 34 19.18 5.71 -16.41
N VAL B 35 19.50 6.47 -15.36
CA VAL B 35 18.69 6.52 -14.15
C VAL B 35 18.30 7.96 -13.90
N VAL B 36 17.00 8.22 -13.74
CA VAL B 36 16.50 9.57 -13.51
C VAL B 36 15.73 9.58 -12.20
N THR B 37 16.03 10.53 -11.33
CA THR B 37 15.38 10.60 -10.03
C THR B 37 14.88 12.01 -9.78
N GLY B 38 13.77 12.10 -9.08
CA GLY B 38 13.26 13.39 -8.62
C GLY B 38 12.99 13.39 -7.14
N SER B 39 13.40 14.47 -6.47
CA SER B 39 13.41 14.50 -5.01
C SER B 39 13.12 15.91 -4.51
N LEU B 40 11.86 16.21 -4.23
CA LEU B 40 11.42 17.36 -3.44
C LEU B 40 12.23 18.61 -3.79
N ASP B 41 12.50 18.83 -5.07
CA ASP B 41 13.33 19.94 -5.51
C ASP B 41 13.07 20.18 -6.99
N ASP B 42 13.83 21.10 -7.56
CA ASP B 42 13.87 21.29 -9.00
C ASP B 42 14.79 20.28 -9.68
N LEU B 43 15.62 19.57 -8.91
CA LEU B 43 16.64 18.71 -9.47
C LEU B 43 16.03 17.42 -9.99
N VAL B 44 16.33 17.10 -11.26
CA VAL B 44 15.86 15.91 -11.95
C VAL B 44 17.12 15.16 -12.40
N LYS B 45 18.18 15.26 -11.59
CA LYS B 45 19.50 14.74 -11.93
C LYS B 45 19.44 13.38 -12.62
N VAL B 46 20.24 13.25 -13.68
CA VAL B 46 20.35 12.02 -14.47
C VAL B 46 21.72 11.39 -14.20
N TRP B 47 21.69 10.14 -13.74
CA TRP B 47 22.84 9.31 -13.41
C TRP B 47 23.00 8.21 -14.47
N LYS B 48 24.19 7.59 -14.46
CA LYS B 48 24.47 6.46 -15.33
C LYS B 48 25.32 5.43 -14.58
N TRP B 49 24.89 4.18 -14.65
CA TRP B 49 25.59 3.04 -14.04
C TRP B 49 26.45 2.43 -15.14
N ARG B 50 27.74 2.76 -15.16
CA ARG B 50 28.53 2.34 -16.33
C ARG B 50 28.98 0.88 -16.21
N ASP B 51 29.81 0.56 -15.22
CA ASP B 51 30.20 -0.83 -15.06
C ASP B 51 29.82 -1.41 -13.71
N GLU B 52 30.17 -0.71 -12.62
CA GLU B 52 29.83 -1.16 -11.28
C GLU B 52 29.35 -0.04 -10.36
N ARG B 53 29.32 1.21 -10.82
CA ARG B 53 28.93 2.33 -9.98
C ARG B 53 28.01 3.27 -10.76
N LEU B 54 27.45 4.23 -10.04
CA LEU B 54 26.62 5.28 -10.63
C LEU B 54 27.45 6.55 -10.75
N ASP B 55 27.42 7.17 -11.92
CA ASP B 55 28.15 8.41 -12.18
C ASP B 55 27.15 9.50 -12.52
N LEU B 56 27.24 10.62 -11.81
CA LEU B 56 26.33 11.73 -12.07
C LEU B 56 26.70 12.40 -13.38
N GLN B 57 25.70 12.60 -14.24
CA GLN B 57 25.93 13.22 -15.54
C GLN B 57 25.22 14.56 -15.67
N TRP B 58 23.92 14.62 -15.36
CA TRP B 58 23.16 15.86 -15.48
C TRP B 58 22.57 16.25 -14.14
N SER B 59 22.57 17.55 -13.86
CA SER B 59 21.91 18.14 -12.70
C SER B 59 20.92 19.19 -13.15
N LEU B 60 20.17 18.89 -14.20
CA LEU B 60 19.22 19.82 -14.81
C LEU B 60 18.11 20.21 -13.83
N GLU B 61 17.66 21.45 -13.94
CA GLU B 61 16.66 21.98 -13.01
C GLU B 61 15.79 22.98 -13.76
N GLY B 62 14.99 23.73 -13.01
CA GLY B 62 14.03 24.65 -13.59
C GLY B 62 12.61 24.48 -13.08
N HIS B 63 12.46 23.80 -11.95
CA HIS B 63 11.19 23.66 -11.27
C HIS B 63 11.16 24.60 -10.07
N GLN B 64 9.95 24.86 -9.57
CA GLN B 64 9.78 25.73 -8.42
C GLN B 64 9.36 25.00 -7.14
N LEU B 65 8.69 23.87 -7.26
CA LEU B 65 8.30 23.05 -6.12
C LEU B 65 8.85 21.64 -6.28
N GLY B 66 8.57 20.79 -5.29
CA GLY B 66 9.12 19.45 -5.29
C GLY B 66 8.52 18.63 -6.42
N VAL B 67 9.36 17.93 -7.16
CA VAL B 67 8.91 17.10 -8.26
C VAL B 67 8.35 15.78 -7.73
N VAL B 68 7.14 15.44 -8.17
CA VAL B 68 6.43 14.29 -7.64
C VAL B 68 6.51 13.07 -8.55
N SER B 69 6.80 13.24 -9.83
CA SER B 69 6.81 12.08 -10.72
C SER B 69 7.75 12.31 -11.88
N VAL B 70 8.48 11.27 -12.28
CA VAL B 70 9.37 11.31 -13.42
C VAL B 70 9.20 10.03 -14.23
N ASP B 71 9.51 10.11 -15.52
CA ASP B 71 9.35 8.98 -16.41
C ASP B 71 10.37 9.11 -17.53
N ILE B 72 10.74 7.98 -18.13
CA ILE B 72 11.72 7.94 -19.20
C ILE B 72 11.23 7.04 -20.33
N SER B 73 11.62 7.36 -21.55
CA SER B 73 11.21 6.63 -22.74
C SER B 73 12.26 5.59 -23.11
N HIS B 74 11.80 4.52 -23.77
CA HIS B 74 12.68 3.45 -24.21
C HIS B 74 13.08 3.52 -25.68
N THR B 75 12.35 4.29 -26.49
CA THR B 75 12.67 4.38 -27.91
C THR B 75 13.61 5.56 -28.21
N LEU B 76 13.20 6.76 -27.85
CA LEU B 76 13.94 7.99 -28.07
C LEU B 76 14.55 8.48 -26.75
N PRO B 77 15.68 9.19 -26.79
CA PRO B 77 16.21 9.77 -25.54
C PRO B 77 15.42 11.01 -25.14
N ILE B 78 14.61 10.87 -24.10
CA ILE B 78 13.71 11.93 -23.66
C ILE B 78 13.28 11.60 -22.24
N ALA B 79 12.85 12.61 -21.50
CA ALA B 79 12.38 12.36 -20.14
C ALA B 79 11.27 13.34 -19.82
N ALA B 80 10.45 13.00 -18.83
CA ALA B 80 9.35 13.88 -18.44
C ALA B 80 9.21 13.88 -16.93
N SER B 81 8.69 14.98 -16.39
CA SER B 81 8.53 15.09 -14.94
C SER B 81 7.43 16.08 -14.62
N SER B 82 6.72 15.81 -13.52
CA SER B 82 5.70 16.73 -13.01
C SER B 82 5.90 16.93 -11.52
N SER B 83 5.39 18.07 -11.05
CA SER B 83 5.54 18.48 -9.66
C SER B 83 4.28 19.22 -9.22
N LEU B 84 4.30 19.71 -7.98
CA LEU B 84 3.27 20.61 -7.48
C LEU B 84 3.36 21.98 -8.11
N ASP B 85 4.41 22.26 -8.89
CA ASP B 85 4.60 23.53 -9.55
C ASP B 85 3.59 23.78 -10.67
N ALA B 86 2.80 22.78 -11.03
CA ALA B 86 1.83 22.87 -12.12
C ALA B 86 2.52 23.17 -13.45
N HIS B 87 3.48 22.32 -13.79
CA HIS B 87 4.21 22.45 -15.05
C HIS B 87 4.74 21.09 -15.45
N ILE B 88 4.42 20.64 -16.66
CA ILE B 88 4.97 19.40 -17.20
C ILE B 88 6.01 19.75 -18.25
N ARG B 89 7.27 19.83 -17.85
CA ARG B 89 8.36 20.13 -18.75
C ARG B 89 9.17 18.87 -19.04
N LEU B 90 9.27 18.51 -20.32
CA LEU B 90 9.98 17.31 -20.74
C LEU B 90 11.38 17.66 -21.22
N TRP B 91 12.37 16.92 -20.75
CA TRP B 91 13.77 17.21 -21.02
C TRP B 91 14.28 16.34 -22.17
N ASP B 92 15.41 16.79 -22.75
CA ASP B 92 16.03 16.10 -23.88
C ASP B 92 16.78 14.84 -23.44
N LEU B 93 17.38 14.88 -22.25
CA LEU B 93 18.09 13.78 -21.62
C LEU B 93 19.45 13.56 -22.28
N GLU B 94 19.73 14.26 -23.39
CA GLU B 94 21.05 14.19 -23.98
C GLU B 94 21.86 15.45 -23.65
N ASN B 95 21.31 16.63 -23.94
CA ASN B 95 21.86 17.88 -23.44
C ASN B 95 21.12 18.39 -22.22
N GLY B 96 19.87 17.96 -22.02
CA GLY B 96 19.13 18.30 -20.82
C GLY B 96 18.74 19.75 -20.73
N LYS B 97 18.22 20.35 -21.81
CA LYS B 97 17.74 21.73 -21.76
C LYS B 97 16.32 21.90 -22.32
N GLN B 98 15.34 21.69 -21.45
CA GLN B 98 13.98 22.26 -21.54
C GLN B 98 13.40 22.25 -22.96
N ILE B 99 13.25 21.04 -23.53
CA ILE B 99 12.68 20.95 -24.88
C ILE B 99 11.33 21.65 -24.96
N LYS B 100 10.45 21.36 -24.01
CA LYS B 100 9.10 21.92 -24.00
C LYS B 100 8.69 22.24 -22.56
N SER B 101 7.49 22.77 -22.41
CA SER B 101 6.92 23.12 -21.11
C SER B 101 5.41 23.19 -21.26
N ILE B 102 4.69 22.35 -20.53
CA ILE B 102 3.23 22.28 -20.64
C ILE B 102 2.61 22.76 -19.33
N ASP B 103 1.56 23.56 -19.45
CA ASP B 103 0.86 24.12 -18.30
C ASP B 103 -0.28 23.20 -17.88
N ALA B 104 -0.22 22.69 -16.66
CA ALA B 104 -1.28 21.82 -16.13
C ALA B 104 -1.18 21.80 -14.62
N GLY B 105 -2.26 22.19 -13.95
CA GLY B 105 -2.28 22.27 -12.50
C GLY B 105 -2.48 20.91 -11.85
N PRO B 106 -2.40 20.91 -10.52
CA PRO B 106 -2.75 19.69 -9.77
C PRO B 106 -4.16 19.22 -10.04
N VAL B 107 -5.02 20.11 -10.54
CA VAL B 107 -6.36 19.76 -10.98
C VAL B 107 -6.38 19.23 -12.41
N ASP B 108 -5.23 19.16 -13.07
CA ASP B 108 -5.14 18.67 -14.44
C ASP B 108 -4.20 17.49 -14.63
N ALA B 109 -3.13 17.37 -13.84
CA ALA B 109 -2.21 16.25 -14.01
C ALA B 109 -1.48 15.96 -12.72
N TRP B 110 -1.38 14.69 -12.35
CA TRP B 110 -0.68 14.28 -11.13
C TRP B 110 0.54 13.42 -11.41
N THR B 111 0.39 12.33 -12.18
CA THR B 111 1.49 11.41 -12.44
C THR B 111 1.73 11.27 -13.94
N LEU B 112 2.89 10.72 -14.29
CA LEU B 112 3.36 10.62 -15.67
C LEU B 112 3.46 9.17 -16.11
N ALA B 113 3.27 8.95 -17.42
CA ALA B 113 3.42 7.62 -18.01
C ALA B 113 3.59 7.76 -19.52
N PHE B 114 4.69 7.25 -20.06
CA PHE B 114 4.89 7.31 -21.50
C PHE B 114 4.12 6.20 -22.20
N SER B 115 3.76 6.46 -23.45
CA SER B 115 3.12 5.49 -24.30
C SER B 115 4.13 4.40 -24.69
N PRO B 116 3.66 3.20 -25.03
CA PRO B 116 4.59 2.15 -25.47
C PRO B 116 5.43 2.58 -26.66
N ASP B 117 4.89 3.41 -27.55
CA ASP B 117 5.66 3.98 -28.64
C ASP B 117 6.18 5.37 -28.32
N SER B 118 6.01 5.83 -27.08
CA SER B 118 6.49 7.12 -26.61
C SER B 118 5.91 8.27 -27.46
N GLN B 119 4.58 8.36 -27.43
CA GLN B 119 3.88 9.33 -28.26
C GLN B 119 2.82 10.16 -27.53
N TYR B 120 2.32 9.73 -26.37
CA TYR B 120 1.15 10.41 -25.82
C TYR B 120 1.35 11.01 -24.43
N LEU B 121 2.06 10.33 -23.53
CA LEU B 121 2.38 10.91 -22.21
C LEU B 121 1.11 11.30 -21.44
N ALA B 122 0.31 10.28 -21.14
CA ALA B 122 -0.96 10.47 -20.44
C ALA B 122 -0.74 10.80 -18.96
N THR B 123 -1.69 11.55 -18.40
CA THR B 123 -1.68 11.93 -17.00
C THR B 123 -3.10 11.80 -16.45
N GLY B 124 -3.20 11.93 -15.12
CA GLY B 124 -4.48 11.82 -14.44
C GLY B 124 -4.78 13.08 -13.65
N THR B 125 -6.06 13.43 -13.59
CA THR B 125 -6.50 14.68 -12.99
C THR B 125 -7.34 14.45 -11.74
N HIS B 126 -7.68 15.56 -11.08
CA HIS B 126 -8.46 15.52 -9.86
C HIS B 126 -9.90 15.10 -10.13
N VAL B 127 -10.49 15.59 -11.21
CA VAL B 127 -11.91 15.36 -11.49
C VAL B 127 -12.16 13.93 -11.96
N GLY B 128 -11.11 13.13 -12.04
CA GLY B 128 -11.23 11.72 -12.34
C GLY B 128 -10.87 11.32 -13.76
N LYS B 129 -10.86 12.26 -14.70
CA LYS B 129 -10.55 11.91 -16.07
C LYS B 129 -9.08 11.49 -16.20
N VAL B 130 -8.74 11.01 -17.39
CA VAL B 130 -7.38 10.63 -17.76
C VAL B 130 -7.02 11.44 -19.00
N ASN B 131 -6.37 12.57 -18.78
CA ASN B 131 -5.97 13.47 -19.86
C ASN B 131 -4.83 12.86 -20.66
N ILE B 132 -4.95 12.81 -21.99
CA ILE B 132 -3.88 12.30 -22.82
C ILE B 132 -3.39 13.43 -23.70
N PHE B 133 -2.11 13.76 -23.58
CA PHE B 133 -1.46 14.81 -24.32
C PHE B 133 -0.76 14.21 -25.53
N GLY B 134 -0.02 15.03 -26.26
CA GLY B 134 0.76 14.51 -27.38
C GLY B 134 2.17 15.05 -27.37
N VAL B 135 3.17 14.18 -27.25
CA VAL B 135 4.55 14.67 -27.28
C VAL B 135 4.88 15.10 -28.70
N GLU B 136 5.48 16.29 -28.83
CA GLU B 136 5.97 16.87 -30.08
C GLU B 136 4.82 17.25 -31.01
N SER B 137 3.58 16.99 -30.63
CA SER B 137 2.42 17.21 -31.49
C SER B 137 1.50 18.32 -30.99
N GLY B 138 1.09 18.27 -29.73
CA GLY B 138 0.17 19.27 -29.24
C GLY B 138 -0.22 19.00 -27.80
N LYS B 139 -1.18 19.79 -27.33
CA LYS B 139 -1.65 19.78 -25.95
C LYS B 139 -3.12 19.38 -25.88
N LYS B 140 -3.42 18.37 -25.06
CA LYS B 140 -4.79 18.03 -24.67
C LYS B 140 -5.66 17.74 -25.90
N GLU B 141 -5.28 16.66 -26.58
CA GLU B 141 -6.04 16.21 -27.74
C GLU B 141 -7.30 15.47 -27.32
N TYR B 142 -7.25 14.67 -26.27
CA TYR B 142 -8.44 14.00 -25.77
C TYR B 142 -8.20 13.51 -24.34
N SER B 143 -9.27 13.07 -23.70
CA SER B 143 -9.20 12.58 -22.33
C SER B 143 -10.28 11.53 -22.12
N LEU B 144 -9.90 10.39 -21.54
CA LEU B 144 -10.88 9.37 -21.20
C LEU B 144 -11.60 9.78 -19.93
N ASP B 145 -12.90 9.53 -19.87
CA ASP B 145 -13.70 10.01 -18.75
C ASP B 145 -14.25 8.84 -17.94
N THR B 146 -14.06 8.91 -16.63
CA THR B 146 -14.72 8.04 -15.66
C THR B 146 -15.30 8.89 -14.55
N ARG B 147 -16.38 8.39 -13.95
CA ARG B 147 -17.12 9.14 -12.93
C ARG B 147 -16.64 8.66 -11.57
N GLY B 148 -15.58 9.30 -11.07
CA GLY B 148 -15.00 8.89 -9.81
C GLY B 148 -14.26 10.01 -9.13
N LYS B 149 -13.48 9.64 -8.12
CA LYS B 149 -12.76 10.59 -7.28
C LYS B 149 -11.36 10.83 -7.85
N PHE B 150 -10.52 11.50 -7.06
CA PHE B 150 -9.13 11.75 -7.44
C PHE B 150 -8.45 10.48 -7.92
N ILE B 151 -7.76 10.58 -9.05
CA ILE B 151 -7.05 9.45 -9.65
C ILE B 151 -5.56 9.63 -9.45
N LEU B 152 -4.86 8.53 -9.16
CA LEU B 152 -3.45 8.61 -8.79
C LEU B 152 -2.54 7.91 -9.77
N SER B 153 -2.83 6.65 -10.10
CA SER B 153 -1.95 5.81 -10.90
C SER B 153 -2.45 5.70 -12.34
N ILE B 154 -1.51 5.66 -13.28
CA ILE B 154 -1.80 5.45 -14.70
C ILE B 154 -0.79 4.43 -15.23
N ALA B 155 -1.30 3.34 -15.81
CA ALA B 155 -0.43 2.27 -16.30
C ALA B 155 -0.77 1.86 -17.72
N TYR B 156 0.26 1.52 -18.48
CA TYR B 156 0.15 1.02 -19.85
C TYR B 156 0.64 -0.40 -19.97
N SER B 157 -0.11 -1.21 -20.70
CA SER B 157 0.33 -2.55 -21.02
C SER B 157 1.50 -2.48 -22.01
N PRO B 158 2.45 -3.42 -21.94
CA PRO B 158 3.62 -3.35 -22.82
C PRO B 158 3.32 -3.70 -24.27
N ASP B 159 2.07 -3.96 -24.62
CA ASP B 159 1.66 -4.22 -26.00
C ASP B 159 0.57 -3.26 -26.47
N GLY B 160 0.13 -2.36 -25.60
CA GLY B 160 -0.91 -1.41 -25.91
C GLY B 160 -2.30 -1.92 -25.63
N LYS B 161 -3.28 -1.20 -26.17
CA LYS B 161 -4.70 -1.52 -26.18
C LYS B 161 -5.29 -1.64 -24.77
N TYR B 162 -4.53 -1.27 -23.74
CA TYR B 162 -5.02 -1.31 -22.36
C TYR B 162 -4.49 -0.12 -21.60
N LEU B 163 -5.24 0.29 -20.57
CA LEU B 163 -4.86 1.42 -19.74
C LEU B 163 -5.58 1.27 -18.41
N ALA B 164 -4.85 1.02 -17.34
CA ALA B 164 -5.45 0.89 -16.02
C ALA B 164 -5.29 2.20 -15.26
N SER B 165 -6.09 2.34 -14.21
CA SER B 165 -6.09 3.59 -13.46
C SER B 165 -6.65 3.36 -12.06
N GLY B 166 -5.81 3.57 -11.05
CA GLY B 166 -6.23 3.50 -9.67
C GLY B 166 -6.59 4.87 -9.11
N ALA B 167 -7.50 4.88 -8.14
CA ALA B 167 -8.03 6.14 -7.63
C ALA B 167 -8.18 6.07 -6.12
N ILE B 168 -8.31 7.25 -5.52
CA ILE B 168 -8.68 7.34 -4.10
C ILE B 168 -10.03 6.63 -3.96
N ASP B 169 -10.21 5.94 -2.83
CA ASP B 169 -11.30 5.08 -2.31
C ASP B 169 -11.22 3.69 -2.95
N GLY B 170 -10.23 3.42 -3.81
CA GLY B 170 -9.93 2.07 -4.22
C GLY B 170 -10.53 1.62 -5.54
N ILE B 171 -11.35 2.45 -6.17
CA ILE B 171 -11.99 2.04 -7.42
C ILE B 171 -10.94 2.03 -8.53
N ILE B 172 -10.87 0.92 -9.26
CA ILE B 172 -9.91 0.72 -10.34
C ILE B 172 -10.66 0.62 -11.66
N ASN B 173 -10.20 1.38 -12.65
CA ASN B 173 -10.83 1.40 -13.97
C ASN B 173 -9.86 0.94 -15.04
N ILE B 174 -10.38 0.20 -16.03
CA ILE B 174 -9.60 -0.31 -17.15
C ILE B 174 -10.24 0.16 -18.44
N PHE B 175 -9.43 0.78 -19.30
CA PHE B 175 -9.83 1.29 -20.60
C PHE B 175 -9.06 0.57 -21.69
N ASP B 176 -9.62 0.59 -22.91
CA ASP B 176 -8.96 0.07 -24.08
C ASP B 176 -8.58 1.23 -25.00
N ILE B 177 -7.32 1.27 -25.42
CA ILE B 177 -6.81 2.38 -26.20
C ILE B 177 -7.47 2.44 -27.58
N ALA B 178 -7.80 1.28 -28.14
CA ALA B 178 -8.33 1.23 -29.51
C ALA B 178 -9.63 2.01 -29.63
N THR B 179 -10.51 1.89 -28.65
CA THR B 179 -11.81 2.55 -28.67
C THR B 179 -11.96 3.62 -27.58
N GLY B 180 -11.45 3.38 -26.38
CA GLY B 180 -11.59 4.32 -25.30
C GLY B 180 -12.82 4.15 -24.45
N LYS B 181 -13.43 2.98 -24.45
CA LYS B 181 -14.65 2.71 -23.69
C LYS B 181 -14.31 1.91 -22.43
N LEU B 182 -14.99 2.25 -21.34
CA LEU B 182 -14.79 1.56 -20.07
C LEU B 182 -15.21 0.09 -20.19
N LEU B 183 -14.23 -0.81 -20.04
CA LEU B 183 -14.53 -2.23 -20.15
C LEU B 183 -15.19 -2.75 -18.87
N HIS B 184 -14.51 -2.63 -17.73
CA HIS B 184 -15.06 -3.09 -16.47
C HIS B 184 -14.33 -2.40 -15.33
N THR B 185 -15.06 -2.14 -14.25
CA THR B 185 -14.54 -1.46 -13.07
C THR B 185 -14.40 -2.46 -11.93
N LEU B 186 -13.24 -2.47 -11.29
CA LEU B 186 -12.98 -3.34 -10.16
C LEU B 186 -13.08 -2.55 -8.86
N GLU B 187 -13.80 -3.08 -7.89
CA GLU B 187 -13.97 -2.39 -6.62
C GLU B 187 -12.65 -2.27 -5.87
N GLY B 188 -11.81 -3.30 -5.94
CA GLY B 188 -10.50 -3.24 -5.34
C GLY B 188 -10.52 -3.13 -3.83
N HIS B 189 -9.89 -2.08 -3.31
CA HIS B 189 -9.74 -1.87 -1.88
C HIS B 189 -10.66 -0.74 -1.42
N ALA B 190 -10.54 -0.40 -0.14
CA ALA B 190 -11.25 0.73 0.45
C ALA B 190 -10.33 1.88 0.79
N MET B 191 -9.10 1.86 0.29
CA MET B 191 -8.08 2.86 0.55
C MET B 191 -7.40 3.22 -0.75
N PRO B 192 -6.71 4.37 -0.81
CA PRO B 192 -6.08 4.79 -2.07
C PRO B 192 -5.07 3.76 -2.57
N ILE B 193 -4.92 3.72 -3.89
CA ILE B 193 -4.10 2.70 -4.54
C ILE B 193 -2.67 3.19 -4.69
N ARG B 194 -2.50 4.31 -5.42
CA ARG B 194 -1.22 5.00 -5.62
C ARG B 194 -0.13 4.11 -6.21
N SER B 195 -0.47 2.96 -6.78
CA SER B 195 0.53 2.12 -7.43
C SER B 195 -0.16 1.10 -8.33
N LEU B 196 0.24 1.05 -9.60
CA LEU B 196 -0.25 0.04 -10.52
C LEU B 196 0.85 -0.31 -11.51
N THR B 197 0.77 -1.53 -12.07
CA THR B 197 1.72 -1.96 -13.08
C THR B 197 1.16 -3.20 -13.79
N PHE B 198 1.43 -3.30 -15.08
CA PHE B 198 1.12 -4.49 -15.85
C PHE B 198 2.31 -5.45 -15.85
N SER B 199 2.25 -6.48 -16.67
CA SER B 199 3.31 -7.44 -16.87
C SER B 199 3.53 -7.61 -18.36
N PRO B 200 4.70 -8.09 -18.79
CA PRO B 200 4.87 -8.44 -20.21
C PRO B 200 3.84 -9.47 -20.65
N ASP B 201 3.64 -9.56 -21.96
CA ASP B 201 2.57 -10.33 -22.60
C ASP B 201 1.25 -10.22 -21.81
N SER B 202 0.92 -8.97 -21.50
CA SER B 202 0.06 -8.64 -20.37
C SER B 202 -1.20 -9.48 -20.26
N GLN B 203 -1.29 -10.25 -19.18
CA GLN B 203 -2.52 -10.91 -18.76
C GLN B 203 -2.72 -10.85 -17.26
N LEU B 204 -1.85 -10.16 -16.54
CA LEU B 204 -1.93 -10.03 -15.09
C LEU B 204 -1.75 -8.58 -14.68
N LEU B 205 -2.59 -8.10 -13.77
CA LEU B 205 -2.51 -6.73 -13.27
C LEU B 205 -2.31 -6.79 -11.77
N VAL B 206 -1.25 -6.18 -11.28
CA VAL B 206 -0.91 -6.23 -9.86
C VAL B 206 -1.17 -4.86 -9.25
N THR B 207 -1.96 -4.83 -8.20
CA THR B 207 -2.34 -3.59 -7.52
C THR B 207 -1.76 -3.58 -6.12
N ALA B 208 -1.29 -2.41 -5.70
CA ALA B 208 -0.83 -2.16 -4.35
C ALA B 208 -1.70 -1.07 -3.74
N SER B 209 -2.11 -1.24 -2.50
CA SER B 209 -3.03 -0.32 -1.87
C SER B 209 -2.44 0.26 -0.59
N ASP B 210 -3.25 1.04 0.11
CA ASP B 210 -2.84 1.75 1.30
C ASP B 210 -3.06 0.93 2.57
N ASP B 211 -3.75 -0.20 2.48
CA ASP B 211 -4.03 -1.04 3.64
C ASP B 211 -3.03 -2.16 3.83
N GLY B 212 -2.02 -2.25 2.95
CA GLY B 212 -0.98 -3.27 3.07
C GLY B 212 -1.17 -4.47 2.18
N TYR B 213 -2.34 -4.65 1.58
CA TYR B 213 -2.61 -5.79 0.72
C TYR B 213 -2.13 -5.52 -0.71
N ILE B 214 -1.84 -6.60 -1.43
CA ILE B 214 -1.43 -6.54 -2.82
C ILE B 214 -2.33 -7.51 -3.59
N LYS B 215 -3.20 -6.98 -4.44
CA LYS B 215 -4.11 -7.82 -5.21
C LYS B 215 -3.51 -8.21 -6.55
N ILE B 216 -3.77 -9.44 -7.00
CA ILE B 216 -3.33 -9.90 -8.30
C ILE B 216 -4.58 -10.22 -9.11
N TYR B 217 -4.93 -9.36 -10.06
CA TYR B 217 -6.09 -9.52 -10.92
C TYR B 217 -5.67 -10.09 -12.27
N ASP B 218 -6.67 -10.57 -13.00
CA ASP B 218 -6.46 -11.11 -14.34
C ASP B 218 -7.18 -10.23 -15.35
N VAL B 219 -6.46 -9.77 -16.36
CA VAL B 219 -7.02 -8.88 -17.38
C VAL B 219 -8.01 -9.68 -18.21
N GLN B 220 -8.85 -8.98 -18.99
CA GLN B 220 -9.91 -9.43 -19.89
C GLN B 220 -11.07 -10.08 -19.13
N HIS B 221 -10.99 -10.17 -17.81
CA HIS B 221 -12.07 -10.62 -16.96
C HIS B 221 -11.92 -9.91 -15.61
N ALA B 222 -12.76 -10.29 -14.65
CA ALA B 222 -12.71 -9.71 -13.31
C ALA B 222 -12.22 -10.69 -12.27
N ASN B 223 -11.53 -11.75 -12.70
CA ASN B 223 -11.05 -12.77 -11.78
C ASN B 223 -9.76 -12.30 -11.12
N LEU B 224 -9.73 -12.34 -9.78
CA LEU B 224 -8.54 -12.01 -9.02
C LEU B 224 -7.81 -13.30 -8.66
N ALA B 225 -6.50 -13.33 -8.87
CA ALA B 225 -5.72 -14.54 -8.67
C ALA B 225 -5.23 -14.70 -7.23
N GLY B 226 -5.38 -13.69 -6.40
CA GLY B 226 -4.98 -13.82 -5.01
C GLY B 226 -4.70 -12.49 -4.37
N THR B 227 -4.43 -12.56 -3.06
CA THR B 227 -4.11 -11.40 -2.24
C THR B 227 -2.87 -11.71 -1.43
N LEU B 228 -1.85 -10.86 -1.55
CA LEU B 228 -0.59 -11.04 -0.87
C LEU B 228 -0.53 -10.04 0.29
N SER B 229 -0.30 -10.54 1.51
CA SER B 229 -0.26 -9.70 2.71
C SER B 229 0.96 -10.07 3.52
N GLY B 230 2.06 -9.35 3.29
CA GLY B 230 3.27 -9.59 4.06
C GLY B 230 3.82 -8.34 4.71
N HIS B 231 3.39 -7.17 4.24
CA HIS B 231 3.89 -5.90 4.74
C HIS B 231 3.13 -5.46 5.98
N ALA B 232 3.75 -4.54 6.73
CA ALA B 232 3.19 -4.04 7.97
C ALA B 232 2.70 -2.61 7.86
N SER B 233 3.14 -1.86 6.85
CA SER B 233 2.78 -0.46 6.66
C SER B 233 2.28 -0.25 5.23
N TRP B 234 2.08 1.02 4.85
CA TRP B 234 1.60 1.33 3.51
C TRP B 234 2.55 0.78 2.46
N VAL B 235 1.99 0.34 1.34
CA VAL B 235 2.76 -0.09 0.16
C VAL B 235 2.70 1.03 -0.87
N LEU B 236 3.88 1.49 -1.31
CA LEU B 236 3.94 2.70 -2.13
C LEU B 236 4.23 2.44 -3.60
N ASN B 237 5.10 1.50 -3.95
CA ASN B 237 5.45 1.27 -5.34
C ASN B 237 5.63 -0.22 -5.59
N VAL B 238 5.25 -0.66 -6.78
CA VAL B 238 5.40 -2.05 -7.22
C VAL B 238 5.90 -2.06 -8.65
N ALA B 239 6.98 -2.81 -8.91
CA ALA B 239 7.56 -2.93 -10.24
C ALA B 239 7.66 -4.40 -10.63
N PHE B 240 7.46 -4.68 -11.91
CA PHE B 240 7.44 -6.04 -12.41
C PHE B 240 8.74 -6.39 -13.11
N CYS B 241 9.12 -7.67 -13.03
CA CYS B 241 10.33 -8.18 -13.65
C CYS B 241 10.15 -8.35 -15.16
N PRO B 242 11.24 -8.26 -15.94
CA PRO B 242 11.11 -8.49 -17.39
C PRO B 242 10.57 -9.85 -17.76
N ASP B 243 10.74 -10.85 -16.89
CA ASP B 243 10.16 -12.17 -17.06
C ASP B 243 9.08 -12.39 -16.01
N ASP B 244 7.97 -13.01 -16.42
CA ASP B 244 6.83 -13.08 -15.53
C ASP B 244 7.02 -14.13 -14.43
N THR B 245 7.97 -13.89 -13.54
CA THR B 245 8.25 -14.82 -12.45
C THR B 245 8.39 -14.16 -11.08
N HIS B 246 8.70 -12.87 -11.02
CA HIS B 246 8.86 -12.16 -9.75
C HIS B 246 8.40 -10.72 -9.90
N PHE B 247 8.21 -10.07 -8.77
CA PHE B 247 7.97 -8.63 -8.76
C PHE B 247 8.37 -8.06 -7.42
N VAL B 248 8.85 -6.82 -7.42
CA VAL B 248 9.38 -6.17 -6.24
C VAL B 248 8.41 -5.10 -5.75
N SER B 249 8.21 -5.05 -4.43
CA SER B 249 7.32 -4.10 -3.78
C SER B 249 8.07 -3.40 -2.66
N SER B 250 7.82 -2.10 -2.51
CA SER B 250 8.41 -1.28 -1.46
C SER B 250 7.31 -0.68 -0.61
N SER B 251 7.43 -0.85 0.70
CA SER B 251 6.43 -0.38 1.64
C SER B 251 7.00 0.74 2.50
N SER B 252 6.18 1.23 3.42
CA SER B 252 6.55 2.32 4.31
C SER B 252 7.16 1.82 5.61
N ASP B 253 7.34 0.52 5.77
CA ASP B 253 7.94 -0.04 6.97
C ASP B 253 9.44 -0.28 6.83
N LYS B 254 10.11 0.43 5.92
CA LYS B 254 11.56 0.34 5.73
C LYS B 254 11.99 -1.08 5.37
N SER B 255 11.33 -1.67 4.37
CA SER B 255 11.62 -3.02 3.94
C SER B 255 11.29 -3.15 2.47
N VAL B 256 12.19 -3.72 1.67
CA VAL B 256 11.95 -3.94 0.25
C VAL B 256 11.81 -5.44 0.04
N LYS B 257 10.65 -5.89 -0.46
CA LYS B 257 10.43 -7.31 -0.58
C LYS B 257 10.19 -7.72 -2.03
N VAL B 258 10.63 -8.92 -2.38
CA VAL B 258 10.44 -9.45 -3.72
C VAL B 258 9.58 -10.70 -3.62
N TRP B 259 8.49 -10.73 -4.38
CA TRP B 259 7.55 -11.84 -4.40
C TRP B 259 7.67 -12.60 -5.71
N ASP B 260 6.97 -13.74 -5.76
CA ASP B 260 6.91 -14.59 -6.94
C ASP B 260 5.45 -14.89 -7.21
N VAL B 261 5.02 -14.70 -8.45
CA VAL B 261 3.61 -14.86 -8.80
C VAL B 261 3.20 -16.33 -8.85
N GLY B 262 4.15 -17.22 -9.20
CA GLY B 262 3.79 -18.62 -9.37
C GLY B 262 3.31 -19.28 -8.10
N THR B 263 4.00 -19.02 -6.99
CA THR B 263 3.66 -19.64 -5.71
C THR B 263 3.09 -18.67 -4.70
N ARG B 264 3.09 -17.36 -5.00
CA ARG B 264 2.54 -16.33 -4.12
C ARG B 264 3.22 -16.36 -2.74
N THR B 265 4.52 -16.12 -2.75
CA THR B 265 5.29 -16.06 -1.51
C THR B 265 6.44 -15.09 -1.69
N CYS B 266 6.99 -14.63 -0.57
CA CYS B 266 8.08 -13.68 -0.57
C CYS B 266 9.41 -14.45 -0.55
N VAL B 267 10.15 -14.40 -1.66
CA VAL B 267 11.40 -15.14 -1.72
C VAL B 267 12.48 -14.46 -0.90
N HIS B 268 12.55 -13.13 -0.95
CA HIS B 268 13.56 -12.43 -0.17
C HIS B 268 13.05 -11.05 0.26
N THR B 269 13.65 -10.55 1.34
CA THR B 269 13.40 -9.21 1.85
C THR B 269 14.73 -8.54 2.15
N PHE B 270 14.82 -7.25 1.81
CA PHE B 270 15.99 -6.43 2.11
C PHE B 270 15.64 -5.50 3.25
N PHE B 271 16.46 -5.54 4.30
CA PHE B 271 16.31 -4.68 5.48
C PHE B 271 17.40 -3.61 5.40
N ASP B 272 17.08 -2.55 4.67
CA ASP B 272 17.92 -1.37 4.45
C ASP B 272 16.97 -0.19 4.51
N HIS B 273 17.44 0.99 4.09
CA HIS B 273 16.51 2.11 3.90
C HIS B 273 15.79 2.44 5.20
N GLN B 274 16.58 2.92 6.17
CA GLN B 274 16.11 3.20 7.52
C GLN B 274 14.85 4.05 7.55
N ASP B 275 14.52 4.76 6.48
CA ASP B 275 13.32 5.57 6.42
C ASP B 275 12.45 5.03 5.26
N GLN B 276 11.34 5.71 4.98
CA GLN B 276 10.41 5.20 3.99
C GLN B 276 11.07 5.12 2.60
N VAL B 277 10.59 4.16 1.81
CA VAL B 277 11.09 3.94 0.45
C VAL B 277 10.00 4.38 -0.52
N TRP B 278 10.34 5.27 -1.43
CA TRP B 278 9.35 5.85 -2.32
C TRP B 278 9.42 5.31 -3.74
N GLY B 279 10.39 4.45 -4.05
CA GLY B 279 10.46 3.96 -5.41
C GLY B 279 11.36 2.76 -5.62
N VAL B 280 10.91 1.78 -6.41
CA VAL B 280 11.73 0.63 -6.77
C VAL B 280 11.49 0.32 -8.25
N LYS B 281 12.55 -0.04 -8.95
CA LYS B 281 12.46 -0.35 -10.37
C LYS B 281 13.44 -1.44 -10.75
N TYR B 282 13.13 -2.13 -11.84
CA TYR B 282 14.01 -3.11 -12.46
C TYR B 282 14.77 -2.48 -13.61
N ASN B 283 15.82 -3.16 -14.05
CA ASN B 283 16.59 -2.75 -15.21
C ASN B 283 16.14 -3.55 -16.43
N GLY B 284 16.86 -3.39 -17.55
CA GLY B 284 16.47 -4.03 -18.80
C GLY B 284 16.28 -5.53 -18.68
N ASN B 285 17.28 -6.21 -18.14
CA ASN B 285 17.19 -7.63 -17.80
C ASN B 285 17.14 -7.77 -16.28
N GLY B 286 16.44 -8.81 -15.81
CA GLY B 286 16.19 -8.92 -14.39
C GLY B 286 17.37 -9.36 -13.55
N SER B 287 18.37 -8.49 -13.45
CA SER B 287 19.58 -8.76 -12.68
C SER B 287 19.85 -7.75 -11.58
N LYS B 288 19.38 -6.52 -11.71
CA LYS B 288 19.66 -5.46 -10.74
C LYS B 288 18.36 -4.74 -10.39
N ILE B 289 18.33 -4.17 -9.18
CA ILE B 289 17.16 -3.45 -8.69
C ILE B 289 17.59 -2.08 -8.17
N VAL B 290 16.88 -1.03 -8.59
CA VAL B 290 17.16 0.30 -8.08
C VAL B 290 16.04 0.65 -7.08
N SER B 291 16.40 1.43 -6.06
CA SER B 291 15.43 1.83 -5.04
C SER B 291 15.84 3.16 -4.44
N VAL B 292 14.89 4.10 -4.39
CA VAL B 292 15.09 5.39 -3.75
C VAL B 292 14.12 5.51 -2.58
N GLY B 293 14.61 6.09 -1.49
CA GLY B 293 13.88 6.20 -0.25
C GLY B 293 13.68 7.63 0.21
N ASP B 294 12.92 7.76 1.30
CA ASP B 294 12.70 9.07 1.90
C ASP B 294 14.01 9.67 2.41
N ASP B 295 14.88 8.84 2.95
CA ASP B 295 16.24 9.27 3.25
C ASP B 295 17.03 9.42 1.95
N GLN B 296 17.95 10.37 1.93
CA GLN B 296 18.68 10.70 0.71
C GLN B 296 19.73 9.63 0.44
N GLU B 297 19.27 8.52 -0.14
CA GLU B 297 20.14 7.41 -0.49
C GLU B 297 19.55 6.68 -1.69
N ILE B 298 20.44 6.26 -2.60
CA ILE B 298 20.07 5.46 -3.76
C ILE B 298 20.70 4.10 -3.57
N HIS B 299 19.88 3.05 -3.55
CA HIS B 299 20.38 1.70 -3.34
C HIS B 299 20.15 0.87 -4.59
N ILE B 300 21.19 0.14 -5.00
CA ILE B 300 21.08 -0.82 -6.10
C ILE B 300 21.38 -2.20 -5.53
N TYR B 301 20.55 -3.17 -5.87
CA TYR B 301 20.71 -4.54 -5.43
C TYR B 301 20.99 -5.42 -6.64
N ASP B 302 21.14 -6.71 -6.38
CA ASP B 302 21.45 -7.70 -7.40
C ASP B 302 20.56 -8.92 -7.20
N CYS B 303 19.78 -9.26 -8.22
CA CYS B 303 18.92 -10.44 -8.18
C CYS B 303 19.25 -11.36 -9.35
N PRO B 304 19.86 -12.51 -9.11
CA PRO B 304 20.24 -13.41 -10.21
C PRO B 304 19.02 -14.06 -10.84
N ILE B 305 19.16 -14.39 -12.12
CA ILE B 305 18.08 -14.99 -12.88
C ILE B 305 17.75 -16.38 -12.33
N MET C 1 3.06 0.54 68.65
CA MET C 1 4.36 0.30 68.01
C MET C 1 4.62 1.32 66.91
N THR C 2 3.55 1.71 66.22
CA THR C 2 3.68 2.68 65.13
C THR C 2 3.97 4.08 65.70
N ASN C 3 5.00 4.72 65.16
CA ASN C 3 5.52 5.95 65.72
C ASN C 3 4.50 7.08 65.53
N GLN C 4 4.73 8.19 66.23
CA GLN C 4 3.82 9.32 66.14
C GLN C 4 4.12 10.12 64.87
N TYR C 5 3.08 10.38 64.09
CA TYR C 5 3.20 11.09 62.82
C TYR C 5 2.28 12.30 62.79
N GLY C 6 2.79 13.41 62.29
CA GLY C 6 2.05 14.66 62.28
C GLY C 6 2.45 15.43 61.05
N ILE C 7 1.52 16.25 60.54
CA ILE C 7 1.81 16.99 59.32
C ILE C 7 2.76 18.13 59.60
N LEU C 8 2.33 19.08 60.45
CA LEU C 8 3.01 20.28 60.94
C LEU C 8 3.10 21.39 59.88
N PHE C 9 2.66 21.15 58.64
CA PHE C 9 2.70 22.20 57.63
C PHE C 9 1.84 21.88 56.41
N LYS C 10 0.93 22.80 56.07
CA LYS C 10 0.12 22.72 54.87
C LYS C 10 0.07 24.07 54.17
N GLN C 11 0.40 24.09 52.88
CA GLN C 11 0.40 25.28 52.06
C GLN C 11 -0.93 25.39 51.31
N GLU C 12 -1.49 26.59 51.26
CA GLU C 12 -2.83 26.74 50.72
C GLU C 12 -2.83 26.63 49.19
N GLN C 13 -2.05 27.48 48.51
CA GLN C 13 -2.01 27.47 47.05
C GLN C 13 -0.61 27.86 46.62
N ALA C 14 0.23 26.86 46.33
CA ALA C 14 1.59 27.14 45.88
C ALA C 14 1.60 27.62 44.44
N HIS C 15 0.82 26.98 43.56
CA HIS C 15 0.77 27.34 42.15
C HIS C 15 -0.68 27.52 41.72
N ASP C 16 -0.87 27.75 40.42
CA ASP C 16 -2.19 27.97 39.84
C ASP C 16 -2.78 26.73 39.17
N ASP C 17 -2.00 25.67 39.01
CA ASP C 17 -2.49 24.46 38.34
C ASP C 17 -1.89 23.24 39.03
N ALA C 18 -2.09 22.07 38.43
CA ALA C 18 -1.65 20.82 39.05
C ALA C 18 -0.13 20.79 39.16
N ILE C 19 0.36 20.29 40.29
CA ILE C 19 1.80 20.19 40.52
C ILE C 19 2.28 18.80 40.13
N TRP C 20 3.30 18.75 39.28
CA TRP C 20 3.75 17.51 38.67
C TRP C 20 5.06 16.98 39.22
N SER C 21 5.91 17.84 39.81
CA SER C 21 7.18 17.33 40.31
C SER C 21 7.68 18.18 41.46
N VAL C 22 8.49 17.56 42.31
CA VAL C 22 9.08 18.21 43.48
C VAL C 22 10.44 17.58 43.76
N ALA C 23 11.39 18.40 44.21
CA ALA C 23 12.74 17.98 44.56
C ALA C 23 13.18 18.67 45.83
N TRP C 24 13.69 17.91 46.79
CA TRP C 24 14.21 18.44 48.05
C TRP C 24 15.72 18.23 48.07
N GLY C 25 16.47 19.31 48.19
CA GLY C 25 17.91 19.25 48.16
C GLY C 25 18.61 19.96 49.30
N THR C 26 19.35 19.18 50.09
CA THR C 26 20.25 19.70 51.12
C THR C 26 21.65 19.87 50.54
N ASN C 27 21.74 20.68 49.48
CA ASN C 27 22.95 20.72 48.67
C ASN C 27 24.14 21.23 49.46
N LYS C 28 24.00 22.39 50.09
CA LYS C 28 25.12 23.00 50.78
C LYS C 28 25.31 22.36 52.15
N LYS C 29 26.53 22.52 52.69
CA LYS C 29 26.88 21.86 53.94
C LYS C 29 26.02 22.35 55.10
N GLU C 30 25.71 23.64 55.13
CA GLU C 30 24.86 24.20 56.18
C GLU C 30 23.41 23.88 55.87
N ASN C 31 22.49 24.44 56.66
CA ASN C 31 21.06 24.15 56.52
C ASN C 31 20.49 24.98 55.37
N SER C 32 20.43 24.36 54.19
CA SER C 32 19.82 24.99 53.02
C SER C 32 18.34 24.62 52.86
N GLU C 33 18.05 23.32 52.77
CA GLU C 33 16.67 22.83 52.65
C GLU C 33 15.95 23.49 51.48
N THR C 34 16.52 23.34 50.30
CA THR C 34 15.95 23.95 49.10
C THR C 34 14.90 23.03 48.49
N VAL C 35 13.74 23.59 48.16
CA VAL C 35 12.64 22.82 47.57
C VAL C 35 12.30 23.45 46.22
N VAL C 36 12.27 22.62 45.19
CA VAL C 36 11.97 23.09 43.84
C VAL C 36 10.78 22.29 43.32
N THR C 37 9.78 22.98 42.79
CA THR C 37 8.58 22.31 42.31
C THR C 37 8.24 22.80 40.92
N GLY C 38 7.70 21.91 40.12
CA GLY C 38 7.17 22.28 38.80
C GLY C 38 5.75 21.81 38.62
N SER C 39 4.91 22.70 38.07
CA SER C 39 3.47 22.46 38.06
C SER C 39 2.86 23.06 36.80
N LEU C 40 2.70 22.25 35.76
CA LEU C 40 1.85 22.51 34.60
C LEU C 40 1.94 23.97 34.17
N ASP C 41 3.14 24.53 34.17
CA ASP C 41 3.32 25.95 33.85
C ASP C 41 4.78 26.17 33.49
N ASP C 42 5.13 27.44 33.27
CA ASP C 42 6.52 27.83 33.15
C ASP C 42 7.20 27.99 34.50
N LEU C 43 6.42 28.02 35.58
CA LEU C 43 6.95 28.33 36.90
C LEU C 43 7.67 27.14 37.50
N VAL C 44 8.91 27.35 37.92
CA VAL C 44 9.78 26.37 38.54
C VAL C 44 10.15 26.92 39.91
N LYS C 45 9.21 27.66 40.51
CA LYS C 45 9.42 28.40 41.75
C LYS C 45 10.24 27.61 42.76
N VAL C 46 11.21 28.29 43.38
CA VAL C 46 12.09 27.70 44.38
C VAL C 46 11.74 28.27 45.74
N TRP C 47 11.41 27.37 46.67
CA TRP C 47 11.04 27.62 48.05
C TRP C 47 12.17 27.21 48.98
N LYS C 48 12.09 27.67 50.22
CA LYS C 48 13.07 27.31 51.24
C LYS C 48 12.37 27.09 52.57
N TRP C 49 12.66 25.97 53.22
CA TRP C 49 12.11 25.67 54.53
C TRP C 49 13.16 26.12 55.55
N ARG C 50 13.00 27.30 56.13
CA ARG C 50 14.10 27.79 56.94
C ARG C 50 14.10 27.19 58.34
N ASP C 51 13.06 27.47 59.13
CA ASP C 51 12.97 26.83 60.44
C ASP C 51 11.71 26.00 60.61
N GLU C 52 10.53 26.57 60.32
CA GLU C 52 9.28 25.83 60.42
C GLU C 52 8.32 26.07 59.26
N ARG C 53 8.65 26.95 58.32
CA ARG C 53 7.74 27.25 57.22
C ARG C 53 8.49 27.37 55.91
N LEU C 54 7.74 27.45 54.82
CA LEU C 54 8.28 27.67 53.49
C LEU C 54 8.09 29.13 53.11
N ASP C 55 9.15 29.75 52.59
CA ASP C 55 9.10 31.14 52.13
C ASP C 55 9.46 31.13 50.66
N LEU C 56 8.61 31.75 49.83
CA LEU C 56 8.89 31.76 48.41
C LEU C 56 10.07 32.68 48.12
N GLN C 57 11.03 32.17 47.36
CA GLN C 57 12.23 32.90 47.03
C GLN C 57 12.35 33.20 45.55
N TRP C 58 12.20 32.19 44.69
CA TRP C 58 12.31 32.41 43.25
C TRP C 58 11.03 32.00 42.54
N SER C 59 10.66 32.80 41.54
CA SER C 59 9.55 32.50 40.65
C SER C 59 10.02 32.47 39.20
N LEU C 60 11.17 31.84 38.98
CA LEU C 60 11.78 31.80 37.65
C LEU C 60 10.88 31.06 36.68
N GLU C 61 10.90 31.50 35.42
CA GLU C 61 10.02 30.96 34.39
C GLU C 61 10.72 31.06 33.04
N GLY C 62 9.97 30.81 31.97
CA GLY C 62 10.51 30.76 30.63
C GLY C 62 10.18 29.50 29.85
N HIS C 63 9.16 28.77 30.28
CA HIS C 63 8.66 27.61 29.56
C HIS C 63 7.38 27.99 28.85
N GLN C 64 6.98 27.17 27.87
CA GLN C 64 5.76 27.41 27.12
C GLN C 64 4.64 26.42 27.41
N LEU C 65 4.96 25.20 27.81
CA LEU C 65 4.00 24.18 28.19
C LEU C 65 4.27 23.72 29.61
N GLY C 66 3.46 22.77 30.08
CA GLY C 66 3.56 22.31 31.45
C GLY C 66 4.88 21.58 31.68
N VAL C 67 5.55 21.92 32.77
CA VAL C 67 6.83 21.29 33.12
C VAL C 67 6.56 19.92 33.74
N VAL C 68 7.24 18.90 33.21
CA VAL C 68 6.98 17.53 33.60
C VAL C 68 8.01 16.97 34.60
N SER C 69 9.20 17.54 34.68
CA SER C 69 10.20 16.96 35.57
C SER C 69 11.17 18.03 36.05
N VAL C 70 11.56 17.92 37.33
CA VAL C 70 12.54 18.83 37.90
C VAL C 70 13.51 18.01 38.75
N ASP C 71 14.72 18.54 38.91
CA ASP C 71 15.76 17.85 39.65
C ASP C 71 16.70 18.88 40.28
N ILE C 72 17.36 18.48 41.36
CA ILE C 72 18.28 19.35 42.09
C ILE C 72 19.55 18.56 42.41
N SER C 73 20.67 19.26 42.46
CA SER C 73 21.94 18.61 42.73
C SER C 73 22.27 18.69 44.20
N HIS C 74 23.04 17.71 44.69
CA HIS C 74 23.46 17.69 46.08
C HIS C 74 24.88 18.20 46.31
N THR C 75 25.70 18.29 45.28
CA THR C 75 27.08 18.76 45.46
C THR C 75 27.19 20.27 45.22
N LEU C 76 26.80 20.73 44.02
CA LEU C 76 26.85 22.13 43.63
C LEU C 76 25.44 22.73 43.66
N PRO C 77 25.30 24.04 43.92
CA PRO C 77 23.96 24.65 43.83
C PRO C 77 23.58 24.87 42.37
N ILE C 78 22.65 24.05 41.89
CA ILE C 78 22.24 24.03 40.48
C ILE C 78 20.90 23.31 40.45
N ALA C 79 20.11 23.56 39.41
CA ALA C 79 18.84 22.87 39.29
C ALA C 79 18.56 22.65 37.82
N ALA C 80 17.71 21.67 37.51
CA ALA C 80 17.38 21.37 36.13
C ALA C 80 15.89 21.03 36.01
N SER C 81 15.33 21.27 34.82
CA SER C 81 13.92 20.97 34.62
C SER C 81 13.67 20.73 33.14
N SER C 82 12.71 19.84 32.86
CA SER C 82 12.27 19.54 31.51
C SER C 82 10.75 19.56 31.44
N SER C 83 10.25 19.80 30.23
CA SER C 83 8.82 19.92 29.97
C SER C 83 8.50 19.34 28.60
N LEU C 84 7.22 19.45 28.21
CA LEU C 84 6.79 19.13 26.87
C LEU C 84 7.28 20.15 25.85
N ASP C 85 7.87 21.26 26.31
CA ASP C 85 8.39 22.31 25.45
C ASP C 85 9.60 21.88 24.65
N ALA C 86 10.16 20.70 24.93
CA ALA C 86 11.36 20.21 24.28
C ALA C 86 12.55 21.15 24.54
N HIS C 87 12.80 21.39 25.82
CA HIS C 87 13.91 22.24 26.23
C HIS C 87 14.34 21.85 27.63
N ILE C 88 15.62 21.51 27.79
CA ILE C 88 16.18 21.22 29.11
C ILE C 88 17.05 22.42 29.50
N ARG C 89 16.48 23.37 30.22
CA ARG C 89 17.21 24.54 30.68
C ARG C 89 17.51 24.40 32.16
N LEU C 90 18.79 24.44 32.52
CA LEU C 90 19.22 24.29 33.90
C LEU C 90 19.50 25.65 34.53
N TRP C 91 18.97 25.85 35.73
CA TRP C 91 19.06 27.14 36.42
C TRP C 91 20.21 27.11 37.42
N ASP C 92 20.63 28.31 37.84
CA ASP C 92 21.75 28.41 38.77
C ASP C 92 21.33 28.09 40.20
N LEU C 93 20.09 28.44 40.56
CA LEU C 93 19.44 28.19 41.84
C LEU C 93 20.03 29.08 42.94
N GLU C 94 21.09 29.83 42.63
CA GLU C 94 21.60 30.81 43.58
C GLU C 94 21.20 32.23 43.19
N ASN C 95 21.49 32.63 41.96
CA ASN C 95 20.96 33.86 41.39
C ASN C 95 19.77 33.62 40.47
N GLY C 96 19.63 32.41 39.94
CA GLY C 96 18.48 32.00 39.16
C GLY C 96 18.25 32.61 37.79
N LYS C 97 19.26 32.70 36.92
CA LYS C 97 19.04 33.17 35.54
C LYS C 97 19.66 32.25 34.48
N GLN C 98 18.90 31.23 34.09
CA GLN C 98 19.00 30.55 32.79
C GLN C 98 20.45 30.31 32.36
N ILE C 99 21.19 29.53 33.17
CA ILE C 99 22.60 29.25 32.83
C ILE C 99 22.75 28.68 31.43
N LYS C 100 21.97 27.66 31.10
CA LYS C 100 22.08 27.01 29.79
C LYS C 100 20.69 26.66 29.26
N SER C 101 20.66 26.08 28.06
CA SER C 101 19.41 25.66 27.44
C SER C 101 19.75 24.62 26.38
N ILE C 102 19.22 23.41 26.53
CA ILE C 102 19.52 22.31 25.63
C ILE C 102 18.26 21.94 24.86
N ASP C 103 18.41 21.72 23.56
CA ASP C 103 17.30 21.37 22.69
C ASP C 103 17.14 19.85 22.62
N ALA C 104 16.00 19.34 23.05
CA ALA C 104 15.72 17.90 22.99
C ALA C 104 14.22 17.72 23.11
N GLY C 105 13.60 17.09 22.11
CA GLY C 105 12.17 16.92 22.11
C GLY C 105 11.70 15.79 23.00
N PRO C 106 10.37 15.65 23.11
CA PRO C 106 9.81 14.48 23.81
C PRO C 106 10.23 13.19 23.15
N VAL C 107 10.67 13.26 21.89
CA VAL C 107 11.26 12.10 21.20
C VAL C 107 12.74 11.98 21.51
N ASP C 108 13.28 12.90 22.31
CA ASP C 108 14.68 12.87 22.70
C ASP C 108 14.90 12.84 24.20
N ALA C 109 14.02 13.44 25.00
CA ALA C 109 14.20 13.46 26.44
C ALA C 109 12.84 13.63 27.12
N TRP C 110 12.58 12.82 28.16
CA TRP C 110 11.34 12.92 28.92
C TRP C 110 11.55 13.33 30.36
N THR C 111 12.41 12.63 31.10
CA THR C 111 12.63 12.88 32.52
C THR C 111 14.09 13.22 32.79
N LEU C 112 14.34 13.76 33.96
CA LEU C 112 15.65 14.28 34.33
C LEU C 112 16.25 13.47 35.48
N ALA C 113 17.58 13.39 35.52
CA ALA C 113 18.28 12.71 36.61
C ALA C 113 19.72 13.17 36.64
N PHE C 114 20.16 13.72 37.77
CA PHE C 114 21.55 14.14 37.91
C PHE C 114 22.47 12.97 38.23
N SER C 115 23.73 13.10 37.82
CA SER C 115 24.75 12.11 38.13
C SER C 115 25.11 12.16 39.62
N PRO C 116 25.62 11.05 40.17
CA PRO C 116 26.05 11.07 41.57
C PRO C 116 27.10 12.13 41.84
N ASP C 117 27.96 12.43 40.87
CA ASP C 117 28.91 13.52 40.94
C ASP C 117 28.38 14.78 40.26
N SER C 118 27.12 14.77 39.83
CA SER C 118 26.48 15.92 39.18
C SER C 118 27.27 16.34 37.94
N GLN C 119 27.36 15.42 36.98
CA GLN C 119 28.16 15.65 35.78
C GLN C 119 27.48 15.31 34.46
N TYR C 120 26.42 14.50 34.44
CA TYR C 120 25.94 14.01 33.15
C TYR C 120 24.49 14.36 32.83
N LEU C 121 23.57 14.30 33.79
CA LEU C 121 22.19 14.75 33.59
C LEU C 121 21.52 13.98 32.43
N ALA C 122 21.41 12.67 32.65
CA ALA C 122 20.84 11.75 31.68
C ALA C 122 19.32 11.90 31.57
N THR C 123 18.79 11.59 30.38
CA THR C 123 17.36 11.63 30.13
C THR C 123 16.98 10.42 29.30
N GLY C 124 15.67 10.21 29.14
CA GLY C 124 15.14 9.09 28.40
C GLY C 124 14.24 9.53 27.27
N THR C 125 14.30 8.79 26.17
CA THR C 125 13.58 9.13 24.95
C THR C 125 12.51 8.10 24.62
N HIS C 126 11.75 8.40 23.56
CA HIS C 126 10.68 7.51 23.12
C HIS C 126 11.23 6.22 22.52
N VAL C 127 12.30 6.33 21.73
CA VAL C 127 12.80 5.19 20.96
C VAL C 127 13.50 4.20 21.88
N GLY C 128 13.55 4.51 23.18
CA GLY C 128 14.06 3.59 24.15
C GLY C 128 15.45 3.91 24.65
N LYS C 129 16.21 4.73 23.94
CA LYS C 129 17.56 5.01 24.39
C LYS C 129 17.55 5.83 25.68
N VAL C 130 18.75 6.00 26.22
CA VAL C 130 19.01 6.79 27.41
C VAL C 130 20.09 7.79 27.00
N ASN C 131 19.64 8.98 26.60
CA ASN C 131 20.54 10.04 26.14
C ASN C 131 21.32 10.58 27.34
N ILE C 132 22.63 10.67 27.24
CA ILE C 132 23.43 11.23 28.33
C ILE C 132 24.09 12.50 27.81
N PHE C 133 23.80 13.61 28.46
CA PHE C 133 24.36 14.91 28.09
C PHE C 133 25.56 15.19 28.99
N GLY C 134 26.13 16.38 28.86
CA GLY C 134 27.21 16.75 29.75
C GLY C 134 27.00 18.15 30.29
N VAL C 135 26.88 18.30 31.60
CA VAL C 135 26.73 19.63 32.17
C VAL C 135 28.05 20.38 32.03
N GLU C 136 27.99 21.61 31.54
CA GLU C 136 29.11 22.54 31.44
C GLU C 136 30.11 22.09 30.36
N SER C 137 29.88 20.94 29.71
CA SER C 137 30.82 20.37 28.76
C SER C 137 30.30 20.36 27.33
N GLY C 138 29.10 19.85 27.09
CA GLY C 138 28.62 19.77 25.73
C GLY C 138 27.25 19.09 25.67
N LYS C 139 26.81 18.87 24.43
CA LYS C 139 25.49 18.32 24.15
C LYS C 139 25.59 16.97 23.45
N LYS C 140 24.92 15.97 24.02
CA LYS C 140 24.66 14.68 23.35
C LYS C 140 25.97 14.01 22.91
N GLU C 141 26.77 13.65 23.91
CA GLU C 141 28.00 12.93 23.59
C GLU C 141 27.71 11.45 23.27
N TYR C 142 26.79 10.82 24.00
CA TYR C 142 26.42 9.45 23.68
C TYR C 142 25.07 9.12 24.31
N SER C 143 24.55 7.94 23.93
CA SER C 143 23.25 7.47 24.40
C SER C 143 23.26 5.96 24.40
N LEU C 144 22.82 5.36 25.51
CA LEU C 144 22.69 3.91 25.56
C LEU C 144 21.44 3.48 24.81
N ASP C 145 21.52 2.37 24.07
CA ASP C 145 20.42 1.97 23.19
C ASP C 145 19.81 0.66 23.66
N THR C 146 18.48 0.65 23.78
CA THR C 146 17.69 -0.57 23.95
C THR C 146 16.54 -0.54 22.96
N ARG C 147 16.09 -1.74 22.55
CA ARG C 147 15.07 -1.87 21.51
C ARG C 147 13.73 -2.06 22.21
N GLY C 148 13.06 -0.94 22.50
CA GLY C 148 11.81 -1.02 23.22
C GLY C 148 10.92 0.18 22.95
N LYS C 149 9.89 0.32 23.78
CA LYS C 149 8.87 1.34 23.64
C LYS C 149 9.25 2.58 24.44
N PHE C 150 8.29 3.51 24.59
CA PHE C 150 8.50 4.72 25.38
C PHE C 150 9.07 4.39 26.75
N ILE C 151 10.10 5.13 27.15
CA ILE C 151 10.78 4.94 28.43
C ILE C 151 10.39 6.10 29.35
N LEU C 152 10.17 5.79 30.63
CA LEU C 152 9.64 6.79 31.55
C LEU C 152 10.60 7.13 32.67
N SER C 153 11.12 6.13 33.38
CA SER C 153 11.92 6.34 34.57
C SER C 153 13.41 6.14 34.30
N ILE C 154 14.25 6.95 34.94
CA ILE C 154 15.70 6.82 34.87
C ILE C 154 16.24 6.96 36.29
N ALA C 155 17.01 5.96 36.74
CA ALA C 155 17.51 5.95 38.10
C ALA C 155 19.01 5.65 38.16
N TYR C 156 19.69 6.32 39.11
CA TYR C 156 21.11 6.14 39.38
C TYR C 156 21.34 5.56 40.77
N SER C 157 22.27 4.61 40.84
CA SER C 157 22.72 4.08 42.11
C SER C 157 23.56 5.14 42.82
N PRO C 158 23.52 5.19 44.16
CA PRO C 158 24.26 6.22 44.89
C PRO C 158 25.76 6.00 44.92
N ASP C 159 26.26 4.97 44.25
CA ASP C 159 27.69 4.72 44.14
C ASP C 159 28.15 4.65 42.69
N GLY C 160 27.23 4.78 41.74
CA GLY C 160 27.53 4.73 40.33
C GLY C 160 27.47 3.32 39.76
N LYS C 161 28.04 3.20 38.55
CA LYS C 161 28.23 1.96 37.82
C LYS C 161 26.93 1.22 37.53
N TYR C 162 25.78 1.84 37.77
CA TYR C 162 24.48 1.23 37.49
C TYR C 162 23.52 2.28 36.97
N LEU C 163 22.55 1.83 36.18
CA LEU C 163 21.53 2.70 35.60
C LEU C 163 20.32 1.85 35.24
N ALA C 164 19.22 2.05 35.95
CA ALA C 164 18.00 1.32 35.66
C ALA C 164 17.07 2.19 34.82
N SER C 165 16.10 1.55 34.18
CA SER C 165 15.21 2.29 33.29
C SER C 165 13.91 1.50 33.12
N GLY C 166 12.81 2.09 33.57
CA GLY C 166 11.50 1.53 33.36
C GLY C 166 10.83 2.12 32.12
N ALA C 167 9.95 1.33 31.51
CA ALA C 167 9.35 1.74 30.24
C ALA C 167 7.88 1.36 30.23
N ILE C 168 7.15 1.99 29.30
CA ILE C 168 5.79 1.57 29.02
C ILE C 168 5.83 0.11 28.60
N ASP C 169 4.82 -0.66 29.01
CA ASP C 169 4.50 -2.11 28.89
C ASP C 169 5.30 -2.90 29.93
N GLY C 170 6.09 -2.24 30.77
CA GLY C 170 6.65 -2.90 31.94
C GLY C 170 8.05 -3.43 31.81
N ILE C 171 8.65 -3.36 30.63
CA ILE C 171 9.99 -3.91 30.44
C ILE C 171 11.00 -3.00 31.14
N ILE C 172 11.85 -3.60 31.97
CA ILE C 172 12.84 -2.88 32.76
C ILE C 172 14.24 -3.27 32.28
N ASN C 173 15.09 -2.28 32.03
CA ASN C 173 16.44 -2.53 31.56
C ASN C 173 17.45 -1.97 32.55
N ILE C 174 18.56 -2.69 32.71
CA ILE C 174 19.64 -2.29 33.61
C ILE C 174 20.95 -2.23 32.83
N PHE C 175 21.64 -1.11 32.91
CA PHE C 175 22.90 -0.84 32.26
C PHE C 175 23.98 -0.62 33.32
N ASP C 176 25.22 -0.83 32.92
CA ASP C 176 26.39 -0.54 33.76
C ASP C 176 27.14 0.64 33.17
N ILE C 177 27.42 1.63 34.01
CA ILE C 177 28.05 2.86 33.55
C ILE C 177 29.48 2.62 33.07
N ALA C 178 30.18 1.67 33.68
CA ALA C 178 31.59 1.45 33.37
C ALA C 178 31.79 1.07 31.91
N THR C 179 30.91 0.22 31.37
CA THR C 179 31.02 -0.24 29.99
C THR C 179 29.87 0.22 29.10
N GLY C 180 28.65 0.24 29.62
CA GLY C 180 27.50 0.64 28.82
C GLY C 180 26.81 -0.48 28.07
N LYS C 181 27.00 -1.72 28.49
CA LYS C 181 26.40 -2.88 27.82
C LYS C 181 25.20 -3.38 28.61
N LEU C 182 24.16 -3.78 27.88
CA LEU C 182 22.97 -4.31 28.52
C LEU C 182 23.29 -5.58 29.28
N LEU C 183 23.14 -5.53 30.61
CA LEU C 183 23.44 -6.69 31.44
C LEU C 183 22.32 -7.72 31.37
N HIS C 184 21.12 -7.33 31.76
CA HIS C 184 19.97 -8.23 31.75
C HIS C 184 18.69 -7.41 31.75
N THR C 185 17.66 -7.95 31.09
CA THR C 185 16.37 -7.29 30.96
C THR C 185 15.36 -8.04 31.83
N LEU C 186 14.62 -7.28 32.64
CA LEU C 186 13.61 -7.83 33.52
C LEU C 186 12.22 -7.60 32.94
N GLU C 187 11.40 -8.65 32.93
CA GLU C 187 10.06 -8.53 32.38
C GLU C 187 9.18 -7.58 33.19
N GLY C 188 9.32 -7.60 34.51
CA GLY C 188 8.61 -6.67 35.38
C GLY C 188 7.10 -6.89 35.34
N HIS C 189 6.37 -5.83 34.99
CA HIS C 189 4.92 -5.81 34.95
C HIS C 189 4.43 -5.83 33.51
N ALA C 190 3.12 -5.73 33.34
CA ALA C 190 2.50 -5.60 32.03
C ALA C 190 1.91 -4.20 31.82
N MET C 191 2.25 -3.25 32.68
CA MET C 191 1.74 -1.89 32.64
C MET C 191 2.90 -0.92 32.84
N PRO C 192 2.73 0.34 32.46
CA PRO C 192 3.84 1.30 32.58
C PRO C 192 4.33 1.45 34.02
N ILE C 193 5.62 1.75 34.16
CA ILE C 193 6.27 1.81 35.46
C ILE C 193 6.18 3.22 36.04
N ARG C 194 6.75 4.19 35.31
CA ARG C 194 6.72 5.62 35.63
C ARG C 194 7.28 5.95 37.02
N SER C 195 8.02 5.03 37.65
CA SER C 195 8.65 5.33 38.93
C SER C 195 9.73 4.30 39.22
N LEU C 196 10.95 4.76 39.49
CA LEU C 196 12.04 3.88 39.90
C LEU C 196 12.95 4.62 40.87
N THR C 197 13.64 3.86 41.71
CA THR C 197 14.61 4.44 42.64
C THR C 197 15.51 3.34 43.20
N PHE C 198 16.77 3.67 43.42
CA PHE C 198 17.71 2.78 44.09
C PHE C 198 17.70 3.07 45.59
N SER C 199 18.65 2.49 46.31
CA SER C 199 18.85 2.72 47.74
C SER C 199 20.32 3.00 47.97
N PRO C 200 20.67 3.65 49.08
CA PRO C 200 22.10 3.76 49.43
C PRO C 200 22.74 2.39 49.55
N ASP C 201 24.08 2.38 49.47
CA ASP C 201 24.89 1.16 49.37
C ASP C 201 24.22 0.11 48.47
N SER C 202 23.81 0.59 47.30
CA SER C 202 22.72 -0.02 46.52
C SER C 202 22.81 -1.53 46.35
N GLN C 203 21.80 -2.23 46.90
CA GLN C 203 21.55 -3.62 46.59
C GLN C 203 20.05 -3.91 46.42
N LEU C 204 19.20 -2.90 46.47
CA LEU C 204 17.76 -3.09 46.32
C LEU C 204 17.19 -2.07 45.35
N LEU C 205 16.33 -2.54 44.44
CA LEU C 205 15.68 -1.69 43.46
C LEU C 205 14.17 -1.84 43.65
N VAL C 206 13.48 -0.72 43.88
CA VAL C 206 12.05 -0.74 44.15
C VAL C 206 11.33 -0.16 42.96
N THR C 207 10.36 -0.92 42.43
CA THR C 207 9.59 -0.53 41.26
C THR C 207 8.14 -0.32 41.65
N ALA C 208 7.54 0.70 41.06
CA ALA C 208 6.12 0.99 41.18
C ALA C 208 5.50 0.93 39.80
N SER C 209 4.33 0.31 39.70
CA SER C 209 3.69 0.08 38.41
C SER C 209 2.30 0.70 38.38
N ASP C 210 1.59 0.45 37.29
CA ASP C 210 0.28 1.03 37.03
C ASP C 210 -0.86 0.17 37.56
N ASP C 211 -0.57 -1.06 37.99
CA ASP C 211 -1.60 -1.97 38.48
C ASP C 211 -1.77 -1.91 39.99
N GLY C 212 -1.01 -1.08 40.69
CA GLY C 212 -1.14 -0.93 42.13
C GLY C 212 -0.10 -1.69 42.92
N TYR C 213 0.64 -2.60 42.29
CA TYR C 213 1.65 -3.38 42.99
C TYR C 213 2.97 -2.63 43.06
N ILE C 214 3.77 -2.98 44.07
CA ILE C 214 5.11 -2.41 44.25
C ILE C 214 6.06 -3.58 44.40
N LYS C 215 6.93 -3.77 43.41
CA LYS C 215 7.88 -4.88 43.45
C LYS C 215 9.19 -4.45 44.08
N ILE C 216 9.81 -5.35 44.85
CA ILE C 216 11.12 -5.08 45.42
C ILE C 216 12.10 -6.11 44.86
N TYR C 217 12.94 -5.69 43.91
CA TYR C 217 13.92 -6.56 43.28
C TYR C 217 15.29 -6.35 43.91
N ASP C 218 16.18 -7.30 43.63
CA ASP C 218 17.56 -7.26 44.09
C ASP C 218 18.48 -7.16 42.87
N VAL C 219 19.37 -6.15 42.89
CA VAL C 219 20.30 -5.89 41.80
C VAL C 219 21.33 -7.01 41.80
N GLN C 220 22.09 -7.13 40.72
CA GLN C 220 23.16 -8.09 40.41
C GLN C 220 22.62 -9.51 40.20
N HIS C 221 21.31 -9.71 40.30
CA HIS C 221 20.66 -10.98 39.96
C HIS C 221 19.25 -10.66 39.47
N ALA C 222 18.46 -11.70 39.20
CA ALA C 222 17.09 -11.49 38.75
C ALA C 222 16.07 -11.93 39.81
N ASN C 223 16.51 -12.02 41.06
CA ASN C 223 15.64 -12.44 42.16
C ASN C 223 14.83 -11.26 42.68
N LEU C 224 13.51 -11.43 42.74
CA LEU C 224 12.63 -10.42 43.31
C LEU C 224 12.35 -10.78 44.76
N ALA C 225 12.46 -9.80 45.65
CA ALA C 225 12.32 -10.03 47.08
C ALA C 225 10.89 -9.98 47.58
N GLY C 226 9.94 -9.55 46.76
CA GLY C 226 8.55 -9.54 47.19
C GLY C 226 7.73 -8.54 46.43
N THR C 227 6.42 -8.59 46.72
CA THR C 227 5.42 -7.72 46.11
C THR C 227 4.55 -7.13 47.21
N LEU C 228 4.46 -5.81 47.25
CA LEU C 228 3.67 -5.10 48.25
C LEU C 228 2.42 -4.59 47.55
N SER C 229 1.25 -4.94 48.09
CA SER C 229 -0.03 -4.58 47.48
C SER C 229 -0.97 -4.02 48.54
N GLY C 230 -0.95 -2.70 48.71
CA GLY C 230 -1.85 -2.06 49.65
C GLY C 230 -2.68 -0.96 49.05
N HIS C 231 -2.27 -0.46 47.89
CA HIS C 231 -2.95 0.65 47.23
C HIS C 231 -4.12 0.16 46.39
N ALA C 232 -5.04 1.09 46.10
CA ALA C 232 -6.24 0.81 45.32
C ALA C 232 -6.20 1.39 43.92
N SER C 233 -5.33 2.36 43.67
CA SER C 233 -5.24 3.03 42.37
C SER C 233 -3.80 3.05 41.87
N TRP C 234 -3.55 3.79 40.79
CA TRP C 234 -2.22 3.87 40.21
C TRP C 234 -1.23 4.39 41.24
N VAL C 235 0.00 3.88 41.16
CA VAL C 235 1.12 4.36 41.98
C VAL C 235 2.01 5.23 41.10
N LEU C 236 2.25 6.47 41.54
CA LEU C 236 2.88 7.46 40.66
C LEU C 236 4.33 7.76 41.01
N ASN C 237 4.69 7.83 42.30
CA ASN C 237 6.05 8.16 42.67
C ASN C 237 6.43 7.39 43.92
N VAL C 238 7.70 6.99 43.99
CA VAL C 238 8.25 6.27 45.15
C VAL C 238 9.62 6.84 45.48
N ALA C 239 9.83 7.20 46.74
CA ALA C 239 11.12 7.71 47.20
C ALA C 239 11.59 6.86 48.37
N PHE C 240 12.90 6.65 48.45
CA PHE C 240 13.47 5.77 49.46
C PHE C 240 14.09 6.59 50.58
N CYS C 241 14.07 6.03 51.80
CA CYS C 241 14.61 6.72 52.97
C CYS C 241 16.14 6.66 52.99
N PRO C 242 16.79 7.65 53.62
CA PRO C 242 18.26 7.63 53.74
C PRO C 242 18.82 6.40 54.46
N ASP C 243 18.06 5.75 55.33
CA ASP C 243 18.47 4.52 55.98
C ASP C 243 17.62 3.38 55.45
N ASP C 244 18.26 2.22 55.22
CA ASP C 244 17.54 1.16 54.52
C ASP C 244 16.53 0.47 55.42
N THR C 245 15.50 1.19 55.85
CA THR C 245 14.46 0.64 56.72
C THR C 245 13.04 0.96 56.28
N HIS C 246 12.83 2.02 55.49
CA HIS C 246 11.50 2.41 55.05
C HIS C 246 11.57 3.02 53.66
N PHE C 247 10.41 3.13 53.02
CA PHE C 247 10.28 3.87 51.77
C PHE C 247 8.84 4.34 51.63
N VAL C 248 8.67 5.51 51.02
CA VAL C 248 7.37 6.15 50.91
C VAL C 248 6.86 6.04 49.48
N SER C 249 5.57 5.73 49.34
CA SER C 249 4.92 5.58 48.05
C SER C 249 3.66 6.43 48.02
N SER C 250 3.42 7.05 46.87
CA SER C 250 2.24 7.87 46.64
C SER C 250 1.44 7.32 45.48
N SER C 251 0.15 7.13 45.69
CA SER C 251 -0.72 6.55 44.69
C SER C 251 -1.73 7.59 44.21
N SER C 252 -2.60 7.17 43.29
CA SER C 252 -3.62 8.02 42.70
C SER C 252 -4.94 7.97 43.47
N ASP C 253 -5.01 7.24 44.58
CA ASP C 253 -6.21 7.14 45.39
C ASP C 253 -6.24 8.14 46.55
N LYS C 254 -5.48 9.23 46.45
CA LYS C 254 -5.45 10.27 47.48
C LYS C 254 -5.02 9.72 48.84
N SER C 255 -3.89 9.00 48.84
CA SER C 255 -3.37 8.39 50.06
C SER C 255 -1.85 8.30 49.94
N VAL C 256 -1.13 8.71 50.98
CA VAL C 256 0.33 8.60 50.98
C VAL C 256 0.71 7.54 52.01
N LYS C 257 1.37 6.46 51.57
CA LYS C 257 1.69 5.39 52.49
C LYS C 257 3.19 5.17 52.62
N VAL C 258 3.62 4.77 53.82
CA VAL C 258 5.03 4.48 54.08
C VAL C 258 5.15 3.01 54.42
N TRP C 259 6.03 2.30 53.72
CA TRP C 259 6.27 0.89 53.95
C TRP C 259 7.64 0.70 54.58
N ASP C 260 7.91 -0.55 54.96
CA ASP C 260 9.18 -0.96 55.55
C ASP C 260 9.65 -2.21 54.81
N VAL C 261 10.91 -2.20 54.38
CA VAL C 261 11.42 -3.30 53.58
C VAL C 261 11.68 -4.53 54.44
N GLY C 262 12.03 -4.32 55.72
CA GLY C 262 12.39 -5.43 56.58
C GLY C 262 11.25 -6.40 56.80
N THR C 263 10.05 -5.89 57.06
CA THR C 263 8.89 -6.72 57.32
C THR C 263 7.84 -6.69 56.23
N ARG C 264 7.99 -5.81 55.24
CA ARG C 264 7.08 -5.70 54.11
C ARG C 264 5.64 -5.44 54.56
N THR C 265 5.47 -4.30 55.24
CA THR C 265 4.16 -3.87 55.70
C THR C 265 4.11 -2.35 55.71
N CYS C 266 2.90 -1.82 55.72
CA CYS C 266 2.67 -0.37 55.71
C CYS C 266 2.60 0.12 57.14
N VAL C 267 3.60 0.92 57.54
CA VAL C 267 3.64 1.40 58.92
C VAL C 267 2.60 2.50 59.14
N HIS C 268 2.45 3.41 58.19
CA HIS C 268 1.49 4.48 58.34
C HIS C 268 0.94 4.90 56.99
N THR C 269 -0.26 5.49 57.02
CA THR C 269 -0.90 6.08 55.86
C THR C 269 -1.44 7.46 56.22
N PHE C 270 -1.26 8.41 55.30
CA PHE C 270 -1.78 9.76 55.45
C PHE C 270 -2.98 9.91 54.52
N PHE C 271 -4.11 10.31 55.10
CA PHE C 271 -5.35 10.57 54.37
C PHE C 271 -5.53 12.09 54.29
N ASP C 272 -4.88 12.67 53.28
CA ASP C 272 -4.90 14.09 52.95
C ASP C 272 -4.98 14.16 51.43
N HIS C 273 -4.74 15.34 50.86
CA HIS C 273 -4.56 15.42 49.42
C HIS C 273 -5.79 14.88 48.67
N GLN C 274 -6.89 15.62 48.82
CA GLN C 274 -8.19 15.22 48.29
C GLN C 274 -8.14 14.83 46.81
N ASP C 275 -7.11 15.23 46.08
CA ASP C 275 -6.99 14.85 44.68
C ASP C 275 -5.68 14.07 44.53
N GLN C 276 -5.32 13.71 43.29
CA GLN C 276 -4.15 12.86 43.10
C GLN C 276 -2.87 13.54 43.58
N VAL C 277 -1.92 12.72 44.02
CA VAL C 277 -0.62 13.19 44.51
C VAL C 277 0.43 12.78 43.49
N TRP C 278 1.20 13.74 42.99
CA TRP C 278 2.14 13.46 41.93
C TRP C 278 3.60 13.41 42.39
N GLY C 279 3.87 13.66 43.66
CA GLY C 279 5.27 13.62 44.09
C GLY C 279 5.47 13.58 45.59
N VAL C 280 6.41 12.74 46.04
CA VAL C 280 6.79 12.68 47.45
C VAL C 280 8.30 12.53 47.53
N LYS C 281 8.91 13.22 48.49
CA LYS C 281 10.36 13.17 48.64
C LYS C 281 10.74 13.25 50.12
N TYR C 282 11.93 12.73 50.41
CA TYR C 282 12.55 12.84 51.72
C TYR C 282 13.53 14.01 51.74
N ASN C 283 13.92 14.40 52.95
CA ASN C 283 14.94 15.43 53.14
C ASN C 283 16.28 14.75 53.45
N GLY C 284 17.29 15.56 53.78
CA GLY C 284 18.63 15.03 53.99
C GLY C 284 18.68 13.89 55.00
N ASN C 285 18.11 14.12 56.18
CA ASN C 285 17.93 13.09 57.18
C ASN C 285 16.45 12.73 57.27
N GLY C 286 16.17 11.47 57.61
CA GLY C 286 14.80 11.00 57.54
C GLY C 286 13.87 11.46 58.64
N SER C 287 13.58 12.76 58.65
CA SER C 287 12.73 13.38 59.65
C SER C 287 11.49 14.06 59.07
N LYS C 288 11.54 14.53 57.82
CA LYS C 288 10.45 15.27 57.23
C LYS C 288 10.17 14.72 55.83
N ILE C 289 8.92 14.88 55.39
CA ILE C 289 8.49 14.40 54.08
C ILE C 289 7.80 15.52 53.33
N VAL C 290 8.17 15.74 52.07
CA VAL C 290 7.48 16.73 51.26
C VAL C 290 6.59 15.99 50.28
N SER C 291 5.46 16.59 49.92
CA SER C 291 4.53 15.96 48.98
C SER C 291 3.72 17.01 48.24
N VAL C 292 3.71 16.89 46.91
CA VAL C 292 2.92 17.76 46.04
C VAL C 292 1.89 16.91 45.30
N GLY C 293 0.69 17.46 45.15
CA GLY C 293 -0.44 16.75 44.59
C GLY C 293 -1.00 17.44 43.35
N ASP C 294 -1.97 16.75 42.73
CA ASP C 294 -2.65 17.30 41.57
C ASP C 294 -3.40 18.57 41.93
N ASP C 295 -3.99 18.62 43.12
CA ASP C 295 -4.52 19.87 43.64
C ASP C 295 -3.36 20.76 44.06
N GLN C 296 -3.56 22.08 43.89
CA GLN C 296 -2.48 23.04 44.15
C GLN C 296 -2.31 23.16 45.66
N GLU C 297 -1.60 22.19 46.23
CA GLU C 297 -1.34 22.20 47.66
C GLU C 297 -0.02 21.49 47.92
N ILE C 298 0.76 22.03 48.86
CA ILE C 298 2.02 21.45 49.30
C ILE C 298 1.89 20.97 50.75
N HIS C 299 2.13 19.69 50.99
CA HIS C 299 2.01 19.12 52.33
C HIS C 299 3.39 18.68 52.79
N ILE C 300 3.73 19.04 54.02
CA ILE C 300 4.96 18.56 54.64
C ILE C 300 4.54 17.74 55.86
N TYR C 301 5.13 16.56 56.00
CA TYR C 301 4.84 15.68 57.11
C TYR C 301 6.09 15.51 57.98
N ASP C 302 5.95 14.70 59.02
CA ASP C 302 7.01 14.44 59.99
C ASP C 302 7.07 12.95 60.27
N CYS C 303 8.22 12.34 60.01
CA CYS C 303 8.45 10.93 60.31
C CYS C 303 9.65 10.77 61.22
N PRO C 304 9.45 10.40 62.49
CA PRO C 304 10.59 10.28 63.40
C PRO C 304 11.46 9.07 63.07
N ILE C 305 12.73 9.17 63.42
CA ILE C 305 13.69 8.13 63.15
C ILE C 305 13.36 6.87 63.94
N ASN D 84 -22.13 22.76 39.53
CA ASN D 84 -22.01 21.64 40.44
C ASN D 84 -23.36 20.97 40.65
N LEU D 85 -24.34 21.38 39.87
CA LEU D 85 -25.58 20.62 39.74
C LEU D 85 -25.30 19.25 39.12
N SER D 86 -25.72 18.20 39.82
CA SER D 86 -25.53 16.84 39.33
C SER D 86 -26.78 16.38 38.58
N LEU D 87 -26.65 15.20 37.96
CA LEU D 87 -27.69 14.69 37.06
C LEU D 87 -29.03 14.53 37.75
N SER D 88 -29.05 13.96 38.96
CA SER D 88 -30.33 13.69 39.64
C SER D 88 -31.12 14.96 39.88
N GLU D 89 -30.48 16.03 40.35
CA GLU D 89 -31.20 17.27 40.61
C GLU D 89 -31.79 17.82 39.32
N LEU D 90 -31.01 17.79 38.23
CA LEU D 90 -31.52 18.29 36.96
C LEU D 90 -32.74 17.49 36.51
N ILE D 91 -32.68 16.16 36.61
CA ILE D 91 -33.83 15.35 36.18
C ILE D 91 -35.04 15.70 37.01
N ALA D 92 -34.86 15.78 38.34
CA ALA D 92 -35.99 16.06 39.22
C ALA D 92 -36.62 17.42 38.90
N GLU D 93 -35.77 18.43 38.74
CA GLU D 93 -36.26 19.78 38.44
C GLU D 93 -37.01 19.82 37.12
N THR D 94 -36.44 19.22 36.07
CA THR D 94 -37.11 19.26 34.78
C THR D 94 -38.42 18.48 34.82
N ILE D 95 -38.44 17.34 35.52
CA ILE D 95 -39.67 16.55 35.63
C ILE D 95 -40.75 17.35 36.34
N ASP D 96 -40.38 18.07 37.40
CA ASP D 96 -41.36 18.86 38.14
C ASP D 96 -41.96 19.95 37.26
N VAL D 97 -41.13 20.64 36.49
CA VAL D 97 -41.62 21.68 35.59
C VAL D 97 -42.09 21.06 34.28
N MET E 1 -10.88 63.60 13.17
CA MET E 1 -9.89 63.86 12.13
C MET E 1 -10.06 65.26 11.53
N MET E 2 -8.94 65.99 11.49
CA MET E 2 -8.89 67.37 11.02
C MET E 2 -8.89 67.48 9.50
N GLU E 3 -8.22 66.54 8.83
CA GLU E 3 -8.04 66.57 7.36
C GLU E 3 -7.36 67.86 6.92
N THR E 4 -6.39 68.32 7.70
CA THR E 4 -5.43 69.30 7.23
C THR E 4 -4.22 68.57 6.65
N GLU E 5 -3.99 68.75 5.35
CA GLU E 5 -2.77 68.26 4.73
C GLU E 5 -1.54 68.89 5.40
N ARG E 6 -0.47 68.09 5.49
CA ARG E 6 0.78 68.52 6.13
C ARG E 6 1.89 68.11 5.18
N LEU E 7 2.38 69.07 4.40
CA LEU E 7 3.38 68.79 3.38
C LEU E 7 4.72 68.49 4.03
N VAL E 8 5.32 67.37 3.63
CA VAL E 8 6.62 66.95 4.16
C VAL E 8 7.65 67.21 3.06
N LEU E 9 8.86 67.57 3.47
CA LEU E 9 9.89 67.90 2.49
C LEU E 9 10.06 66.74 1.51
N PRO E 10 10.18 67.01 0.21
CA PRO E 10 10.30 65.92 -0.76
C PRO E 10 11.60 65.13 -0.64
N PRO E 11 12.77 65.74 -0.38
CA PRO E 11 13.96 64.90 -0.25
C PRO E 11 14.13 64.50 1.21
N PRO E 12 14.35 63.21 1.48
CA PRO E 12 14.55 62.83 2.89
C PRO E 12 15.79 63.49 3.46
N ASP E 13 16.90 63.42 2.72
CA ASP E 13 18.28 63.86 2.91
C ASP E 13 19.12 62.62 2.63
N PRO E 14 20.16 62.71 1.79
CA PRO E 14 20.99 61.53 1.54
C PRO E 14 21.66 61.02 2.81
N LEU E 15 22.06 61.95 3.66
CA LEU E 15 22.77 61.66 4.90
C LEU E 15 21.97 60.81 5.89
N ASP E 16 20.68 60.54 5.65
CA ASP E 16 19.92 59.72 6.58
C ASP E 16 18.90 58.91 5.81
N LEU E 17 18.67 57.68 6.25
CA LEU E 17 18.05 56.68 5.39
C LEU E 17 16.69 56.29 5.94
N PRO E 18 15.77 55.81 5.10
CA PRO E 18 14.38 55.68 5.51
C PRO E 18 14.13 54.44 6.36
N LEU E 19 12.94 54.40 6.94
CA LEU E 19 12.52 53.45 7.97
C LEU E 19 11.36 52.65 7.42
N ARG E 20 11.63 51.44 6.91
CA ARG E 20 10.63 50.62 6.27
C ARG E 20 10.49 49.34 7.08
N ALA E 21 9.32 49.11 7.67
CA ALA E 21 9.18 48.01 8.62
C ALA E 21 8.38 46.87 8.00
N VAL E 22 8.68 45.65 8.46
CA VAL E 22 8.05 44.43 7.98
C VAL E 22 7.72 43.54 9.18
N GLU E 23 6.54 42.93 9.13
CA GLU E 23 6.05 42.06 10.19
C GLU E 23 6.06 40.60 9.74
N LEU E 24 6.58 39.72 10.59
CA LEU E 24 6.80 38.31 10.26
C LEU E 24 6.09 37.45 11.30
N GLY E 25 5.01 36.79 10.90
CA GLY E 25 4.29 35.89 11.78
C GLY E 25 3.34 36.59 12.72
N CYS E 26 2.51 35.77 13.39
CA CYS E 26 1.60 36.29 14.41
C CYS E 26 2.35 36.63 15.69
N THR E 27 3.24 35.76 16.15
CA THR E 27 3.91 35.97 17.43
C THR E 27 5.05 36.95 17.20
N GLY E 28 4.94 38.13 17.80
CA GLY E 28 5.62 39.32 17.34
C GLY E 28 7.06 39.18 16.92
N HIS E 29 7.32 39.46 15.64
CA HIS E 29 8.68 39.41 15.09
C HIS E 29 8.70 40.40 13.93
N TRP E 30 9.23 41.58 14.18
CA TRP E 30 9.37 42.61 13.15
C TRP E 30 10.81 42.71 12.68
N GLU E 31 11.01 43.52 11.64
CA GLU E 31 12.34 43.77 11.09
C GLU E 31 12.23 45.00 10.19
N LEU E 32 13.33 45.34 9.52
CA LEU E 32 13.45 46.67 8.93
C LEU E 32 14.18 46.62 7.59
N LEU E 33 13.47 46.95 6.51
CA LEU E 33 14.07 47.17 5.21
C LEU E 33 14.38 48.65 5.03
N ASN E 34 15.33 48.90 4.12
CA ASN E 34 15.92 50.20 3.85
C ASN E 34 15.12 51.04 2.85
N LEU E 35 14.12 50.46 2.19
CA LEU E 35 13.70 50.93 0.87
C LEU E 35 12.24 51.34 0.92
N PRO E 36 11.93 52.63 0.71
CA PRO E 36 10.66 53.18 1.20
C PRO E 36 9.48 52.82 0.27
N GLY E 37 8.43 52.26 0.87
CA GLY E 37 7.35 51.68 0.10
C GLY E 37 6.21 51.11 0.92
N ALA E 38 5.73 49.94 0.54
CA ALA E 38 4.59 49.33 1.23
C ALA E 38 4.99 48.84 2.62
N PRO E 39 4.04 48.81 3.56
CA PRO E 39 4.30 48.14 4.84
C PRO E 39 4.65 46.67 4.73
N GLU E 40 4.19 45.97 3.68
CA GLU E 40 4.71 44.64 3.33
C GLU E 40 4.66 43.67 4.51
N SER E 41 3.45 43.40 4.98
CA SER E 41 3.25 42.50 6.11
C SER E 41 2.93 41.10 5.58
N SER E 42 3.54 40.09 6.20
CA SER E 42 3.38 38.71 5.78
C SER E 42 2.14 38.11 6.42
N LEU E 43 1.44 37.26 5.66
CA LEU E 43 0.09 36.81 5.95
C LEU E 43 -0.79 37.98 6.39
N PRO E 44 -1.13 38.88 5.48
CA PRO E 44 -1.93 40.06 5.86
C PRO E 44 -3.27 39.69 6.47
N HIS E 45 -3.88 38.60 6.04
CA HIS E 45 -5.28 38.30 6.33
C HIS E 45 -5.44 37.37 7.51
N GLY E 46 -4.34 36.97 8.14
CA GLY E 46 -4.35 36.05 9.26
C GLY E 46 -3.88 34.66 8.84
N LEU E 47 -3.80 33.78 9.84
CA LEU E 47 -3.59 32.38 9.55
C LEU E 47 -4.80 31.82 8.80
N PRO E 48 -4.63 30.74 8.05
CA PRO E 48 -5.77 30.18 7.33
C PRO E 48 -6.70 29.44 8.27
N PRO E 49 -7.79 28.85 7.76
CA PRO E 49 -8.85 28.38 8.68
C PRO E 49 -8.49 27.14 9.47
N CYS E 50 -7.69 26.22 8.90
CA CYS E 50 -7.27 25.01 9.59
C CYS E 50 -8.47 24.12 9.87
N ALA E 51 -8.62 23.64 11.09
CA ALA E 51 -9.70 22.72 11.41
C ALA E 51 -10.86 23.45 12.07
N PRO E 52 -12.08 22.90 11.97
CA PRO E 52 -13.23 23.53 12.62
C PRO E 52 -13.13 23.47 14.15
N ASP E 53 -14.05 24.18 14.80
CA ASP E 53 -14.02 24.27 16.25
C ASP E 53 -14.64 23.03 16.89
N LEU E 54 -14.29 22.83 18.18
CA LEU E 54 -14.58 21.58 18.84
C LEU E 54 -16.08 21.34 19.04
N GLN E 55 -16.87 22.42 19.14
CA GLN E 55 -18.31 22.29 19.32
C GLN E 55 -18.96 21.67 18.09
N GLN E 56 -18.68 22.21 16.90
CA GLN E 56 -19.12 21.59 15.67
C GLN E 56 -18.62 20.16 15.57
N GLU E 57 -17.38 19.91 16.01
CA GLU E 57 -16.82 18.58 15.87
C GLU E 57 -17.59 17.56 16.69
N ALA E 58 -17.96 17.90 17.92
CA ALA E 58 -18.72 16.95 18.74
C ALA E 58 -20.16 16.84 18.26
N GLU E 59 -20.78 17.96 17.87
CA GLU E 59 -22.09 17.92 17.22
C GLU E 59 -22.09 16.94 16.05
N GLN E 60 -21.00 16.90 15.29
CA GLN E 60 -20.97 16.03 14.13
C GLN E 60 -20.65 14.60 14.52
N LEU E 61 -19.82 14.43 15.55
CA LEU E 61 -19.47 13.08 15.99
C LEU E 61 -20.69 12.34 16.50
N PHE E 62 -21.60 13.01 17.22
CA PHE E 62 -22.77 12.30 17.72
C PHE E 62 -24.06 12.73 17.03
N LEU E 63 -24.40 14.01 17.03
CA LEU E 63 -25.76 14.40 16.66
C LEU E 63 -25.97 14.46 15.15
N SER E 64 -25.05 13.91 14.35
CA SER E 64 -25.32 13.70 12.93
C SER E 64 -26.49 12.74 12.72
N SER E 65 -26.43 11.57 13.33
CA SER E 65 -27.34 10.48 13.01
C SER E 65 -27.20 9.35 14.02
N PRO E 66 -28.11 8.39 14.04
CA PRO E 66 -27.95 7.21 14.91
C PRO E 66 -27.16 6.07 14.30
N ALA E 67 -26.46 6.30 13.18
CA ALA E 67 -25.73 5.22 12.52
C ALA E 67 -24.47 4.80 13.28
N TRP E 68 -23.96 5.63 14.18
CA TRP E 68 -22.77 5.26 14.94
C TRP E 68 -23.10 4.45 16.18
N LEU E 69 -24.39 4.27 16.47
CA LEU E 69 -24.81 3.43 17.58
C LEU E 69 -24.48 1.96 17.29
N PRO E 70 -24.28 1.16 18.33
CA PRO E 70 -23.89 -0.25 18.12
C PRO E 70 -25.08 -1.15 17.82
N LEU E 71 -26.29 -0.58 17.82
CA LEU E 71 -27.52 -1.25 17.40
C LEU E 71 -27.67 -1.31 15.89
N HIS E 72 -26.89 -0.54 15.14
CA HIS E 72 -26.81 -0.64 13.70
C HIS E 72 -25.42 -1.07 13.21
N GLY E 73 -24.83 -2.06 13.90
CA GLY E 73 -23.50 -2.53 13.57
C GLY E 73 -23.51 -3.80 12.73
N VAL E 74 -22.30 -4.22 12.36
CA VAL E 74 -22.14 -5.48 11.63
C VAL E 74 -22.49 -6.67 12.51
N GLU E 75 -22.13 -6.60 13.79
CA GLU E 75 -22.66 -7.51 14.79
C GLU E 75 -24.11 -7.14 15.11
N HIS E 76 -24.70 -7.85 16.07
CA HIS E 76 -26.09 -7.61 16.48
C HIS E 76 -27.07 -8.07 15.40
N SER E 77 -26.75 -9.18 14.73
CA SER E 77 -27.68 -9.79 13.79
C SER E 77 -27.85 -11.28 14.07
N ALA E 78 -26.86 -11.91 14.68
CA ALA E 78 -26.92 -13.33 15.06
C ALA E 78 -27.24 -14.24 13.86
N ARG E 79 -26.36 -14.22 12.88
CA ARG E 79 -26.53 -15.08 11.72
C ARG E 79 -26.10 -16.51 12.04
N LYS E 80 -26.40 -17.43 11.11
CA LYS E 80 -26.11 -18.84 11.28
C LYS E 80 -26.34 -19.55 9.95
N TRP E 81 -25.49 -20.53 9.63
CA TRP E 81 -25.61 -21.29 8.40
C TRP E 81 -25.63 -22.78 8.71
N GLN E 82 -25.92 -23.56 7.66
CA GLN E 82 -26.24 -24.98 7.79
C GLN E 82 -25.34 -25.78 6.86
N ARG E 83 -24.62 -26.75 7.41
CA ARG E 83 -23.49 -27.35 6.72
C ARG E 83 -23.94 -28.53 5.87
N LYS E 84 -23.54 -28.53 4.61
CA LYS E 84 -23.76 -29.63 3.68
C LYS E 84 -22.42 -30.11 3.18
N THR E 85 -22.16 -31.41 3.26
CA THR E 85 -20.96 -32.01 2.68
C THR E 85 -21.34 -32.92 1.52
N ASP E 86 -20.34 -33.26 0.70
CA ASP E 86 -20.55 -33.97 -0.56
C ASP E 86 -19.30 -34.79 -0.85
N PRO E 87 -19.19 -35.99 -0.28
CA PRO E 87 -18.03 -36.85 -0.61
C PRO E 87 -17.91 -37.18 -2.09
N TRP E 88 -19.01 -37.26 -2.83
CA TRP E 88 -18.96 -37.90 -4.14
C TRP E 88 -18.15 -37.09 -5.13
N SER E 89 -17.91 -35.81 -4.84
CA SER E 89 -17.12 -34.95 -5.71
C SER E 89 -15.63 -35.25 -5.61
N LEU E 90 -15.24 -36.27 -4.85
CA LEU E 90 -13.83 -36.62 -4.69
C LEU E 90 -13.40 -37.80 -5.56
N LEU E 91 -14.20 -38.15 -6.57
CA LEU E 91 -13.82 -39.17 -7.54
C LEU E 91 -13.04 -38.55 -8.69
N ALA E 92 -12.01 -39.25 -9.16
CA ALA E 92 -11.16 -38.76 -10.24
C ALA E 92 -11.04 -39.84 -11.32
N VAL E 93 -11.07 -39.40 -12.57
CA VAL E 93 -10.92 -40.27 -13.73
C VAL E 93 -9.91 -39.65 -14.68
N LEU E 94 -9.06 -40.50 -15.29
CA LEU E 94 -8.05 -40.05 -16.24
C LEU E 94 -8.40 -40.53 -17.64
N GLY E 95 -7.80 -39.88 -18.63
CA GLY E 95 -8.01 -40.20 -20.04
C GLY E 95 -6.81 -40.90 -20.64
N ALA E 96 -7.08 -41.92 -21.45
CA ALA E 96 -6.02 -42.69 -22.09
C ALA E 96 -5.27 -41.84 -23.12
N PRO E 97 -3.95 -42.02 -23.23
CA PRO E 97 -3.17 -41.25 -24.21
C PRO E 97 -3.49 -41.67 -25.63
N VAL E 98 -3.22 -40.75 -26.56
CA VAL E 98 -3.50 -41.01 -27.98
C VAL E 98 -2.69 -42.22 -28.44
N PRO E 99 -3.24 -43.11 -29.26
CA PRO E 99 -2.51 -44.29 -29.72
C PRO E 99 -1.72 -44.15 -31.02
N SER E 100 -1.56 -42.96 -31.60
CA SER E 100 -0.76 -42.86 -32.82
C SER E 100 -0.11 -41.49 -32.92
N ASP E 101 1.06 -41.46 -33.57
CA ASP E 101 1.85 -40.23 -33.70
C ASP E 101 1.85 -39.62 -35.09
N LEU E 102 1.35 -40.31 -36.12
CA LEU E 102 1.35 -39.80 -37.49
C LEU E 102 2.78 -39.46 -37.93
N GLN E 103 3.62 -40.49 -37.99
CA GLN E 103 5.04 -40.32 -38.26
C GLN E 103 5.33 -40.27 -39.75
N ALA E 104 6.25 -39.39 -40.13
CA ALA E 104 6.62 -39.15 -41.51
C ALA E 104 7.21 -40.40 -42.17
N GLN E 105 7.31 -40.32 -43.50
CA GLN E 105 7.87 -41.37 -44.36
C GLN E 105 9.17 -40.87 -44.98
N ARG E 106 9.90 -41.79 -45.61
CA ARG E 106 11.14 -41.43 -46.28
C ARG E 106 11.36 -42.30 -47.51
N HIS E 107 11.78 -41.66 -48.59
CA HIS E 107 12.24 -42.37 -49.77
C HIS E 107 13.46 -43.24 -49.45
N PRO E 108 13.45 -44.52 -49.83
CA PRO E 108 14.64 -45.37 -49.61
C PRO E 108 15.71 -45.06 -50.65
N THR E 109 16.92 -44.73 -50.17
CA THR E 109 18.04 -44.15 -50.91
C THR E 109 17.79 -42.66 -51.16
N THR E 110 18.79 -41.82 -50.86
CA THR E 110 18.65 -40.36 -50.97
C THR E 110 17.42 -39.88 -50.19
N GLY E 111 17.46 -40.11 -48.89
CA GLY E 111 16.34 -39.85 -48.00
C GLY E 111 15.61 -38.55 -48.24
N GLN E 112 14.33 -38.67 -48.59
CA GLN E 112 13.45 -37.53 -48.86
C GLN E 112 12.07 -37.87 -48.33
N ILE E 113 11.28 -36.84 -48.06
CA ILE E 113 9.96 -37.01 -47.46
C ILE E 113 8.93 -37.01 -48.57
N LEU E 114 8.31 -38.17 -48.79
CA LEU E 114 7.22 -38.30 -49.75
C LEU E 114 5.90 -37.81 -49.16
N GLY E 115 5.60 -38.20 -47.93
CA GLY E 115 4.35 -37.83 -47.32
C GLY E 115 4.29 -38.28 -45.88
N TYR E 116 3.10 -38.16 -45.30
CA TYR E 116 2.87 -38.46 -43.89
C TYR E 116 1.78 -39.52 -43.77
N LYS E 117 2.08 -40.59 -43.05
CA LYS E 117 1.13 -41.67 -42.79
C LYS E 117 1.13 -41.99 -41.31
N GLU E 118 -0.04 -42.36 -40.80
CA GLU E 118 -0.23 -42.57 -39.37
C GLU E 118 0.18 -43.99 -38.99
N VAL E 119 1.09 -44.09 -38.02
CA VAL E 119 1.61 -45.36 -37.56
C VAL E 119 1.19 -45.55 -36.10
N LEU E 120 1.10 -46.81 -35.68
CA LEU E 120 0.67 -47.11 -34.32
C LEU E 120 1.84 -46.94 -33.35
N LEU E 121 1.50 -46.61 -32.11
CA LEU E 121 2.47 -46.50 -31.03
C LEU E 121 2.37 -47.70 -30.09
N GLU E 122 3.34 -47.79 -29.18
CA GLU E 122 3.42 -48.93 -28.27
C GLU E 122 3.66 -48.47 -26.84
N GLY E 157 -17.29 -41.20 -46.18
CA GLY E 157 -18.16 -40.49 -47.09
C GLY E 157 -19.15 -39.57 -46.39
N GLY E 158 -19.27 -38.35 -46.89
CA GLY E 158 -20.15 -37.38 -46.27
C GLY E 158 -19.65 -36.91 -44.93
N MET E 159 -18.52 -36.21 -44.92
CA MET E 159 -17.86 -35.87 -43.66
C MET E 159 -18.65 -34.75 -42.98
N ASP E 160 -19.65 -35.16 -42.19
CA ASP E 160 -20.34 -34.29 -41.24
C ASP E 160 -20.60 -34.99 -39.91
N GLU E 161 -20.08 -36.22 -39.72
CA GLU E 161 -20.36 -37.25 -38.72
C GLU E 161 -21.85 -37.53 -38.45
N PRO E 162 -22.54 -38.15 -39.42
CA PRO E 162 -23.95 -38.51 -39.23
C PRO E 162 -24.18 -39.84 -38.52
N THR E 163 -24.83 -39.83 -37.36
CA THR E 163 -25.42 -41.02 -36.74
C THR E 163 -24.41 -42.16 -36.50
N ILE E 164 -23.19 -41.80 -36.08
CA ILE E 164 -22.07 -42.73 -36.10
C ILE E 164 -22.10 -43.68 -34.90
N THR E 165 -23.12 -43.58 -34.04
CA THR E 165 -23.19 -44.31 -32.79
C THR E 165 -22.99 -45.80 -33.03
N ASP E 166 -22.53 -46.52 -32.01
CA ASP E 166 -22.24 -47.94 -32.11
C ASP E 166 -23.29 -48.82 -31.42
N LEU E 167 -23.82 -49.75 -32.22
CA LEU E 167 -24.84 -50.73 -31.86
C LEU E 167 -24.35 -52.10 -32.30
N ASN E 168 -24.94 -53.14 -31.73
CA ASN E 168 -24.55 -54.52 -31.99
C ASN E 168 -23.13 -54.86 -31.51
N THR E 169 -22.92 -54.67 -30.21
CA THR E 169 -21.69 -54.87 -29.47
C THR E 169 -21.45 -56.36 -29.30
N ARG E 170 -20.29 -56.74 -28.77
CA ARG E 170 -19.96 -58.15 -28.60
C ARG E 170 -19.91 -58.84 -29.97
N GLU E 171 -18.91 -58.37 -30.73
CA GLU E 171 -18.57 -58.83 -32.06
C GLU E 171 -17.23 -59.55 -32.13
N GLU E 172 -16.26 -59.17 -31.31
CA GLU E 172 -14.97 -59.86 -31.33
C GLU E 172 -14.78 -60.56 -29.97
N ALA E 173 -13.68 -61.30 -29.85
CA ALA E 173 -13.31 -62.00 -28.62
C ALA E 173 -12.01 -61.43 -28.06
N GLU E 174 -12.06 -60.86 -26.86
CA GLU E 174 -10.94 -60.06 -26.36
C GLU E 174 -10.25 -60.73 -25.18
N GLU E 175 -10.97 -61.05 -24.09
CA GLU E 175 -10.49 -62.11 -23.22
C GLU E 175 -11.59 -63.00 -22.66
N GLU E 176 -12.85 -62.79 -23.04
CA GLU E 176 -14.01 -63.41 -22.37
C GLU E 176 -13.91 -63.31 -20.85
N ILE E 177 -13.90 -62.08 -20.35
CA ILE E 177 -13.85 -61.87 -18.90
C ILE E 177 -15.27 -61.85 -18.34
N ASP E 178 -15.42 -62.37 -17.11
CA ASP E 178 -16.70 -62.42 -16.42
C ASP E 178 -16.69 -61.46 -15.23
N PHE E 179 -17.60 -60.49 -15.24
CA PHE E 179 -17.73 -59.49 -14.18
C PHE E 179 -18.94 -59.71 -13.28
N GLU E 180 -19.71 -60.77 -13.48
CA GLU E 180 -20.98 -60.91 -12.77
C GLU E 180 -21.02 -62.00 -11.70
N LYS E 181 -20.06 -62.93 -11.66
CA LYS E 181 -20.19 -64.07 -10.75
C LYS E 181 -19.21 -64.05 -9.59
N ASP E 182 -17.90 -63.96 -9.86
CA ASP E 182 -16.90 -64.01 -8.80
C ASP E 182 -16.21 -62.65 -8.68
N LEU E 183 -16.49 -61.94 -7.60
CA LEU E 183 -15.99 -60.58 -7.42
C LEU E 183 -15.04 -60.57 -6.24
N LEU E 184 -14.00 -59.75 -6.32
CA LEU E 184 -13.06 -59.64 -5.20
C LEU E 184 -13.70 -58.96 -4.01
N THR E 185 -13.25 -59.32 -2.81
CA THR E 185 -13.72 -58.65 -1.60
C THR E 185 -12.58 -58.10 -0.75
N ILE E 186 -11.45 -58.80 -0.74
CA ILE E 186 -10.35 -58.51 0.18
C ILE E 186 -9.45 -57.46 -0.46
N PRO E 187 -9.34 -56.24 0.08
CA PRO E 187 -8.36 -55.30 -0.43
C PRO E 187 -6.96 -55.77 -0.08
N PRO E 188 -5.96 -55.43 -0.91
CA PRO E 188 -4.58 -55.77 -0.54
C PRO E 188 -4.15 -55.05 0.74
N GLY E 189 -3.43 -55.78 1.60
CA GLY E 189 -2.95 -55.21 2.84
C GLY E 189 -3.93 -55.23 4.00
N PHE E 190 -5.12 -55.80 3.81
CA PHE E 190 -6.27 -55.54 4.67
C PHE E 190 -6.93 -56.86 5.07
N LYS E 191 -7.34 -56.94 6.33
CA LYS E 191 -7.71 -58.23 6.91
C LYS E 191 -9.06 -58.70 6.37
N LYS E 192 -10.04 -57.80 6.32
CA LYS E 192 -11.36 -58.15 5.80
C LYS E 192 -11.93 -56.99 5.01
N GLY E 193 -13.01 -57.27 4.30
CA GLY E 193 -13.51 -56.35 3.30
C GLY E 193 -14.97 -56.05 3.56
N MET E 194 -15.36 -54.82 3.22
CA MET E 194 -16.75 -54.43 3.38
C MET E 194 -17.60 -55.20 2.36
N ASP E 195 -18.71 -55.75 2.82
CA ASP E 195 -19.56 -56.64 2.03
C ASP E 195 -20.89 -55.99 1.73
N PHE E 196 -21.30 -56.04 0.46
CA PHE E 196 -22.54 -55.44 -0.01
C PHE E 196 -23.41 -56.54 -0.61
N ALA E 197 -24.68 -56.53 -0.26
CA ALA E 197 -25.64 -57.49 -0.81
C ALA E 197 -25.85 -57.26 -2.31
#